data_1TC8
# 
_entry.id   1TC8 
# 
_audit_conform.dict_name       mmcif_pdbx.dic 
_audit_conform.dict_version    5.397 
_audit_conform.dict_location   http://mmcif.pdb.org/dictionaries/ascii/mmcif_pdbx.dic 
# 
loop_
_database_2.database_id 
_database_2.database_code 
_database_2.pdbx_database_accession 
_database_2.pdbx_DOI 
PDB   1TC8         pdb_00001tc8 10.2210/pdb1tc8/pdb 
RCSB  RCSB022541   ?            ?                   
WWPDB D_1000022541 ?            ?                   
# 
loop_
_pdbx_audit_revision_history.ordinal 
_pdbx_audit_revision_history.data_content_type 
_pdbx_audit_revision_history.major_revision 
_pdbx_audit_revision_history.minor_revision 
_pdbx_audit_revision_history.revision_date 
1 'Structure model' 1 0 2004-06-08 
2 'Structure model' 1 1 2008-04-30 
3 'Structure model' 1 2 2011-07-13 
4 'Structure model' 1 3 2023-10-25 
5 'Structure model' 1 4 2024-10-30 
# 
_pdbx_audit_revision_details.ordinal             1 
_pdbx_audit_revision_details.revision_ordinal    1 
_pdbx_audit_revision_details.data_content_type   'Structure model' 
_pdbx_audit_revision_details.provider            repository 
_pdbx_audit_revision_details.type                'Initial release' 
_pdbx_audit_revision_details.description         ? 
_pdbx_audit_revision_details.details             ? 
# 
loop_
_pdbx_audit_revision_group.ordinal 
_pdbx_audit_revision_group.revision_ordinal 
_pdbx_audit_revision_group.data_content_type 
_pdbx_audit_revision_group.group 
1 2 'Structure model' 'Version format compliance' 
2 3 'Structure model' 'Version format compliance' 
3 4 'Structure model' 'Data collection'           
4 4 'Structure model' 'Database references'       
5 4 'Structure model' 'Derived calculations'      
6 4 'Structure model' 'Refinement description'    
7 5 'Structure model' 'Structure summary'         
# 
loop_
_pdbx_audit_revision_category.ordinal 
_pdbx_audit_revision_category.revision_ordinal 
_pdbx_audit_revision_category.data_content_type 
_pdbx_audit_revision_category.category 
1 4 'Structure model' chem_comp_atom                
2 4 'Structure model' chem_comp_bond                
3 4 'Structure model' database_2                    
4 4 'Structure model' pdbx_initial_refinement_model 
5 4 'Structure model' pdbx_struct_conn_angle        
6 4 'Structure model' struct_conn                   
7 4 'Structure model' struct_site                   
8 5 'Structure model' pdbx_entry_details            
9 5 'Structure model' pdbx_modification_feature     
# 
loop_
_pdbx_audit_revision_item.ordinal 
_pdbx_audit_revision_item.revision_ordinal 
_pdbx_audit_revision_item.data_content_type 
_pdbx_audit_revision_item.item 
1  4 'Structure model' '_database_2.pdbx_DOI'                        
2  4 'Structure model' '_database_2.pdbx_database_accession'         
3  4 'Structure model' '_pdbx_struct_conn_angle.ptnr1_auth_comp_id'  
4  4 'Structure model' '_pdbx_struct_conn_angle.ptnr1_auth_seq_id'   
5  4 'Structure model' '_pdbx_struct_conn_angle.ptnr1_label_atom_id' 
6  4 'Structure model' '_pdbx_struct_conn_angle.ptnr1_label_comp_id' 
7  4 'Structure model' '_pdbx_struct_conn_angle.ptnr1_label_seq_id'  
8  4 'Structure model' '_pdbx_struct_conn_angle.ptnr3_auth_comp_id'  
9  4 'Structure model' '_pdbx_struct_conn_angle.ptnr3_auth_seq_id'   
10 4 'Structure model' '_pdbx_struct_conn_angle.ptnr3_label_atom_id' 
11 4 'Structure model' '_pdbx_struct_conn_angle.ptnr3_label_comp_id' 
12 4 'Structure model' '_pdbx_struct_conn_angle.ptnr3_label_seq_id'  
13 4 'Structure model' '_pdbx_struct_conn_angle.value'               
14 4 'Structure model' '_struct_conn.pdbx_dist_value'                
15 4 'Structure model' '_struct_conn.ptnr1_auth_comp_id'             
16 4 'Structure model' '_struct_conn.ptnr1_auth_seq_id'              
17 4 'Structure model' '_struct_conn.ptnr1_label_asym_id'            
18 4 'Structure model' '_struct_conn.ptnr1_label_atom_id'            
19 4 'Structure model' '_struct_conn.ptnr1_label_comp_id'            
20 4 'Structure model' '_struct_conn.ptnr1_label_seq_id'             
21 4 'Structure model' '_struct_conn.ptnr2_auth_comp_id'             
22 4 'Structure model' '_struct_conn.ptnr2_auth_seq_id'              
23 4 'Structure model' '_struct_conn.ptnr2_label_asym_id'            
24 4 'Structure model' '_struct_conn.ptnr2_label_atom_id'            
25 4 'Structure model' '_struct_conn.ptnr2_label_comp_id'            
26 4 'Structure model' '_struct_conn.ptnr2_label_seq_id'             
27 4 'Structure model' '_struct_site.pdbx_auth_asym_id'              
28 4 'Structure model' '_struct_site.pdbx_auth_comp_id'              
29 4 'Structure model' '_struct_site.pdbx_auth_seq_id'               
# 
_pdbx_database_status.status_code                     REL 
_pdbx_database_status.entry_id                        1TC8 
_pdbx_database_status.recvd_initial_deposition_date   2004-05-21 
_pdbx_database_status.deposit_site                    RCSB 
_pdbx_database_status.process_site                    PDBJ 
_pdbx_database_status.status_code_sf                  ? 
_pdbx_database_status.status_code_mr                  ? 
_pdbx_database_status.SG_entry                        ? 
_pdbx_database_status.pdb_format_compatible           Y 
_pdbx_database_status.status_code_cs                  ? 
_pdbx_database_status.status_code_nmr_data            ? 
_pdbx_database_status.methods_development_category    ? 
# 
_pdbx_database_related.db_name        PDB 
_pdbx_database_related.db_id          1FE5 
_pdbx_database_related.details        
;Sequence and Crystal Structure Of A Basic Phospholipase A2 From Common Krait (Bungarus Caeruleus) At 2.4 Resolution: Identification and Characterization Of Its Pharmacological Sites.
;
_pdbx_database_related.content_type   unspecified 
# 
loop_
_audit_author.name 
_audit_author.pdbx_ordinal 
'Singh, G.'      1 
'Jasti, J.'      2 
'Saravanan, K.'  3 
'Sharma, S.'     4 
'Kaur, P.'       5 
'Srinivasan, A.' 6 
'Singh, T.P.'    7 
# 
_citation.id                        primary 
_citation.title                     
'Crystal structure of the complex formed between a group I phospholipase A2 and a naturally occurring fatty acid at 2.7 A resolution' 
_citation.journal_abbrev            'PROTEIN SCI.' 
_citation.journal_volume            14 
_citation.page_first                395 
_citation.page_last                 400 
_citation.year                      2005 
_citation.journal_id_ASTM           PRCIEI 
_citation.country                   US 
_citation.journal_id_ISSN           0961-8368 
_citation.journal_id_CSD            0795 
_citation.book_publisher            ? 
_citation.pdbx_database_id_PubMed   15659372 
_citation.pdbx_database_id_DOI      10.1110/ps.041115505 
# 
loop_
_citation_author.citation_id 
_citation_author.name 
_citation_author.ordinal 
_citation_author.identifier_ORCID 
primary 'Singh, G.'      1 ? 
primary 'Jasti, J.'      2 ? 
primary 'Saravanan, K.'  3 ? 
primary 'Sharma, S.'     4 ? 
primary 'Kaur, P.'       5 ? 
primary 'Srinivasan, A.' 6 ? 
primary 'Singh, T.P.'    7 ? 
# 
loop_
_entity.id 
_entity.type 
_entity.src_method 
_entity.pdbx_description 
_entity.formula_weight 
_entity.pdbx_number_of_molecules 
_entity.pdbx_ec 
_entity.pdbx_mutation 
_entity.pdbx_fragment 
_entity.details 
1 polymer     nat 'phospholipase A2 isoform 1' 13213.789 1  3.1.1.4 ? ? ? 
2 non-polymer syn 'SODIUM ION'                 22.990    1  ?       ? ? ? 
3 non-polymer syn 'N-TRIDECANOIC ACID'         214.344   1  ?       ? ? ? 
4 water       nat water                        18.015    60 ?       ? ? ? 
# 
_entity_poly.entity_id                      1 
_entity_poly.type                           'polypeptide(L)' 
_entity_poly.nstd_linkage                   no 
_entity_poly.nstd_monomer                   no 
_entity_poly.pdbx_seq_one_letter_code       
;NLYQLMNMIQCANTRTWPSYTNYGCYCGKGGSGTPVDDLDRCCYTHDHCYNDAKNIDGCNPVTKTYSYTCTEPTITCNDS
KDKCARFVCDCDRTAAICFAKAPYNTSNVMIRSTNSCQ
;
_entity_poly.pdbx_seq_one_letter_code_can   
;NLYQLMNMIQCANTRTWPSYTNYGCYCGKGGSGTPVDDLDRCCYTHDHCYNDAKNIDGCNPVTKTYSYTCTEPTITCNDS
KDKCARFVCDCDRTAAICFAKAPYNTSNVMIRSTNSCQ
;
_entity_poly.pdbx_strand_id                 A 
_entity_poly.pdbx_target_identifier         ? 
# 
loop_
_pdbx_entity_nonpoly.entity_id 
_pdbx_entity_nonpoly.name 
_pdbx_entity_nonpoly.comp_id 
2 'SODIUM ION'         NA  
3 'N-TRIDECANOIC ACID' TDA 
4 water                HOH 
# 
loop_
_entity_poly_seq.entity_id 
_entity_poly_seq.num 
_entity_poly_seq.mon_id 
_entity_poly_seq.hetero 
1 1   ASN n 
1 2   LEU n 
1 3   TYR n 
1 4   GLN n 
1 5   LEU n 
1 6   MET n 
1 7   ASN n 
1 8   MET n 
1 9   ILE n 
1 10  GLN n 
1 11  CYS n 
1 12  ALA n 
1 13  ASN n 
1 14  THR n 
1 15  ARG n 
1 16  THR n 
1 17  TRP n 
1 18  PRO n 
1 19  SER n 
1 20  TYR n 
1 21  THR n 
1 22  ASN n 
1 23  TYR n 
1 24  GLY n 
1 25  CYS n 
1 26  TYR n 
1 27  CYS n 
1 28  GLY n 
1 29  LYS n 
1 30  GLY n 
1 31  GLY n 
1 32  SER n 
1 33  GLY n 
1 34  THR n 
1 35  PRO n 
1 36  VAL n 
1 37  ASP n 
1 38  ASP n 
1 39  LEU n 
1 40  ASP n 
1 41  ARG n 
1 42  CYS n 
1 43  CYS n 
1 44  TYR n 
1 45  THR n 
1 46  HIS n 
1 47  ASP n 
1 48  HIS n 
1 49  CYS n 
1 50  TYR n 
1 51  ASN n 
1 52  ASP n 
1 53  ALA n 
1 54  LYS n 
1 55  ASN n 
1 56  ILE n 
1 57  ASP n 
1 58  GLY n 
1 59  CYS n 
1 60  ASN n 
1 61  PRO n 
1 62  VAL n 
1 63  THR n 
1 64  LYS n 
1 65  THR n 
1 66  TYR n 
1 67  SER n 
1 68  TYR n 
1 69  THR n 
1 70  CYS n 
1 71  THR n 
1 72  GLU n 
1 73  PRO n 
1 74  THR n 
1 75  ILE n 
1 76  THR n 
1 77  CYS n 
1 78  ASN n 
1 79  ASP n 
1 80  SER n 
1 81  LYS n 
1 82  ASP n 
1 83  LYS n 
1 84  CYS n 
1 85  ALA n 
1 86  ARG n 
1 87  PHE n 
1 88  VAL n 
1 89  CYS n 
1 90  ASP n 
1 91  CYS n 
1 92  ASP n 
1 93  ARG n 
1 94  THR n 
1 95  ALA n 
1 96  ALA n 
1 97  ILE n 
1 98  CYS n 
1 99  PHE n 
1 100 ALA n 
1 101 LYS n 
1 102 ALA n 
1 103 PRO n 
1 104 TYR n 
1 105 ASN n 
1 106 THR n 
1 107 SER n 
1 108 ASN n 
1 109 VAL n 
1 110 MET n 
1 111 ILE n 
1 112 ARG n 
1 113 SER n 
1 114 THR n 
1 115 ASN n 
1 116 SER n 
1 117 CYS n 
1 118 GLN n 
# 
_entity_src_nat.entity_id                  1 
_entity_src_nat.pdbx_src_id                1 
_entity_src_nat.pdbx_alt_source_flag       sample 
_entity_src_nat.pdbx_beg_seq_num           ? 
_entity_src_nat.pdbx_end_seq_num           ? 
_entity_src_nat.common_name                ? 
_entity_src_nat.pdbx_organism_scientific   'Bungarus caeruleus' 
_entity_src_nat.pdbx_ncbi_taxonomy_id      132961 
_entity_src_nat.genus                      Bungarus 
_entity_src_nat.species                    ? 
_entity_src_nat.strain                     ? 
_entity_src_nat.tissue                     ? 
_entity_src_nat.tissue_fraction            ? 
_entity_src_nat.pdbx_secretion             Venom 
_entity_src_nat.pdbx_fragment              ? 
_entity_src_nat.pdbx_variant               ? 
_entity_src_nat.pdbx_cell_line             ? 
_entity_src_nat.pdbx_atcc                  ? 
_entity_src_nat.pdbx_cellular_location     ? 
_entity_src_nat.pdbx_organ                 ? 
_entity_src_nat.pdbx_organelle             ? 
_entity_src_nat.pdbx_cell                  ? 
_entity_src_nat.pdbx_plasmid_name          ? 
_entity_src_nat.pdbx_plasmid_details       ? 
_entity_src_nat.details                    ? 
# 
loop_
_chem_comp.id 
_chem_comp.type 
_chem_comp.mon_nstd_flag 
_chem_comp.name 
_chem_comp.pdbx_synonyms 
_chem_comp.formula 
_chem_comp.formula_weight 
ALA 'L-peptide linking' y ALANINE              ? 'C3 H7 N O2'     89.093  
ARG 'L-peptide linking' y ARGININE             ? 'C6 H15 N4 O2 1' 175.209 
ASN 'L-peptide linking' y ASPARAGINE           ? 'C4 H8 N2 O3'    132.118 
ASP 'L-peptide linking' y 'ASPARTIC ACID'      ? 'C4 H7 N O4'     133.103 
CYS 'L-peptide linking' y CYSTEINE             ? 'C3 H7 N O2 S'   121.158 
GLN 'L-peptide linking' y GLUTAMINE            ? 'C5 H10 N2 O3'   146.144 
GLU 'L-peptide linking' y 'GLUTAMIC ACID'      ? 'C5 H9 N O4'     147.129 
GLY 'peptide linking'   y GLYCINE              ? 'C2 H5 N O2'     75.067  
HIS 'L-peptide linking' y HISTIDINE            ? 'C6 H10 N3 O2 1' 156.162 
HOH non-polymer         . WATER                ? 'H2 O'           18.015  
ILE 'L-peptide linking' y ISOLEUCINE           ? 'C6 H13 N O2'    131.173 
LEU 'L-peptide linking' y LEUCINE              ? 'C6 H13 N O2'    131.173 
LYS 'L-peptide linking' y LYSINE               ? 'C6 H15 N2 O2 1' 147.195 
MET 'L-peptide linking' y METHIONINE           ? 'C5 H11 N O2 S'  149.211 
NA  non-polymer         . 'SODIUM ION'         ? 'Na 1'           22.990  
PHE 'L-peptide linking' y PHENYLALANINE        ? 'C9 H11 N O2'    165.189 
PRO 'L-peptide linking' y PROLINE              ? 'C5 H9 N O2'     115.130 
SER 'L-peptide linking' y SERINE               ? 'C3 H7 N O3'     105.093 
TDA non-polymer         . 'N-TRIDECANOIC ACID' ? 'C13 H26 O2'     214.344 
THR 'L-peptide linking' y THREONINE            ? 'C4 H9 N O3'     119.119 
TRP 'L-peptide linking' y TRYPTOPHAN           ? 'C11 H12 N2 O2'  204.225 
TYR 'L-peptide linking' y TYROSINE             ? 'C9 H11 N O3'    181.189 
VAL 'L-peptide linking' y VALINE               ? 'C5 H11 N O2'    117.146 
# 
loop_
_pdbx_poly_seq_scheme.asym_id 
_pdbx_poly_seq_scheme.entity_id 
_pdbx_poly_seq_scheme.seq_id 
_pdbx_poly_seq_scheme.mon_id 
_pdbx_poly_seq_scheme.ndb_seq_num 
_pdbx_poly_seq_scheme.pdb_seq_num 
_pdbx_poly_seq_scheme.auth_seq_num 
_pdbx_poly_seq_scheme.pdb_mon_id 
_pdbx_poly_seq_scheme.auth_mon_id 
_pdbx_poly_seq_scheme.pdb_strand_id 
_pdbx_poly_seq_scheme.pdb_ins_code 
_pdbx_poly_seq_scheme.hetero 
A 1 1   ASN 1   1   1   ASN ASN A . n 
A 1 2   LEU 2   2   2   LEU LEU A . n 
A 1 3   TYR 3   3   3   TYR TYR A . n 
A 1 4   GLN 4   4   4   GLN GLN A . n 
A 1 5   LEU 5   5   5   LEU LEU A . n 
A 1 6   MET 6   6   6   MET MET A . n 
A 1 7   ASN 7   7   7   ASN ASN A . n 
A 1 8   MET 8   8   8   MET MET A . n 
A 1 9   ILE 9   9   9   ILE ILE A . n 
A 1 10  GLN 10  10  10  GLN GLN A . n 
A 1 11  CYS 11  11  11  CYS CYS A . n 
A 1 12  ALA 12  12  12  ALA ALA A . n 
A 1 13  ASN 13  13  13  ASN ASN A . n 
A 1 14  THR 14  14  14  THR THR A . n 
A 1 15  ARG 15  17  17  ARG ARG A . n 
A 1 16  THR 16  18  18  THR THR A . n 
A 1 17  TRP 17  19  19  TRP TRP A . n 
A 1 18  PRO 18  20  20  PRO PRO A . n 
A 1 19  SER 19  21  21  SER SER A . n 
A 1 20  TYR 20  22  22  TYR TYR A . n 
A 1 21  THR 21  23  23  THR THR A . n 
A 1 22  ASN 22  24  24  ASN ASN A . n 
A 1 23  TYR 23  25  25  TYR TYR A . n 
A 1 24  GLY 24  26  26  GLY GLY A . n 
A 1 25  CYS 25  27  27  CYS CYS A . n 
A 1 26  TYR 26  28  28  TYR TYR A . n 
A 1 27  CYS 27  29  29  CYS CYS A . n 
A 1 28  GLY 28  30  30  GLY GLY A . n 
A 1 29  LYS 29  31  31  LYS LYS A . n 
A 1 30  GLY 30  32  32  GLY GLY A . n 
A 1 31  GLY 31  33  33  GLY GLY A . n 
A 1 32  SER 32  34  34  SER SER A . n 
A 1 33  GLY 33  35  35  GLY GLY A . n 
A 1 34  THR 34  36  36  THR THR A . n 
A 1 35  PRO 35  37  37  PRO PRO A . n 
A 1 36  VAL 36  38  38  VAL VAL A . n 
A 1 37  ASP 37  39  39  ASP ASP A . n 
A 1 38  ASP 38  40  40  ASP ASP A . n 
A 1 39  LEU 39  41  41  LEU LEU A . n 
A 1 40  ASP 40  42  42  ASP ASP A . n 
A 1 41  ARG 41  43  43  ARG ARG A . n 
A 1 42  CYS 42  44  44  CYS CYS A . n 
A 1 43  CYS 43  45  45  CYS CYS A . n 
A 1 44  TYR 44  46  46  TYR TYR A . n 
A 1 45  THR 45  47  47  THR THR A . n 
A 1 46  HIS 46  48  48  HIS HIS A . n 
A 1 47  ASP 47  49  49  ASP ASP A . n 
A 1 48  HIS 48  50  50  HIS HIS A . n 
A 1 49  CYS 49  51  51  CYS CYS A . n 
A 1 50  TYR 50  52  52  TYR TYR A . n 
A 1 51  ASN 51  53  53  ASN ASN A . n 
A 1 52  ASP 52  54  54  ASP ASP A . n 
A 1 53  ALA 53  55  55  ALA ALA A . n 
A 1 54  LYS 54  56  56  LYS LYS A . n 
A 1 55  ASN 55  57  57  ASN ASN A . n 
A 1 56  ILE 56  58  58  ILE ILE A . n 
A 1 57  ASP 57  59  59  ASP ASP A . n 
A 1 58  GLY 58  60  60  GLY GLY A . n 
A 1 59  CYS 59  61  61  CYS CYS A . n 
A 1 60  ASN 60  62  62  ASN ASN A . n 
A 1 61  PRO 61  63  63  PRO PRO A . n 
A 1 62  VAL 62  64  64  VAL VAL A . n 
A 1 63  THR 63  65  65  THR THR A . n 
A 1 64  LYS 64  66  66  LYS LYS A . n 
A 1 65  THR 65  67  67  THR THR A . n 
A 1 66  TYR 66  68  68  TYR TYR A . n 
A 1 67  SER 67  69  69  SER SER A . n 
A 1 68  TYR 68  70  70  TYR TYR A . n 
A 1 69  THR 69  71  71  THR THR A . n 
A 1 70  CYS 70  72  72  CYS CYS A . n 
A 1 71  THR 71  73  73  THR THR A . n 
A 1 72  GLU 72  74  74  GLU GLU A . n 
A 1 73  PRO 73  75  75  PRO PRO A . n 
A 1 74  THR 74  76  76  THR THR A . n 
A 1 75  ILE 75  77  77  ILE ILE A . n 
A 1 76  THR 76  78  78  THR THR A . n 
A 1 77  CYS 77  79  79  CYS CYS A . n 
A 1 78  ASN 78  80  80  ASN ASN A . n 
A 1 79  ASP 79  81  81  ASP ASP A . n 
A 1 80  SER 80  82  82  SER SER A . n 
A 1 81  LYS 81  83  83  LYS LYS A . n 
A 1 82  ASP 82  84  84  ASP ASP A . n 
A 1 83  LYS 83  85  85  LYS LYS A . n 
A 1 84  CYS 84  86  86  CYS CYS A . n 
A 1 85  ALA 85  87  87  ALA ALA A . n 
A 1 86  ARG 86  88  88  ARG ARG A . n 
A 1 87  PHE 87  89  89  PHE PHE A . n 
A 1 88  VAL 88  90  90  VAL VAL A . n 
A 1 89  CYS 89  91  91  CYS CYS A . n 
A 1 90  ASP 90  92  92  ASP ASP A . n 
A 1 91  CYS 91  93  93  CYS CYS A . n 
A 1 92  ASP 92  94  94  ASP ASP A . n 
A 1 93  ARG 93  95  95  ARG ARG A . n 
A 1 94  THR 94  96  96  THR THR A . n 
A 1 95  ALA 95  97  97  ALA ALA A . n 
A 1 96  ALA 96  98  98  ALA ALA A . n 
A 1 97  ILE 97  99  99  ILE ILE A . n 
A 1 98  CYS 98  100 100 CYS CYS A . n 
A 1 99  PHE 99  101 101 PHE PHE A . n 
A 1 100 ALA 100 102 102 ALA ALA A . n 
A 1 101 LYS 101 103 103 LYS LYS A . n 
A 1 102 ALA 102 104 104 ALA ALA A . n 
A 1 103 PRO 103 105 105 PRO PRO A . n 
A 1 104 TYR 104 106 106 TYR TYR A . n 
A 1 105 ASN 105 107 107 ASN ASN A . n 
A 1 106 THR 106 108 108 THR THR A . n 
A 1 107 SER 107 109 109 SER SER A . n 
A 1 108 ASN 108 110 110 ASN ASN A . n 
A 1 109 VAL 109 111 111 VAL VAL A . n 
A 1 110 MET 110 112 112 MET MET A . n 
A 1 111 ILE 111 113 113 ILE ILE A . n 
A 1 112 ARG 112 114 114 ARG ARG A . n 
A 1 113 SER 113 115 115 SER SER A . n 
A 1 114 THR 114 116 116 THR THR A . n 
A 1 115 ASN 115 117 117 ASN ASN A . n 
A 1 116 SER 116 118 118 SER SER A . n 
A 1 117 CYS 117 119 119 CYS CYS A . n 
A 1 118 GLN 118 120 120 GLN GLN A . n 
# 
loop_
_pdbx_nonpoly_scheme.asym_id 
_pdbx_nonpoly_scheme.entity_id 
_pdbx_nonpoly_scheme.mon_id 
_pdbx_nonpoly_scheme.ndb_seq_num 
_pdbx_nonpoly_scheme.pdb_seq_num 
_pdbx_nonpoly_scheme.auth_seq_num 
_pdbx_nonpoly_scheme.pdb_mon_id 
_pdbx_nonpoly_scheme.auth_mon_id 
_pdbx_nonpoly_scheme.pdb_strand_id 
_pdbx_nonpoly_scheme.pdb_ins_code 
B 2 NA  1  121 61 NA  NA  A . 
C 3 TDA 1  122 62 TDA TDA A . 
D 4 HOH 1  123 1  HOH HOH A . 
D 4 HOH 2  124 2  HOH HOH A . 
D 4 HOH 3  125 3  HOH HOH A . 
D 4 HOH 4  126 4  HOH HOH A . 
D 4 HOH 5  127 5  HOH HOH A . 
D 4 HOH 6  128 6  HOH HOH A . 
D 4 HOH 7  129 7  HOH HOH A . 
D 4 HOH 8  130 8  HOH HOH A . 
D 4 HOH 9  131 9  HOH HOH A . 
D 4 HOH 10 132 10 HOH HOH A . 
D 4 HOH 11 133 11 HOH HOH A . 
D 4 HOH 12 134 12 HOH HOH A . 
D 4 HOH 13 135 13 HOH HOH A . 
D 4 HOH 14 136 14 HOH HOH A . 
D 4 HOH 15 137 15 HOH HOH A . 
D 4 HOH 16 138 16 HOH HOH A . 
D 4 HOH 17 139 17 HOH HOH A . 
D 4 HOH 18 140 18 HOH HOH A . 
D 4 HOH 19 141 19 HOH HOH A . 
D 4 HOH 20 142 20 HOH HOH A . 
D 4 HOH 21 143 21 HOH HOH A . 
D 4 HOH 22 144 22 HOH HOH A . 
D 4 HOH 23 145 23 HOH HOH A . 
D 4 HOH 24 146 24 HOH HOH A . 
D 4 HOH 25 147 25 HOH HOH A . 
D 4 HOH 26 148 26 HOH HOH A . 
D 4 HOH 27 149 27 HOH HOH A . 
D 4 HOH 28 150 28 HOH HOH A . 
D 4 HOH 29 151 29 HOH HOH A . 
D 4 HOH 30 152 30 HOH HOH A . 
D 4 HOH 31 153 31 HOH HOH A . 
D 4 HOH 32 154 32 HOH HOH A . 
D 4 HOH 33 155 33 HOH HOH A . 
D 4 HOH 34 156 34 HOH HOH A . 
D 4 HOH 35 157 35 HOH HOH A . 
D 4 HOH 36 158 36 HOH HOH A . 
D 4 HOH 37 159 37 HOH HOH A . 
D 4 HOH 38 160 38 HOH HOH A . 
D 4 HOH 39 161 39 HOH HOH A . 
D 4 HOH 40 162 40 HOH HOH A . 
D 4 HOH 41 163 41 HOH HOH A . 
D 4 HOH 42 164 42 HOH HOH A . 
D 4 HOH 43 165 43 HOH HOH A . 
D 4 HOH 44 166 44 HOH HOH A . 
D 4 HOH 45 167 45 HOH HOH A . 
D 4 HOH 46 168 46 HOH HOH A . 
D 4 HOH 47 169 47 HOH HOH A . 
D 4 HOH 48 170 48 HOH HOH A . 
D 4 HOH 49 171 49 HOH HOH A . 
D 4 HOH 50 172 50 HOH HOH A . 
D 4 HOH 51 173 51 HOH HOH A . 
D 4 HOH 52 174 52 HOH HOH A . 
D 4 HOH 53 175 53 HOH HOH A . 
D 4 HOH 54 176 54 HOH HOH A . 
D 4 HOH 55 177 55 HOH HOH A . 
D 4 HOH 56 178 56 HOH HOH A . 
D 4 HOH 57 179 57 HOH HOH A . 
D 4 HOH 58 180 58 HOH HOH A . 
D 4 HOH 59 181 59 HOH HOH A . 
D 4 HOH 60 182 60 HOH HOH A . 
# 
loop_
_software.name 
_software.classification 
_software.version 
_software.citation_id 
_software.pdbx_ordinal 
CNS       refinement       1.1 ? 1 
DENZO     'data reduction' .   ? 2 
SCALEPACK 'data scaling'   .   ? 3 
AMoRE     phasing          .   ? 4 
# 
_cell.entry_id           1TC8 
_cell.length_a           53.790 
_cell.length_b           53.790 
_cell.length_c           82.500 
_cell.angle_alpha        90.00 
_cell.angle_beta         90.00 
_cell.angle_gamma        90.00 
_cell.Z_PDB              8 
_cell.pdbx_unique_axis   ? 
# 
_symmetry.entry_id                         1TC8 
_symmetry.space_group_name_H-M             'P 41 21 2' 
_symmetry.pdbx_full_space_group_name_H-M   ? 
_symmetry.cell_setting                     ? 
_symmetry.Int_Tables_number                92 
_symmetry.space_group_name_Hall            ? 
# 
_exptl.entry_id          1TC8 
_exptl.method            'X-RAY DIFFRACTION' 
_exptl.crystals_number   1 
# 
_exptl_crystal.id                    1 
_exptl_crystal.density_meas          ? 
_exptl_crystal.density_Matthews      2.3 
_exptl_crystal.density_percent_sol   45.7 
_exptl_crystal.description           ? 
_exptl_crystal.F_000                 ? 
_exptl_crystal.preparation           ? 
# 
_exptl_crystal_grow.crystal_id      1 
_exptl_crystal_grow.method          'VAPOR DIFFUSION, SITTING DROP' 
_exptl_crystal_grow.temp            298.0 
_exptl_crystal_grow.temp_details    ? 
_exptl_crystal_grow.pH              8.0 
_exptl_crystal_grow.pdbx_details    
'0.05M Tris HCl, 2.6M NaCl, 1mM NaN3, pH 8.0, VAPOR DIFFUSION, SITTING DROP, temperature 298.0K' 
_exptl_crystal_grow.pdbx_pH_range   . 
# 
_diffrn.id                     1 
_diffrn.ambient_temp           298.0 
_diffrn.ambient_temp_details   ? 
_diffrn.crystal_id             1 
# 
_diffrn_detector.diffrn_id              1 
_diffrn_detector.detector               'IMAGE PLATE' 
_diffrn_detector.type                   MARRESEARCH 
_diffrn_detector.pdbx_collection_date   2004-01-02 
_diffrn_detector.details                Mirrors 
# 
_diffrn_radiation.diffrn_id                        1 
_diffrn_radiation.wavelength_id                    1 
_diffrn_radiation.pdbx_monochromatic_or_laue_m_l   M 
_diffrn_radiation.monochromator                    'Osmic mirrors' 
_diffrn_radiation.pdbx_diffrn_protocol             'SINGLE WAVELENGTH' 
_diffrn_radiation.pdbx_scattering_type             x-ray 
# 
_diffrn_radiation_wavelength.id           1 
_diffrn_radiation_wavelength.wavelength   1.5418 
_diffrn_radiation_wavelength.wt           1.0 
# 
_diffrn_source.diffrn_id                   1 
_diffrn_source.source                      'ROTATING ANODE' 
_diffrn_source.type                        'RIGAKU RU300' 
_diffrn_source.pdbx_synchrotron_site       ? 
_diffrn_source.pdbx_synchrotron_beamline   ? 
_diffrn_source.pdbx_wavelength             ? 
_diffrn_source.pdbx_wavelength_list        1.5418 
# 
_reflns.entry_id                     1TC8 
_reflns.observed_criterion_sigma_I   0 
_reflns.observed_criterion_sigma_F   0 
_reflns.d_resolution_low             20.0 
_reflns.d_resolution_high            2.7 
_reflns.number_obs                   3380 
_reflns.number_all                   3380 
_reflns.percent_possible_obs         90.1 
_reflns.pdbx_Rmerge_I_obs            0.165 
_reflns.pdbx_Rsym_value              0.165 
_reflns.pdbx_netI_over_sigmaI        5.3 
_reflns.B_iso_Wilson_estimate        38.9 
_reflns.pdbx_redundancy              21.0 
_reflns.R_free_details               ? 
_reflns.limit_h_max                  ? 
_reflns.limit_h_min                  ? 
_reflns.limit_k_max                  ? 
_reflns.limit_k_min                  ? 
_reflns.limit_l_max                  ? 
_reflns.limit_l_min                  ? 
_reflns.observed_criterion_F_max     ? 
_reflns.observed_criterion_F_min     ? 
_reflns.pdbx_chi_squared             ? 
_reflns.pdbx_scaling_rejects         ? 
_reflns.pdbx_diffrn_id               1 
_reflns.pdbx_ordinal                 1 
# 
_reflns_shell.d_res_high             2.70 
_reflns_shell.d_res_low              2.80 
_reflns_shell.percent_possible_all   90.3 
_reflns_shell.Rmerge_I_obs           0.407 
_reflns_shell.pdbx_Rsym_value        0.407 
_reflns_shell.meanI_over_sigI_obs    2.4 
_reflns_shell.pdbx_redundancy        ? 
_reflns_shell.percent_possible_obs   ? 
_reflns_shell.number_unique_all      ? 
_reflns_shell.number_measured_all    ? 
_reflns_shell.number_measured_obs    ? 
_reflns_shell.number_unique_obs      ? 
_reflns_shell.pdbx_chi_squared       ? 
_reflns_shell.pdbx_diffrn_id         ? 
_reflns_shell.pdbx_ordinal           1 
# 
_refine.entry_id                                 1TC8 
_refine.ls_number_reflns_obs                     3380 
_refine.ls_number_reflns_all                     3380 
_refine.pdbx_ls_sigma_I                          ? 
_refine.pdbx_ls_sigma_F                          0.0 
_refine.pdbx_data_cutoff_high_absF               1786405.83 
_refine.pdbx_data_cutoff_low_absF                0.000000 
_refine.pdbx_data_cutoff_high_rms_absF           ? 
_refine.ls_d_res_low                             20.00 
_refine.ls_d_res_high                            2.70 
_refine.ls_percent_reflns_obs                    ? 
_refine.ls_R_factor_obs                          0.204 
_refine.ls_R_factor_all                          0.209 
_refine.ls_R_factor_R_work                       0.204 
_refine.ls_R_factor_R_free                       0.233 
_refine.ls_R_factor_R_free_error                 0.023 
_refine.ls_R_factor_R_free_error_details         ? 
_refine.ls_percent_reflns_R_free                 5.3 
_refine.ls_number_reflns_R_free                  180 
_refine.ls_number_parameters                     ? 
_refine.ls_number_restraints                     ? 
_refine.occupancy_min                            ? 
_refine.occupancy_max                            ? 
_refine.correlation_coeff_Fo_to_Fc               ? 
_refine.correlation_coeff_Fo_to_Fc_free          ? 
_refine.B_iso_mean                               34.6 
_refine.aniso_B[1][1]                            1.83 
_refine.aniso_B[2][2]                            1.83 
_refine.aniso_B[3][3]                            -3.67 
_refine.aniso_B[1][2]                            0.00 
_refine.aniso_B[1][3]                            0.00 
_refine.aniso_B[2][3]                            0.00 
_refine.solvent_model_details                    'FLAT MODEL' 
_refine.solvent_model_param_ksol                 0.27975 
_refine.solvent_model_param_bsol                 51.6424 
_refine.pdbx_solvent_vdw_probe_radii             ? 
_refine.pdbx_solvent_ion_probe_radii             ? 
_refine.pdbx_solvent_shrinkage_radii             ? 
_refine.pdbx_ls_cross_valid_method               THROUGHOUT 
_refine.details                                  'Used weighted full matrix least squares procedure.' 
_refine.pdbx_starting_model                      1FE5 
_refine.pdbx_method_to_determine_struct          'MOLECULAR REPLACEMENT' 
_refine.pdbx_isotropic_thermal_model             RESTRAINED 
_refine.pdbx_stereochemistry_target_values       'Engh & Huber' 
_refine.pdbx_stereochem_target_val_spec_case     ? 
_refine.pdbx_R_Free_selection_details            RANDOM 
_refine.pdbx_overall_ESU_R                       ? 
_refine.pdbx_overall_ESU_R_Free                  ? 
_refine.overall_SU_ML                            ? 
_refine.overall_SU_B                             ? 
_refine.ls_redundancy_reflns_obs                 ? 
_refine.B_iso_min                                ? 
_refine.B_iso_max                                ? 
_refine.overall_SU_R_Cruickshank_DPI             ? 
_refine.overall_SU_R_free                        ? 
_refine.ls_wR_factor_R_free                      ? 
_refine.ls_wR_factor_R_work                      ? 
_refine.overall_FOM_free_R_set                   ? 
_refine.overall_FOM_work_R_set                   ? 
_refine.pdbx_refine_id                           'X-RAY DIFFRACTION' 
_refine.pdbx_diffrn_id                           1 
_refine.pdbx_TLS_residual_ADP_flag               ? 
_refine.pdbx_overall_phase_error                 ? 
_refine.pdbx_overall_SU_R_free_Cruickshank_DPI   ? 
_refine.pdbx_overall_SU_R_Blow_DPI               ? 
_refine.pdbx_overall_SU_R_free_Blow_DPI          ? 
# 
_refine_analyze.entry_id                        1TC8 
_refine_analyze.Luzzati_coordinate_error_obs    0.33 
_refine_analyze.Luzzati_sigma_a_obs             0.43 
_refine_analyze.Luzzati_d_res_low_obs           5.00 
_refine_analyze.Luzzati_coordinate_error_free   0.46 
_refine_analyze.Luzzati_sigma_a_free            0.71 
_refine_analyze.Luzzati_d_res_low_free          ? 
_refine_analyze.number_disordered_residues      ? 
_refine_analyze.occupancy_sum_hydrogen          ? 
_refine_analyze.occupancy_sum_non_hydrogen      ? 
_refine_analyze.pdbx_Luzzati_d_res_high_obs     ? 
_refine_analyze.pdbx_refine_id                  'X-RAY DIFFRACTION' 
# 
_refine_hist.pdbx_refine_id                   'X-RAY DIFFRACTION' 
_refine_hist.cycle_id                         LAST 
_refine_hist.pdbx_number_atoms_protein        912 
_refine_hist.pdbx_number_atoms_nucleic_acid   0 
_refine_hist.pdbx_number_atoms_ligand         16 
_refine_hist.number_atoms_solvent             60 
_refine_hist.number_atoms_total               988 
_refine_hist.d_res_high                       2.70 
_refine_hist.d_res_low                        20.00 
# 
loop_
_refine_ls_restr.type 
_refine_ls_restr.dev_ideal 
_refine_ls_restr.dev_ideal_target 
_refine_ls_restr.weight 
_refine_ls_restr.number 
_refine_ls_restr.pdbx_refine_id 
_refine_ls_restr.pdbx_restraint_function 
c_bond_d           0.009 ?    ? ? 'X-RAY DIFFRACTION' ? 
c_angle_deg        1.4   ?    ? ? 'X-RAY DIFFRACTION' ? 
c_dihedral_angle_d 24.3  ?    ? ? 'X-RAY DIFFRACTION' ? 
c_improper_angle_d 0.92  ?    ? ? 'X-RAY DIFFRACTION' ? 
c_mcbond_it        1.17  1.50 ? ? 'X-RAY DIFFRACTION' ? 
c_mcangle_it       1.98  2.00 ? ? 'X-RAY DIFFRACTION' ? 
c_scbond_it        1.75  2.00 ? ? 'X-RAY DIFFRACTION' ? 
c_scangle_it       2.58  2.50 ? ? 'X-RAY DIFFRACTION' ? 
# 
_refine_ls_shell.pdbx_total_number_of_bins_used   6 
_refine_ls_shell.d_res_high                       2.70 
_refine_ls_shell.d_res_low                        2.87 
_refine_ls_shell.number_reflns_R_work             473 
_refine_ls_shell.R_factor_R_work                  0.22 
_refine_ls_shell.percent_reflns_obs               ? 
_refine_ls_shell.R_factor_R_free                  0.306 
_refine_ls_shell.R_factor_R_free_error            0.077 
_refine_ls_shell.percent_reflns_R_free            6.3 
_refine_ls_shell.number_reflns_R_free             32 
_refine_ls_shell.number_reflns_obs                ? 
_refine_ls_shell.redundancy_reflns_obs            ? 
_refine_ls_shell.number_reflns_all                ? 
_refine_ls_shell.pdbx_refine_id                   'X-RAY DIFFRACTION' 
_refine_ls_shell.R_factor_all                     ? 
# 
loop_
_pdbx_xplor_file.serial_no 
_pdbx_xplor_file.param_file 
_pdbx_xplor_file.topol_file 
_pdbx_xplor_file.pdbx_refine_id 
1 PROTEIN_REP.PARAM PROTEIN.TOP 'X-RAY DIFFRACTION' 
2 ION.PARAM         WATER.TOP   'X-RAY DIFFRACTION' 
3 WATER.PARAM       ION.TOP     'X-RAY DIFFRACTION' 
4 TDA.PARAM         TDA.TOP     'X-RAY DIFFRACTION' 
# 
_struct.entry_id                  1TC8 
_struct.title                     
'Crystal structure of Krait-venom phospholipase A2 in a complex with a natural fatty acid tridecanoic acid' 
_struct.pdbx_model_details        ? 
_struct.pdbx_CASP_flag            ? 
_struct.pdbx_model_type_details   ? 
# 
_struct_keywords.entry_id        1TC8 
_struct_keywords.pdbx_keywords   TOXIN 
_struct_keywords.text            'phospholipaseA2, complex, crystal, fatty acid, TOXIN' 
# 
loop_
_struct_asym.id 
_struct_asym.pdbx_blank_PDB_chainid_flag 
_struct_asym.pdbx_modified 
_struct_asym.entity_id 
_struct_asym.details 
A N N 1 ? 
B N N 2 ? 
C N N 3 ? 
D N N 4 ? 
# 
_struct_ref.id                         1 
_struct_ref.db_name                    UNP 
_struct_ref.db_code                    Q6SLM2_BUNCE 
_struct_ref.pdbx_db_accession          Q6SLM2 
_struct_ref.entity_id                  1 
_struct_ref.pdbx_seq_one_letter_code   
;NLYQLMNMIQCANTRTWPSYTNYGCYCGKGGSGTPVDDLDRCCYTHDHCYNDAKNIDGCNPVTKTYSYTCTEPTITCNDS
KDKCARFVCDCDRTAAICFAKAPYNTSNVMIRSTNSCQ
;
_struct_ref.pdbx_align_begin           20 
_struct_ref.pdbx_db_isoform            ? 
# 
_struct_ref_seq.align_id                      1 
_struct_ref_seq.ref_id                        1 
_struct_ref_seq.pdbx_PDB_id_code              1TC8 
_struct_ref_seq.pdbx_strand_id                A 
_struct_ref_seq.seq_align_beg                 1 
_struct_ref_seq.pdbx_seq_align_beg_ins_code   ? 
_struct_ref_seq.seq_align_end                 118 
_struct_ref_seq.pdbx_seq_align_end_ins_code   ? 
_struct_ref_seq.pdbx_db_accession             Q6SLM2 
_struct_ref_seq.db_align_beg                  20 
_struct_ref_seq.pdbx_db_align_beg_ins_code    ? 
_struct_ref_seq.db_align_end                  137 
_struct_ref_seq.pdbx_db_align_end_ins_code    ? 
_struct_ref_seq.pdbx_auth_seq_align_beg       1 
_struct_ref_seq.pdbx_auth_seq_align_end       120 
# 
_pdbx_struct_assembly.id                   1 
_pdbx_struct_assembly.details              author_defined_assembly 
_pdbx_struct_assembly.method_details       ? 
_pdbx_struct_assembly.oligomeric_details   monomeric 
_pdbx_struct_assembly.oligomeric_count     1 
# 
_pdbx_struct_assembly_gen.assembly_id       1 
_pdbx_struct_assembly_gen.oper_expression   1 
_pdbx_struct_assembly_gen.asym_id_list      A,B,C,D 
# 
_pdbx_struct_oper_list.id                   1 
_pdbx_struct_oper_list.type                 'identity operation' 
_pdbx_struct_oper_list.name                 1_555 
_pdbx_struct_oper_list.symmetry_operation   x,y,z 
_pdbx_struct_oper_list.matrix[1][1]         1.0000000000 
_pdbx_struct_oper_list.matrix[1][2]         0.0000000000 
_pdbx_struct_oper_list.matrix[1][3]         0.0000000000 
_pdbx_struct_oper_list.vector[1]            0.0000000000 
_pdbx_struct_oper_list.matrix[2][1]         0.0000000000 
_pdbx_struct_oper_list.matrix[2][2]         1.0000000000 
_pdbx_struct_oper_list.matrix[2][3]         0.0000000000 
_pdbx_struct_oper_list.vector[2]            0.0000000000 
_pdbx_struct_oper_list.matrix[3][1]         0.0000000000 
_pdbx_struct_oper_list.matrix[3][2]         0.0000000000 
_pdbx_struct_oper_list.matrix[3][3]         1.0000000000 
_pdbx_struct_oper_list.vector[3]            0.0000000000 
# 
loop_
_struct_conf.conf_type_id 
_struct_conf.id 
_struct_conf.pdbx_PDB_helix_id 
_struct_conf.beg_label_comp_id 
_struct_conf.beg_label_asym_id 
_struct_conf.beg_label_seq_id 
_struct_conf.pdbx_beg_PDB_ins_code 
_struct_conf.end_label_comp_id 
_struct_conf.end_label_asym_id 
_struct_conf.end_label_seq_id 
_struct_conf.pdbx_end_PDB_ins_code 
_struct_conf.beg_auth_comp_id 
_struct_conf.beg_auth_asym_id 
_struct_conf.beg_auth_seq_id 
_struct_conf.end_auth_comp_id 
_struct_conf.end_auth_asym_id 
_struct_conf.end_auth_seq_id 
_struct_conf.pdbx_PDB_helix_class 
_struct_conf.details 
_struct_conf.pdbx_PDB_helix_length 
HELX_P HELX_P1 1 ASN A 1  ? ASN A 13  ? ASN A 1  ASN A 13  1 ? 13 
HELX_P HELX_P2 2 TRP A 17 ? ASN A 22  ? TRP A 19 ASN A 24  1 ? 6  
HELX_P HELX_P3 3 ASP A 37 ? LYS A 54  ? ASP A 39 LYS A 56  1 ? 18 
HELX_P HELX_P4 4 ASP A 82 ? ALA A 102 ? ASP A 84 ALA A 104 1 ? 21 
# 
_struct_conf_type.id          HELX_P 
_struct_conf_type.criteria    ? 
_struct_conf_type.reference   ? 
# 
loop_
_struct_conn.id 
_struct_conn.conn_type_id 
_struct_conn.pdbx_leaving_atom_flag 
_struct_conn.pdbx_PDB_id 
_struct_conn.ptnr1_label_asym_id 
_struct_conn.ptnr1_label_comp_id 
_struct_conn.ptnr1_label_seq_id 
_struct_conn.ptnr1_label_atom_id 
_struct_conn.pdbx_ptnr1_label_alt_id 
_struct_conn.pdbx_ptnr1_PDB_ins_code 
_struct_conn.pdbx_ptnr1_standard_comp_id 
_struct_conn.ptnr1_symmetry 
_struct_conn.ptnr2_label_asym_id 
_struct_conn.ptnr2_label_comp_id 
_struct_conn.ptnr2_label_seq_id 
_struct_conn.ptnr2_label_atom_id 
_struct_conn.pdbx_ptnr2_label_alt_id 
_struct_conn.pdbx_ptnr2_PDB_ins_code 
_struct_conn.ptnr1_auth_asym_id 
_struct_conn.ptnr1_auth_comp_id 
_struct_conn.ptnr1_auth_seq_id 
_struct_conn.ptnr2_auth_asym_id 
_struct_conn.ptnr2_auth_comp_id 
_struct_conn.ptnr2_auth_seq_id 
_struct_conn.ptnr2_symmetry 
_struct_conn.pdbx_ptnr3_label_atom_id 
_struct_conn.pdbx_ptnr3_label_seq_id 
_struct_conn.pdbx_ptnr3_label_comp_id 
_struct_conn.pdbx_ptnr3_label_asym_id 
_struct_conn.pdbx_ptnr3_label_alt_id 
_struct_conn.pdbx_ptnr3_PDB_ins_code 
_struct_conn.details 
_struct_conn.pdbx_dist_value 
_struct_conn.pdbx_value_order 
_struct_conn.pdbx_role 
disulf1 disulf ? ? A CYS 11 SG  ? ? ? 1_555 A CYS 70  SG ? ? A CYS 11 A CYS 72  1_555 ? ? ? ? ? ? ? 2.034 ? ? 
disulf2 disulf ? ? A CYS 25 SG  ? ? ? 1_555 A CYS 117 SG ? ? A CYS 27 A CYS 119 1_555 ? ? ? ? ? ? ? 2.022 ? ? 
disulf3 disulf ? ? A CYS 27 SG  ? ? ? 1_555 A CYS 43  SG ? ? A CYS 29 A CYS 45  1_555 ? ? ? ? ? ? ? 2.029 ? ? 
disulf4 disulf ? ? A CYS 42 SG  ? ? ? 1_555 A CYS 98  SG ? ? A CYS 44 A CYS 100 1_555 ? ? ? ? ? ? ? 2.021 ? ? 
disulf5 disulf ? ? A CYS 49 SG  ? ? ? 1_555 A CYS 91  SG ? ? A CYS 51 A CYS 93  1_555 ? ? ? ? ? ? ? 2.023 ? ? 
disulf6 disulf ? ? A CYS 59 SG  ? ? ? 1_555 A CYS 84  SG ? ? A CYS 61 A CYS 86  1_555 ? ? ? ? ? ? ? 2.035 ? ? 
disulf7 disulf ? ? A CYS 77 SG  ? ? ? 1_555 A CYS 89  SG ? ? A CYS 79 A CYS 91  1_555 ? ? ? ? ? ? ? 2.037 ? ? 
metalc1 metalc ? ? A TYR 26 O   ? ? ? 1_555 B NA  .   NA ? ? A TYR 28 A NA  121 1_555 ? ? ? ? ? ? ? 2.664 ? ? 
metalc2 metalc ? ? A GLY 28 O   ? ? ? 1_555 B NA  .   NA ? ? A GLY 30 A NA  121 1_555 ? ? ? ? ? ? ? 2.698 ? ? 
metalc3 metalc ? ? A GLY 30 O   ? ? ? 1_555 B NA  .   NA ? ? A GLY 32 A NA  121 1_555 ? ? ? ? ? ? ? 2.631 ? ? 
metalc4 metalc ? ? A ASP 47 OD2 ? ? ? 1_555 B NA  .   NA ? ? A ASP 49 A NA  121 1_555 ? ? ? ? ? ? ? 2.543 ? ? 
metalc5 metalc ? ? A ASP 47 OD1 ? ? ? 1_555 B NA  .   NA ? ? A ASP 49 A NA  121 1_555 ? ? ? ? ? ? ? 2.789 ? ? 
# 
loop_
_struct_conn_type.id 
_struct_conn_type.criteria 
_struct_conn_type.reference 
disulf ? ? 
metalc ? ? 
# 
loop_
_pdbx_struct_conn_angle.id 
_pdbx_struct_conn_angle.ptnr1_label_atom_id 
_pdbx_struct_conn_angle.ptnr1_label_alt_id 
_pdbx_struct_conn_angle.ptnr1_label_asym_id 
_pdbx_struct_conn_angle.ptnr1_label_comp_id 
_pdbx_struct_conn_angle.ptnr1_label_seq_id 
_pdbx_struct_conn_angle.ptnr1_auth_atom_id 
_pdbx_struct_conn_angle.ptnr1_auth_asym_id 
_pdbx_struct_conn_angle.ptnr1_auth_comp_id 
_pdbx_struct_conn_angle.ptnr1_auth_seq_id 
_pdbx_struct_conn_angle.ptnr1_PDB_ins_code 
_pdbx_struct_conn_angle.ptnr1_symmetry 
_pdbx_struct_conn_angle.ptnr2_label_atom_id 
_pdbx_struct_conn_angle.ptnr2_label_alt_id 
_pdbx_struct_conn_angle.ptnr2_label_asym_id 
_pdbx_struct_conn_angle.ptnr2_label_comp_id 
_pdbx_struct_conn_angle.ptnr2_label_seq_id 
_pdbx_struct_conn_angle.ptnr2_auth_atom_id 
_pdbx_struct_conn_angle.ptnr2_auth_asym_id 
_pdbx_struct_conn_angle.ptnr2_auth_comp_id 
_pdbx_struct_conn_angle.ptnr2_auth_seq_id 
_pdbx_struct_conn_angle.ptnr2_PDB_ins_code 
_pdbx_struct_conn_angle.ptnr2_symmetry 
_pdbx_struct_conn_angle.ptnr3_label_atom_id 
_pdbx_struct_conn_angle.ptnr3_label_alt_id 
_pdbx_struct_conn_angle.ptnr3_label_asym_id 
_pdbx_struct_conn_angle.ptnr3_label_comp_id 
_pdbx_struct_conn_angle.ptnr3_label_seq_id 
_pdbx_struct_conn_angle.ptnr3_auth_atom_id 
_pdbx_struct_conn_angle.ptnr3_auth_asym_id 
_pdbx_struct_conn_angle.ptnr3_auth_comp_id 
_pdbx_struct_conn_angle.ptnr3_auth_seq_id 
_pdbx_struct_conn_angle.ptnr3_PDB_ins_code 
_pdbx_struct_conn_angle.ptnr3_symmetry 
_pdbx_struct_conn_angle.value 
_pdbx_struct_conn_angle.value_esd 
1  O   ? A TYR 26 ? A TYR 28 ? 1_555 NA ? B NA . ? A NA 121 ? 1_555 O   ? A GLY 28 ? A GLY 30 ? 1_555 74.0  ? 
2  O   ? A TYR 26 ? A TYR 28 ? 1_555 NA ? B NA . ? A NA 121 ? 1_555 O   ? A GLY 30 ? A GLY 32 ? 1_555 92.1  ? 
3  O   ? A GLY 28 ? A GLY 30 ? 1_555 NA ? B NA . ? A NA 121 ? 1_555 O   ? A GLY 30 ? A GLY 32 ? 1_555 86.7  ? 
4  O   ? A TYR 26 ? A TYR 28 ? 1_555 NA ? B NA . ? A NA 121 ? 1_555 OD2 ? A ASP 47 ? A ASP 49 ? 1_555 128.0 ? 
5  O   ? A GLY 28 ? A GLY 30 ? 1_555 NA ? B NA . ? A NA 121 ? 1_555 OD2 ? A ASP 47 ? A ASP 49 ? 1_555 142.3 ? 
6  O   ? A GLY 30 ? A GLY 32 ? 1_555 NA ? B NA . ? A NA 121 ? 1_555 OD2 ? A ASP 47 ? A ASP 49 ? 1_555 118.1 ? 
7  O   ? A TYR 26 ? A TYR 28 ? 1_555 NA ? B NA . ? A NA 121 ? 1_555 OD1 ? A ASP 47 ? A ASP 49 ? 1_555 92.8  ? 
8  O   ? A GLY 28 ? A GLY 30 ? 1_555 NA ? B NA . ? A NA 121 ? 1_555 OD1 ? A ASP 47 ? A ASP 49 ? 1_555 108.6 ? 
9  O   ? A GLY 30 ? A GLY 32 ? 1_555 NA ? B NA . ? A NA 121 ? 1_555 OD1 ? A ASP 47 ? A ASP 49 ? 1_555 164.7 ? 
10 OD2 ? A ASP 47 ? A ASP 49 ? 1_555 NA ? B NA . ? A NA 121 ? 1_555 OD1 ? A ASP 47 ? A ASP 49 ? 1_555 48.5  ? 
# 
loop_
_pdbx_modification_feature.ordinal 
_pdbx_modification_feature.label_comp_id 
_pdbx_modification_feature.label_asym_id 
_pdbx_modification_feature.label_seq_id 
_pdbx_modification_feature.label_alt_id 
_pdbx_modification_feature.modified_residue_label_comp_id 
_pdbx_modification_feature.modified_residue_label_asym_id 
_pdbx_modification_feature.modified_residue_label_seq_id 
_pdbx_modification_feature.modified_residue_label_alt_id 
_pdbx_modification_feature.auth_comp_id 
_pdbx_modification_feature.auth_asym_id 
_pdbx_modification_feature.auth_seq_id 
_pdbx_modification_feature.PDB_ins_code 
_pdbx_modification_feature.symmetry 
_pdbx_modification_feature.modified_residue_auth_comp_id 
_pdbx_modification_feature.modified_residue_auth_asym_id 
_pdbx_modification_feature.modified_residue_auth_seq_id 
_pdbx_modification_feature.modified_residue_PDB_ins_code 
_pdbx_modification_feature.modified_residue_symmetry 
_pdbx_modification_feature.comp_id_linking_atom 
_pdbx_modification_feature.modified_residue_id_linking_atom 
_pdbx_modification_feature.modified_residue_id 
_pdbx_modification_feature.ref_pcm_id 
_pdbx_modification_feature.ref_comp_id 
_pdbx_modification_feature.type 
_pdbx_modification_feature.category 
1 CYS A 11 ? CYS A 70  ? CYS A 11 ? 1_555 CYS A 72  ? 1_555 SG SG . . . None 'Disulfide bridge' 
2 CYS A 25 ? CYS A 117 ? CYS A 27 ? 1_555 CYS A 119 ? 1_555 SG SG . . . None 'Disulfide bridge' 
3 CYS A 27 ? CYS A 43  ? CYS A 29 ? 1_555 CYS A 45  ? 1_555 SG SG . . . None 'Disulfide bridge' 
4 CYS A 42 ? CYS A 98  ? CYS A 44 ? 1_555 CYS A 100 ? 1_555 SG SG . . . None 'Disulfide bridge' 
5 CYS A 49 ? CYS A 91  ? CYS A 51 ? 1_555 CYS A 93  ? 1_555 SG SG . . . None 'Disulfide bridge' 
6 CYS A 59 ? CYS A 84  ? CYS A 61 ? 1_555 CYS A 86  ? 1_555 SG SG . . . None 'Disulfide bridge' 
7 CYS A 77 ? CYS A 89  ? CYS A 79 ? 1_555 CYS A 91  ? 1_555 SG SG . . . None 'Disulfide bridge' 
# 
_struct_mon_prot_cis.pdbx_id                1 
_struct_mon_prot_cis.label_comp_id          GLU 
_struct_mon_prot_cis.label_seq_id           72 
_struct_mon_prot_cis.label_asym_id          A 
_struct_mon_prot_cis.label_alt_id           . 
_struct_mon_prot_cis.pdbx_PDB_ins_code      ? 
_struct_mon_prot_cis.auth_comp_id           GLU 
_struct_mon_prot_cis.auth_seq_id            74 
_struct_mon_prot_cis.auth_asym_id           A 
_struct_mon_prot_cis.pdbx_label_comp_id_2   PRO 
_struct_mon_prot_cis.pdbx_label_seq_id_2    73 
_struct_mon_prot_cis.pdbx_label_asym_id_2   A 
_struct_mon_prot_cis.pdbx_PDB_ins_code_2    ? 
_struct_mon_prot_cis.pdbx_auth_comp_id_2    PRO 
_struct_mon_prot_cis.pdbx_auth_seq_id_2     75 
_struct_mon_prot_cis.pdbx_auth_asym_id_2    A 
_struct_mon_prot_cis.pdbx_PDB_model_num     1 
_struct_mon_prot_cis.pdbx_omega_angle       0.94 
# 
_struct_sheet.id               A 
_struct_sheet.type             ? 
_struct_sheet.number_strands   2 
_struct_sheet.details          ? 
# 
_struct_sheet_order.sheet_id     A 
_struct_sheet_order.range_id_1   1 
_struct_sheet_order.range_id_2   2 
_struct_sheet_order.offset       ? 
_struct_sheet_order.sense        anti-parallel 
# 
loop_
_struct_sheet_range.sheet_id 
_struct_sheet_range.id 
_struct_sheet_range.beg_label_comp_id 
_struct_sheet_range.beg_label_asym_id 
_struct_sheet_range.beg_label_seq_id 
_struct_sheet_range.pdbx_beg_PDB_ins_code 
_struct_sheet_range.end_label_comp_id 
_struct_sheet_range.end_label_asym_id 
_struct_sheet_range.end_label_seq_id 
_struct_sheet_range.pdbx_end_PDB_ins_code 
_struct_sheet_range.beg_auth_comp_id 
_struct_sheet_range.beg_auth_asym_id 
_struct_sheet_range.beg_auth_seq_id 
_struct_sheet_range.end_auth_comp_id 
_struct_sheet_range.end_auth_asym_id 
_struct_sheet_range.end_auth_seq_id 
A 1 TYR A 68 ? THR A 71 ? TYR A 70 THR A 73 
A 2 THR A 74 ? CYS A 77 ? THR A 76 CYS A 79 
# 
_pdbx_struct_sheet_hbond.sheet_id                A 
_pdbx_struct_sheet_hbond.range_id_1              1 
_pdbx_struct_sheet_hbond.range_id_2              2 
_pdbx_struct_sheet_hbond.range_1_label_atom_id   N 
_pdbx_struct_sheet_hbond.range_1_label_comp_id   THR 
_pdbx_struct_sheet_hbond.range_1_label_asym_id   A 
_pdbx_struct_sheet_hbond.range_1_label_seq_id    71 
_pdbx_struct_sheet_hbond.range_1_PDB_ins_code    ? 
_pdbx_struct_sheet_hbond.range_1_auth_atom_id    N 
_pdbx_struct_sheet_hbond.range_1_auth_comp_id    THR 
_pdbx_struct_sheet_hbond.range_1_auth_asym_id    A 
_pdbx_struct_sheet_hbond.range_1_auth_seq_id     73 
_pdbx_struct_sheet_hbond.range_2_label_atom_id   O 
_pdbx_struct_sheet_hbond.range_2_label_comp_id   THR 
_pdbx_struct_sheet_hbond.range_2_label_asym_id   A 
_pdbx_struct_sheet_hbond.range_2_label_seq_id    74 
_pdbx_struct_sheet_hbond.range_2_PDB_ins_code    ? 
_pdbx_struct_sheet_hbond.range_2_auth_atom_id    O 
_pdbx_struct_sheet_hbond.range_2_auth_comp_id    THR 
_pdbx_struct_sheet_hbond.range_2_auth_asym_id    A 
_pdbx_struct_sheet_hbond.range_2_auth_seq_id     76 
# 
loop_
_struct_site.id 
_struct_site.pdbx_evidence_code 
_struct_site.pdbx_auth_asym_id 
_struct_site.pdbx_auth_comp_id 
_struct_site.pdbx_auth_seq_id 
_struct_site.pdbx_auth_ins_code 
_struct_site.pdbx_num_residues 
_struct_site.details 
AC1 Software A NA  121 ? 5  'BINDING SITE FOR RESIDUE NA A 121'  
AC2 Software A TDA 122 ? 12 'BINDING SITE FOR RESIDUE TDA A 122' 
# 
loop_
_struct_site_gen.id 
_struct_site_gen.site_id 
_struct_site_gen.pdbx_num_res 
_struct_site_gen.label_comp_id 
_struct_site_gen.label_asym_id 
_struct_site_gen.label_seq_id 
_struct_site_gen.pdbx_auth_ins_code 
_struct_site_gen.auth_comp_id 
_struct_site_gen.auth_asym_id 
_struct_site_gen.auth_seq_id 
_struct_site_gen.label_atom_id 
_struct_site_gen.label_alt_id 
_struct_site_gen.symmetry 
_struct_site_gen.details 
1  AC1 5  TYR A 26 ? TYR A 28  . ? 1_555 ? 
2  AC1 5  GLY A 28 ? GLY A 30  . ? 1_555 ? 
3  AC1 5  GLY A 30 ? GLY A 32  . ? 1_555 ? 
4  AC1 5  GLY A 31 ? GLY A 33  . ? 1_555 ? 
5  AC1 5  ASP A 47 ? ASP A 49  . ? 1_555 ? 
6  AC2 12 TRP A 17 ? TRP A 19  . ? 1_555 ? 
7  AC2 12 CYS A 27 ? CYS A 29  . ? 1_555 ? 
8  AC2 12 GLY A 28 ? GLY A 30  . ? 1_555 ? 
9  AC2 12 LYS A 29 ? LYS A 31  . ? 1_555 ? 
10 AC2 12 ASP A 38 ? ASP A 40  . ? 4_454 ? 
11 AC2 12 ARG A 41 ? ARG A 43  . ? 4_454 ? 
12 AC2 12 CYS A 42 ? CYS A 44  . ? 4_454 ? 
13 AC2 12 CYS A 43 ? CYS A 45  . ? 1_555 ? 
14 AC2 12 THR A 45 ? THR A 47  . ? 4_454 ? 
15 AC2 12 HIS A 46 ? HIS A 48  . ? 1_555 ? 
16 AC2 12 THR A 94 ? THR A 96  . ? 4_454 ? 
17 AC2 12 CYS A 98 ? CYS A 100 . ? 4_454 ? 
# 
_pdbx_entry_details.entry_id                   1TC8 
_pdbx_entry_details.compound_details           ? 
_pdbx_entry_details.source_details             ? 
_pdbx_entry_details.nonpolymer_details         ? 
_pdbx_entry_details.sequence_details           ? 
_pdbx_entry_details.has_ligand_of_interest     ? 
_pdbx_entry_details.has_protein_modification   Y 
# 
loop_
_pdbx_validate_rmsd_angle.id 
_pdbx_validate_rmsd_angle.PDB_model_num 
_pdbx_validate_rmsd_angle.auth_atom_id_1 
_pdbx_validate_rmsd_angle.auth_asym_id_1 
_pdbx_validate_rmsd_angle.auth_comp_id_1 
_pdbx_validate_rmsd_angle.auth_seq_id_1 
_pdbx_validate_rmsd_angle.PDB_ins_code_1 
_pdbx_validate_rmsd_angle.label_alt_id_1 
_pdbx_validate_rmsd_angle.auth_atom_id_2 
_pdbx_validate_rmsd_angle.auth_asym_id_2 
_pdbx_validate_rmsd_angle.auth_comp_id_2 
_pdbx_validate_rmsd_angle.auth_seq_id_2 
_pdbx_validate_rmsd_angle.PDB_ins_code_2 
_pdbx_validate_rmsd_angle.label_alt_id_2 
_pdbx_validate_rmsd_angle.auth_atom_id_3 
_pdbx_validate_rmsd_angle.auth_asym_id_3 
_pdbx_validate_rmsd_angle.auth_comp_id_3 
_pdbx_validate_rmsd_angle.auth_seq_id_3 
_pdbx_validate_rmsd_angle.PDB_ins_code_3 
_pdbx_validate_rmsd_angle.label_alt_id_3 
_pdbx_validate_rmsd_angle.angle_value 
_pdbx_validate_rmsd_angle.angle_target_value 
_pdbx_validate_rmsd_angle.angle_deviation 
_pdbx_validate_rmsd_angle.angle_standard_deviation 
_pdbx_validate_rmsd_angle.linker_flag 
1 1 CA A THR 116 ? ? C A THR 116 ? ? O A THR 116 ? ? 107.10 120.10 -13.00 2.10 N 
2 1 O  A THR 116 ? ? C A THR 116 ? ? N A ASN 117 ? ? 133.40 122.70 10.70  1.60 Y 
# 
loop_
_pdbx_validate_torsion.id 
_pdbx_validate_torsion.PDB_model_num 
_pdbx_validate_torsion.auth_comp_id 
_pdbx_validate_torsion.auth_asym_id 
_pdbx_validate_torsion.auth_seq_id 
_pdbx_validate_torsion.PDB_ins_code 
_pdbx_validate_torsion.label_alt_id 
_pdbx_validate_torsion.phi 
_pdbx_validate_torsion.psi 
1 1 PRO A 20  ? ? -48.14  -18.10  
2 1 ASP A 39  ? ? -134.50 -155.94 
3 1 GLU A 74  ? ? -29.83  114.69  
4 1 SER A 82  ? ? -127.16 -53.19  
5 1 MET A 112 ? ? -150.72 50.25   
6 1 SER A 115 ? ? 57.22   -3.18   
7 1 ASN A 117 ? ? 109.87  -16.00  
8 1 CYS A 119 ? ? -102.79 69.81   
# 
loop_
_chem_comp_atom.comp_id 
_chem_comp_atom.atom_id 
_chem_comp_atom.type_symbol 
_chem_comp_atom.pdbx_aromatic_flag 
_chem_comp_atom.pdbx_stereo_config 
_chem_comp_atom.pdbx_ordinal 
ALA N    N  N N 1   
ALA CA   C  N S 2   
ALA C    C  N N 3   
ALA O    O  N N 4   
ALA CB   C  N N 5   
ALA OXT  O  N N 6   
ALA H    H  N N 7   
ALA H2   H  N N 8   
ALA HA   H  N N 9   
ALA HB1  H  N N 10  
ALA HB2  H  N N 11  
ALA HB3  H  N N 12  
ALA HXT  H  N N 13  
ARG N    N  N N 14  
ARG CA   C  N S 15  
ARG C    C  N N 16  
ARG O    O  N N 17  
ARG CB   C  N N 18  
ARG CG   C  N N 19  
ARG CD   C  N N 20  
ARG NE   N  N N 21  
ARG CZ   C  N N 22  
ARG NH1  N  N N 23  
ARG NH2  N  N N 24  
ARG OXT  O  N N 25  
ARG H    H  N N 26  
ARG H2   H  N N 27  
ARG HA   H  N N 28  
ARG HB2  H  N N 29  
ARG HB3  H  N N 30  
ARG HG2  H  N N 31  
ARG HG3  H  N N 32  
ARG HD2  H  N N 33  
ARG HD3  H  N N 34  
ARG HE   H  N N 35  
ARG HH11 H  N N 36  
ARG HH12 H  N N 37  
ARG HH21 H  N N 38  
ARG HH22 H  N N 39  
ARG HXT  H  N N 40  
ASN N    N  N N 41  
ASN CA   C  N S 42  
ASN C    C  N N 43  
ASN O    O  N N 44  
ASN CB   C  N N 45  
ASN CG   C  N N 46  
ASN OD1  O  N N 47  
ASN ND2  N  N N 48  
ASN OXT  O  N N 49  
ASN H    H  N N 50  
ASN H2   H  N N 51  
ASN HA   H  N N 52  
ASN HB2  H  N N 53  
ASN HB3  H  N N 54  
ASN HD21 H  N N 55  
ASN HD22 H  N N 56  
ASN HXT  H  N N 57  
ASP N    N  N N 58  
ASP CA   C  N S 59  
ASP C    C  N N 60  
ASP O    O  N N 61  
ASP CB   C  N N 62  
ASP CG   C  N N 63  
ASP OD1  O  N N 64  
ASP OD2  O  N N 65  
ASP OXT  O  N N 66  
ASP H    H  N N 67  
ASP H2   H  N N 68  
ASP HA   H  N N 69  
ASP HB2  H  N N 70  
ASP HB3  H  N N 71  
ASP HD2  H  N N 72  
ASP HXT  H  N N 73  
CYS N    N  N N 74  
CYS CA   C  N R 75  
CYS C    C  N N 76  
CYS O    O  N N 77  
CYS CB   C  N N 78  
CYS SG   S  N N 79  
CYS OXT  O  N N 80  
CYS H    H  N N 81  
CYS H2   H  N N 82  
CYS HA   H  N N 83  
CYS HB2  H  N N 84  
CYS HB3  H  N N 85  
CYS HG   H  N N 86  
CYS HXT  H  N N 87  
GLN N    N  N N 88  
GLN CA   C  N S 89  
GLN C    C  N N 90  
GLN O    O  N N 91  
GLN CB   C  N N 92  
GLN CG   C  N N 93  
GLN CD   C  N N 94  
GLN OE1  O  N N 95  
GLN NE2  N  N N 96  
GLN OXT  O  N N 97  
GLN H    H  N N 98  
GLN H2   H  N N 99  
GLN HA   H  N N 100 
GLN HB2  H  N N 101 
GLN HB3  H  N N 102 
GLN HG2  H  N N 103 
GLN HG3  H  N N 104 
GLN HE21 H  N N 105 
GLN HE22 H  N N 106 
GLN HXT  H  N N 107 
GLU N    N  N N 108 
GLU CA   C  N S 109 
GLU C    C  N N 110 
GLU O    O  N N 111 
GLU CB   C  N N 112 
GLU CG   C  N N 113 
GLU CD   C  N N 114 
GLU OE1  O  N N 115 
GLU OE2  O  N N 116 
GLU OXT  O  N N 117 
GLU H    H  N N 118 
GLU H2   H  N N 119 
GLU HA   H  N N 120 
GLU HB2  H  N N 121 
GLU HB3  H  N N 122 
GLU HG2  H  N N 123 
GLU HG3  H  N N 124 
GLU HE2  H  N N 125 
GLU HXT  H  N N 126 
GLY N    N  N N 127 
GLY CA   C  N N 128 
GLY C    C  N N 129 
GLY O    O  N N 130 
GLY OXT  O  N N 131 
GLY H    H  N N 132 
GLY H2   H  N N 133 
GLY HA2  H  N N 134 
GLY HA3  H  N N 135 
GLY HXT  H  N N 136 
HIS N    N  N N 137 
HIS CA   C  N S 138 
HIS C    C  N N 139 
HIS O    O  N N 140 
HIS CB   C  N N 141 
HIS CG   C  Y N 142 
HIS ND1  N  Y N 143 
HIS CD2  C  Y N 144 
HIS CE1  C  Y N 145 
HIS NE2  N  Y N 146 
HIS OXT  O  N N 147 
HIS H    H  N N 148 
HIS H2   H  N N 149 
HIS HA   H  N N 150 
HIS HB2  H  N N 151 
HIS HB3  H  N N 152 
HIS HD1  H  N N 153 
HIS HD2  H  N N 154 
HIS HE1  H  N N 155 
HIS HE2  H  N N 156 
HIS HXT  H  N N 157 
HOH O    O  N N 158 
HOH H1   H  N N 159 
HOH H2   H  N N 160 
ILE N    N  N N 161 
ILE CA   C  N S 162 
ILE C    C  N N 163 
ILE O    O  N N 164 
ILE CB   C  N S 165 
ILE CG1  C  N N 166 
ILE CG2  C  N N 167 
ILE CD1  C  N N 168 
ILE OXT  O  N N 169 
ILE H    H  N N 170 
ILE H2   H  N N 171 
ILE HA   H  N N 172 
ILE HB   H  N N 173 
ILE HG12 H  N N 174 
ILE HG13 H  N N 175 
ILE HG21 H  N N 176 
ILE HG22 H  N N 177 
ILE HG23 H  N N 178 
ILE HD11 H  N N 179 
ILE HD12 H  N N 180 
ILE HD13 H  N N 181 
ILE HXT  H  N N 182 
LEU N    N  N N 183 
LEU CA   C  N S 184 
LEU C    C  N N 185 
LEU O    O  N N 186 
LEU CB   C  N N 187 
LEU CG   C  N N 188 
LEU CD1  C  N N 189 
LEU CD2  C  N N 190 
LEU OXT  O  N N 191 
LEU H    H  N N 192 
LEU H2   H  N N 193 
LEU HA   H  N N 194 
LEU HB2  H  N N 195 
LEU HB3  H  N N 196 
LEU HG   H  N N 197 
LEU HD11 H  N N 198 
LEU HD12 H  N N 199 
LEU HD13 H  N N 200 
LEU HD21 H  N N 201 
LEU HD22 H  N N 202 
LEU HD23 H  N N 203 
LEU HXT  H  N N 204 
LYS N    N  N N 205 
LYS CA   C  N S 206 
LYS C    C  N N 207 
LYS O    O  N N 208 
LYS CB   C  N N 209 
LYS CG   C  N N 210 
LYS CD   C  N N 211 
LYS CE   C  N N 212 
LYS NZ   N  N N 213 
LYS OXT  O  N N 214 
LYS H    H  N N 215 
LYS H2   H  N N 216 
LYS HA   H  N N 217 
LYS HB2  H  N N 218 
LYS HB3  H  N N 219 
LYS HG2  H  N N 220 
LYS HG3  H  N N 221 
LYS HD2  H  N N 222 
LYS HD3  H  N N 223 
LYS HE2  H  N N 224 
LYS HE3  H  N N 225 
LYS HZ1  H  N N 226 
LYS HZ2  H  N N 227 
LYS HZ3  H  N N 228 
LYS HXT  H  N N 229 
MET N    N  N N 230 
MET CA   C  N S 231 
MET C    C  N N 232 
MET O    O  N N 233 
MET CB   C  N N 234 
MET CG   C  N N 235 
MET SD   S  N N 236 
MET CE   C  N N 237 
MET OXT  O  N N 238 
MET H    H  N N 239 
MET H2   H  N N 240 
MET HA   H  N N 241 
MET HB2  H  N N 242 
MET HB3  H  N N 243 
MET HG2  H  N N 244 
MET HG3  H  N N 245 
MET HE1  H  N N 246 
MET HE2  H  N N 247 
MET HE3  H  N N 248 
MET HXT  H  N N 249 
NA  NA   NA N N 250 
PHE N    N  N N 251 
PHE CA   C  N S 252 
PHE C    C  N N 253 
PHE O    O  N N 254 
PHE CB   C  N N 255 
PHE CG   C  Y N 256 
PHE CD1  C  Y N 257 
PHE CD2  C  Y N 258 
PHE CE1  C  Y N 259 
PHE CE2  C  Y N 260 
PHE CZ   C  Y N 261 
PHE OXT  O  N N 262 
PHE H    H  N N 263 
PHE H2   H  N N 264 
PHE HA   H  N N 265 
PHE HB2  H  N N 266 
PHE HB3  H  N N 267 
PHE HD1  H  N N 268 
PHE HD2  H  N N 269 
PHE HE1  H  N N 270 
PHE HE2  H  N N 271 
PHE HZ   H  N N 272 
PHE HXT  H  N N 273 
PRO N    N  N N 274 
PRO CA   C  N S 275 
PRO C    C  N N 276 
PRO O    O  N N 277 
PRO CB   C  N N 278 
PRO CG   C  N N 279 
PRO CD   C  N N 280 
PRO OXT  O  N N 281 
PRO H    H  N N 282 
PRO HA   H  N N 283 
PRO HB2  H  N N 284 
PRO HB3  H  N N 285 
PRO HG2  H  N N 286 
PRO HG3  H  N N 287 
PRO HD2  H  N N 288 
PRO HD3  H  N N 289 
PRO HXT  H  N N 290 
SER N    N  N N 291 
SER CA   C  N S 292 
SER C    C  N N 293 
SER O    O  N N 294 
SER CB   C  N N 295 
SER OG   O  N N 296 
SER OXT  O  N N 297 
SER H    H  N N 298 
SER H2   H  N N 299 
SER HA   H  N N 300 
SER HB2  H  N N 301 
SER HB3  H  N N 302 
SER HG   H  N N 303 
SER HXT  H  N N 304 
TDA O21  O  N N 305 
TDA O22  O  N N 306 
TDA C21  C  N N 307 
TDA C22  C  N N 308 
TDA C23  C  N N 309 
TDA C24  C  N N 310 
TDA C25  C  N N 311 
TDA C26  C  N N 312 
TDA C27  C  N N 313 
TDA C28  C  N N 314 
TDA C29  C  N N 315 
TDA C30  C  N N 316 
TDA C31  C  N N 317 
TDA C32  C  N N 318 
TDA C33  C  N N 319 
TDA H21  H  N N 320 
TDA H222 H  N N 321 
TDA H221 H  N N 322 
TDA H232 H  N N 323 
TDA H231 H  N N 324 
TDA H242 H  N N 325 
TDA H241 H  N N 326 
TDA H252 H  N N 327 
TDA H251 H  N N 328 
TDA H262 H  N N 329 
TDA H261 H  N N 330 
TDA H272 H  N N 331 
TDA H271 H  N N 332 
TDA H282 H  N N 333 
TDA H281 H  N N 334 
TDA H292 H  N N 335 
TDA H291 H  N N 336 
TDA H302 H  N N 337 
TDA H301 H  N N 338 
TDA H312 H  N N 339 
TDA H311 H  N N 340 
TDA H322 H  N N 341 
TDA H321 H  N N 342 
TDA H333 H  N N 343 
TDA H332 H  N N 344 
TDA H331 H  N N 345 
THR N    N  N N 346 
THR CA   C  N S 347 
THR C    C  N N 348 
THR O    O  N N 349 
THR CB   C  N R 350 
THR OG1  O  N N 351 
THR CG2  C  N N 352 
THR OXT  O  N N 353 
THR H    H  N N 354 
THR H2   H  N N 355 
THR HA   H  N N 356 
THR HB   H  N N 357 
THR HG1  H  N N 358 
THR HG21 H  N N 359 
THR HG22 H  N N 360 
THR HG23 H  N N 361 
THR HXT  H  N N 362 
TRP N    N  N N 363 
TRP CA   C  N S 364 
TRP C    C  N N 365 
TRP O    O  N N 366 
TRP CB   C  N N 367 
TRP CG   C  Y N 368 
TRP CD1  C  Y N 369 
TRP CD2  C  Y N 370 
TRP NE1  N  Y N 371 
TRP CE2  C  Y N 372 
TRP CE3  C  Y N 373 
TRP CZ2  C  Y N 374 
TRP CZ3  C  Y N 375 
TRP CH2  C  Y N 376 
TRP OXT  O  N N 377 
TRP H    H  N N 378 
TRP H2   H  N N 379 
TRP HA   H  N N 380 
TRP HB2  H  N N 381 
TRP HB3  H  N N 382 
TRP HD1  H  N N 383 
TRP HE1  H  N N 384 
TRP HE3  H  N N 385 
TRP HZ2  H  N N 386 
TRP HZ3  H  N N 387 
TRP HH2  H  N N 388 
TRP HXT  H  N N 389 
TYR N    N  N N 390 
TYR CA   C  N S 391 
TYR C    C  N N 392 
TYR O    O  N N 393 
TYR CB   C  N N 394 
TYR CG   C  Y N 395 
TYR CD1  C  Y N 396 
TYR CD2  C  Y N 397 
TYR CE1  C  Y N 398 
TYR CE2  C  Y N 399 
TYR CZ   C  Y N 400 
TYR OH   O  N N 401 
TYR OXT  O  N N 402 
TYR H    H  N N 403 
TYR H2   H  N N 404 
TYR HA   H  N N 405 
TYR HB2  H  N N 406 
TYR HB3  H  N N 407 
TYR HD1  H  N N 408 
TYR HD2  H  N N 409 
TYR HE1  H  N N 410 
TYR HE2  H  N N 411 
TYR HH   H  N N 412 
TYR HXT  H  N N 413 
VAL N    N  N N 414 
VAL CA   C  N S 415 
VAL C    C  N N 416 
VAL O    O  N N 417 
VAL CB   C  N N 418 
VAL CG1  C  N N 419 
VAL CG2  C  N N 420 
VAL OXT  O  N N 421 
VAL H    H  N N 422 
VAL H2   H  N N 423 
VAL HA   H  N N 424 
VAL HB   H  N N 425 
VAL HG11 H  N N 426 
VAL HG12 H  N N 427 
VAL HG13 H  N N 428 
VAL HG21 H  N N 429 
VAL HG22 H  N N 430 
VAL HG23 H  N N 431 
VAL HXT  H  N N 432 
# 
loop_
_chem_comp_bond.comp_id 
_chem_comp_bond.atom_id_1 
_chem_comp_bond.atom_id_2 
_chem_comp_bond.value_order 
_chem_comp_bond.pdbx_aromatic_flag 
_chem_comp_bond.pdbx_stereo_config 
_chem_comp_bond.pdbx_ordinal 
ALA N   CA   sing N N 1   
ALA N   H    sing N N 2   
ALA N   H2   sing N N 3   
ALA CA  C    sing N N 4   
ALA CA  CB   sing N N 5   
ALA CA  HA   sing N N 6   
ALA C   O    doub N N 7   
ALA C   OXT  sing N N 8   
ALA CB  HB1  sing N N 9   
ALA CB  HB2  sing N N 10  
ALA CB  HB3  sing N N 11  
ALA OXT HXT  sing N N 12  
ARG N   CA   sing N N 13  
ARG N   H    sing N N 14  
ARG N   H2   sing N N 15  
ARG CA  C    sing N N 16  
ARG CA  CB   sing N N 17  
ARG CA  HA   sing N N 18  
ARG C   O    doub N N 19  
ARG C   OXT  sing N N 20  
ARG CB  CG   sing N N 21  
ARG CB  HB2  sing N N 22  
ARG CB  HB3  sing N N 23  
ARG CG  CD   sing N N 24  
ARG CG  HG2  sing N N 25  
ARG CG  HG3  sing N N 26  
ARG CD  NE   sing N N 27  
ARG CD  HD2  sing N N 28  
ARG CD  HD3  sing N N 29  
ARG NE  CZ   sing N N 30  
ARG NE  HE   sing N N 31  
ARG CZ  NH1  sing N N 32  
ARG CZ  NH2  doub N N 33  
ARG NH1 HH11 sing N N 34  
ARG NH1 HH12 sing N N 35  
ARG NH2 HH21 sing N N 36  
ARG NH2 HH22 sing N N 37  
ARG OXT HXT  sing N N 38  
ASN N   CA   sing N N 39  
ASN N   H    sing N N 40  
ASN N   H2   sing N N 41  
ASN CA  C    sing N N 42  
ASN CA  CB   sing N N 43  
ASN CA  HA   sing N N 44  
ASN C   O    doub N N 45  
ASN C   OXT  sing N N 46  
ASN CB  CG   sing N N 47  
ASN CB  HB2  sing N N 48  
ASN CB  HB3  sing N N 49  
ASN CG  OD1  doub N N 50  
ASN CG  ND2  sing N N 51  
ASN ND2 HD21 sing N N 52  
ASN ND2 HD22 sing N N 53  
ASN OXT HXT  sing N N 54  
ASP N   CA   sing N N 55  
ASP N   H    sing N N 56  
ASP N   H2   sing N N 57  
ASP CA  C    sing N N 58  
ASP CA  CB   sing N N 59  
ASP CA  HA   sing N N 60  
ASP C   O    doub N N 61  
ASP C   OXT  sing N N 62  
ASP CB  CG   sing N N 63  
ASP CB  HB2  sing N N 64  
ASP CB  HB3  sing N N 65  
ASP CG  OD1  doub N N 66  
ASP CG  OD2  sing N N 67  
ASP OD2 HD2  sing N N 68  
ASP OXT HXT  sing N N 69  
CYS N   CA   sing N N 70  
CYS N   H    sing N N 71  
CYS N   H2   sing N N 72  
CYS CA  C    sing N N 73  
CYS CA  CB   sing N N 74  
CYS CA  HA   sing N N 75  
CYS C   O    doub N N 76  
CYS C   OXT  sing N N 77  
CYS CB  SG   sing N N 78  
CYS CB  HB2  sing N N 79  
CYS CB  HB3  sing N N 80  
CYS SG  HG   sing N N 81  
CYS OXT HXT  sing N N 82  
GLN N   CA   sing N N 83  
GLN N   H    sing N N 84  
GLN N   H2   sing N N 85  
GLN CA  C    sing N N 86  
GLN CA  CB   sing N N 87  
GLN CA  HA   sing N N 88  
GLN C   O    doub N N 89  
GLN C   OXT  sing N N 90  
GLN CB  CG   sing N N 91  
GLN CB  HB2  sing N N 92  
GLN CB  HB3  sing N N 93  
GLN CG  CD   sing N N 94  
GLN CG  HG2  sing N N 95  
GLN CG  HG3  sing N N 96  
GLN CD  OE1  doub N N 97  
GLN CD  NE2  sing N N 98  
GLN NE2 HE21 sing N N 99  
GLN NE2 HE22 sing N N 100 
GLN OXT HXT  sing N N 101 
GLU N   CA   sing N N 102 
GLU N   H    sing N N 103 
GLU N   H2   sing N N 104 
GLU CA  C    sing N N 105 
GLU CA  CB   sing N N 106 
GLU CA  HA   sing N N 107 
GLU C   O    doub N N 108 
GLU C   OXT  sing N N 109 
GLU CB  CG   sing N N 110 
GLU CB  HB2  sing N N 111 
GLU CB  HB3  sing N N 112 
GLU CG  CD   sing N N 113 
GLU CG  HG2  sing N N 114 
GLU CG  HG3  sing N N 115 
GLU CD  OE1  doub N N 116 
GLU CD  OE2  sing N N 117 
GLU OE2 HE2  sing N N 118 
GLU OXT HXT  sing N N 119 
GLY N   CA   sing N N 120 
GLY N   H    sing N N 121 
GLY N   H2   sing N N 122 
GLY CA  C    sing N N 123 
GLY CA  HA2  sing N N 124 
GLY CA  HA3  sing N N 125 
GLY C   O    doub N N 126 
GLY C   OXT  sing N N 127 
GLY OXT HXT  sing N N 128 
HIS N   CA   sing N N 129 
HIS N   H    sing N N 130 
HIS N   H2   sing N N 131 
HIS CA  C    sing N N 132 
HIS CA  CB   sing N N 133 
HIS CA  HA   sing N N 134 
HIS C   O    doub N N 135 
HIS C   OXT  sing N N 136 
HIS CB  CG   sing N N 137 
HIS CB  HB2  sing N N 138 
HIS CB  HB3  sing N N 139 
HIS CG  ND1  sing Y N 140 
HIS CG  CD2  doub Y N 141 
HIS ND1 CE1  doub Y N 142 
HIS ND1 HD1  sing N N 143 
HIS CD2 NE2  sing Y N 144 
HIS CD2 HD2  sing N N 145 
HIS CE1 NE2  sing Y N 146 
HIS CE1 HE1  sing N N 147 
HIS NE2 HE2  sing N N 148 
HIS OXT HXT  sing N N 149 
HOH O   H1   sing N N 150 
HOH O   H2   sing N N 151 
ILE N   CA   sing N N 152 
ILE N   H    sing N N 153 
ILE N   H2   sing N N 154 
ILE CA  C    sing N N 155 
ILE CA  CB   sing N N 156 
ILE CA  HA   sing N N 157 
ILE C   O    doub N N 158 
ILE C   OXT  sing N N 159 
ILE CB  CG1  sing N N 160 
ILE CB  CG2  sing N N 161 
ILE CB  HB   sing N N 162 
ILE CG1 CD1  sing N N 163 
ILE CG1 HG12 sing N N 164 
ILE CG1 HG13 sing N N 165 
ILE CG2 HG21 sing N N 166 
ILE CG2 HG22 sing N N 167 
ILE CG2 HG23 sing N N 168 
ILE CD1 HD11 sing N N 169 
ILE CD1 HD12 sing N N 170 
ILE CD1 HD13 sing N N 171 
ILE OXT HXT  sing N N 172 
LEU N   CA   sing N N 173 
LEU N   H    sing N N 174 
LEU N   H2   sing N N 175 
LEU CA  C    sing N N 176 
LEU CA  CB   sing N N 177 
LEU CA  HA   sing N N 178 
LEU C   O    doub N N 179 
LEU C   OXT  sing N N 180 
LEU CB  CG   sing N N 181 
LEU CB  HB2  sing N N 182 
LEU CB  HB3  sing N N 183 
LEU CG  CD1  sing N N 184 
LEU CG  CD2  sing N N 185 
LEU CG  HG   sing N N 186 
LEU CD1 HD11 sing N N 187 
LEU CD1 HD12 sing N N 188 
LEU CD1 HD13 sing N N 189 
LEU CD2 HD21 sing N N 190 
LEU CD2 HD22 sing N N 191 
LEU CD2 HD23 sing N N 192 
LEU OXT HXT  sing N N 193 
LYS N   CA   sing N N 194 
LYS N   H    sing N N 195 
LYS N   H2   sing N N 196 
LYS CA  C    sing N N 197 
LYS CA  CB   sing N N 198 
LYS CA  HA   sing N N 199 
LYS C   O    doub N N 200 
LYS C   OXT  sing N N 201 
LYS CB  CG   sing N N 202 
LYS CB  HB2  sing N N 203 
LYS CB  HB3  sing N N 204 
LYS CG  CD   sing N N 205 
LYS CG  HG2  sing N N 206 
LYS CG  HG3  sing N N 207 
LYS CD  CE   sing N N 208 
LYS CD  HD2  sing N N 209 
LYS CD  HD3  sing N N 210 
LYS CE  NZ   sing N N 211 
LYS CE  HE2  sing N N 212 
LYS CE  HE3  sing N N 213 
LYS NZ  HZ1  sing N N 214 
LYS NZ  HZ2  sing N N 215 
LYS NZ  HZ3  sing N N 216 
LYS OXT HXT  sing N N 217 
MET N   CA   sing N N 218 
MET N   H    sing N N 219 
MET N   H2   sing N N 220 
MET CA  C    sing N N 221 
MET CA  CB   sing N N 222 
MET CA  HA   sing N N 223 
MET C   O    doub N N 224 
MET C   OXT  sing N N 225 
MET CB  CG   sing N N 226 
MET CB  HB2  sing N N 227 
MET CB  HB3  sing N N 228 
MET CG  SD   sing N N 229 
MET CG  HG2  sing N N 230 
MET CG  HG3  sing N N 231 
MET SD  CE   sing N N 232 
MET CE  HE1  sing N N 233 
MET CE  HE2  sing N N 234 
MET CE  HE3  sing N N 235 
MET OXT HXT  sing N N 236 
PHE N   CA   sing N N 237 
PHE N   H    sing N N 238 
PHE N   H2   sing N N 239 
PHE CA  C    sing N N 240 
PHE CA  CB   sing N N 241 
PHE CA  HA   sing N N 242 
PHE C   O    doub N N 243 
PHE C   OXT  sing N N 244 
PHE CB  CG   sing N N 245 
PHE CB  HB2  sing N N 246 
PHE CB  HB3  sing N N 247 
PHE CG  CD1  doub Y N 248 
PHE CG  CD2  sing Y N 249 
PHE CD1 CE1  sing Y N 250 
PHE CD1 HD1  sing N N 251 
PHE CD2 CE2  doub Y N 252 
PHE CD2 HD2  sing N N 253 
PHE CE1 CZ   doub Y N 254 
PHE CE1 HE1  sing N N 255 
PHE CE2 CZ   sing Y N 256 
PHE CE2 HE2  sing N N 257 
PHE CZ  HZ   sing N N 258 
PHE OXT HXT  sing N N 259 
PRO N   CA   sing N N 260 
PRO N   CD   sing N N 261 
PRO N   H    sing N N 262 
PRO CA  C    sing N N 263 
PRO CA  CB   sing N N 264 
PRO CA  HA   sing N N 265 
PRO C   O    doub N N 266 
PRO C   OXT  sing N N 267 
PRO CB  CG   sing N N 268 
PRO CB  HB2  sing N N 269 
PRO CB  HB3  sing N N 270 
PRO CG  CD   sing N N 271 
PRO CG  HG2  sing N N 272 
PRO CG  HG3  sing N N 273 
PRO CD  HD2  sing N N 274 
PRO CD  HD3  sing N N 275 
PRO OXT HXT  sing N N 276 
SER N   CA   sing N N 277 
SER N   H    sing N N 278 
SER N   H2   sing N N 279 
SER CA  C    sing N N 280 
SER CA  CB   sing N N 281 
SER CA  HA   sing N N 282 
SER C   O    doub N N 283 
SER C   OXT  sing N N 284 
SER CB  OG   sing N N 285 
SER CB  HB2  sing N N 286 
SER CB  HB3  sing N N 287 
SER OG  HG   sing N N 288 
SER OXT HXT  sing N N 289 
TDA O21 C21  sing N N 290 
TDA O21 H21  sing N N 291 
TDA O22 C21  doub N N 292 
TDA C21 C22  sing N N 293 
TDA C22 C23  sing N N 294 
TDA C22 H222 sing N N 295 
TDA C22 H221 sing N N 296 
TDA C23 C24  sing N N 297 
TDA C23 H232 sing N N 298 
TDA C23 H231 sing N N 299 
TDA C24 C25  sing N N 300 
TDA C24 H242 sing N N 301 
TDA C24 H241 sing N N 302 
TDA C25 C26  sing N N 303 
TDA C25 H252 sing N N 304 
TDA C25 H251 sing N N 305 
TDA C26 C27  sing N N 306 
TDA C26 H262 sing N N 307 
TDA C26 H261 sing N N 308 
TDA C27 C28  sing N N 309 
TDA C27 H272 sing N N 310 
TDA C27 H271 sing N N 311 
TDA C28 C29  sing N N 312 
TDA C28 H282 sing N N 313 
TDA C28 H281 sing N N 314 
TDA C29 C30  sing N N 315 
TDA C29 H292 sing N N 316 
TDA C29 H291 sing N N 317 
TDA C30 C31  sing N N 318 
TDA C30 H302 sing N N 319 
TDA C30 H301 sing N N 320 
TDA C31 C32  sing N N 321 
TDA C31 H312 sing N N 322 
TDA C31 H311 sing N N 323 
TDA C32 C33  sing N N 324 
TDA C32 H322 sing N N 325 
TDA C32 H321 sing N N 326 
TDA C33 H333 sing N N 327 
TDA C33 H332 sing N N 328 
TDA C33 H331 sing N N 329 
THR N   CA   sing N N 330 
THR N   H    sing N N 331 
THR N   H2   sing N N 332 
THR CA  C    sing N N 333 
THR CA  CB   sing N N 334 
THR CA  HA   sing N N 335 
THR C   O    doub N N 336 
THR C   OXT  sing N N 337 
THR CB  OG1  sing N N 338 
THR CB  CG2  sing N N 339 
THR CB  HB   sing N N 340 
THR OG1 HG1  sing N N 341 
THR CG2 HG21 sing N N 342 
THR CG2 HG22 sing N N 343 
THR CG2 HG23 sing N N 344 
THR OXT HXT  sing N N 345 
TRP N   CA   sing N N 346 
TRP N   H    sing N N 347 
TRP N   H2   sing N N 348 
TRP CA  C    sing N N 349 
TRP CA  CB   sing N N 350 
TRP CA  HA   sing N N 351 
TRP C   O    doub N N 352 
TRP C   OXT  sing N N 353 
TRP CB  CG   sing N N 354 
TRP CB  HB2  sing N N 355 
TRP CB  HB3  sing N N 356 
TRP CG  CD1  doub Y N 357 
TRP CG  CD2  sing Y N 358 
TRP CD1 NE1  sing Y N 359 
TRP CD1 HD1  sing N N 360 
TRP CD2 CE2  doub Y N 361 
TRP CD2 CE3  sing Y N 362 
TRP NE1 CE2  sing Y N 363 
TRP NE1 HE1  sing N N 364 
TRP CE2 CZ2  sing Y N 365 
TRP CE3 CZ3  doub Y N 366 
TRP CE3 HE3  sing N N 367 
TRP CZ2 CH2  doub Y N 368 
TRP CZ2 HZ2  sing N N 369 
TRP CZ3 CH2  sing Y N 370 
TRP CZ3 HZ3  sing N N 371 
TRP CH2 HH2  sing N N 372 
TRP OXT HXT  sing N N 373 
TYR N   CA   sing N N 374 
TYR N   H    sing N N 375 
TYR N   H2   sing N N 376 
TYR CA  C    sing N N 377 
TYR CA  CB   sing N N 378 
TYR CA  HA   sing N N 379 
TYR C   O    doub N N 380 
TYR C   OXT  sing N N 381 
TYR CB  CG   sing N N 382 
TYR CB  HB2  sing N N 383 
TYR CB  HB3  sing N N 384 
TYR CG  CD1  doub Y N 385 
TYR CG  CD2  sing Y N 386 
TYR CD1 CE1  sing Y N 387 
TYR CD1 HD1  sing N N 388 
TYR CD2 CE2  doub Y N 389 
TYR CD2 HD2  sing N N 390 
TYR CE1 CZ   doub Y N 391 
TYR CE1 HE1  sing N N 392 
TYR CE2 CZ   sing Y N 393 
TYR CE2 HE2  sing N N 394 
TYR CZ  OH   sing N N 395 
TYR OH  HH   sing N N 396 
TYR OXT HXT  sing N N 397 
VAL N   CA   sing N N 398 
VAL N   H    sing N N 399 
VAL N   H2   sing N N 400 
VAL CA  C    sing N N 401 
VAL CA  CB   sing N N 402 
VAL CA  HA   sing N N 403 
VAL C   O    doub N N 404 
VAL C   OXT  sing N N 405 
VAL CB  CG1  sing N N 406 
VAL CB  CG2  sing N N 407 
VAL CB  HB   sing N N 408 
VAL CG1 HG11 sing N N 409 
VAL CG1 HG12 sing N N 410 
VAL CG1 HG13 sing N N 411 
VAL CG2 HG21 sing N N 412 
VAL CG2 HG22 sing N N 413 
VAL CG2 HG23 sing N N 414 
VAL OXT HXT  sing N N 415 
# 
_pdbx_initial_refinement_model.id               1 
_pdbx_initial_refinement_model.entity_id_list   ? 
_pdbx_initial_refinement_model.type             'experimental model' 
_pdbx_initial_refinement_model.source_name      PDB 
_pdbx_initial_refinement_model.accession_code   1FE5 
_pdbx_initial_refinement_model.details          ? 
# 
_atom_sites.entry_id                    1TC8 
_atom_sites.fract_transf_matrix[1][1]   0.01041525 
_atom_sites.fract_transf_matrix[1][2]   0.01484731 
_atom_sites.fract_transf_matrix[1][3]   -0.00408720 
_atom_sites.fract_transf_matrix[2][1]   -0.00691521 
_atom_sites.fract_transf_matrix[2][2]   0.00010048 
_atom_sites.fract_transf_matrix[2][3]   -0.01725674 
_atom_sites.fract_transf_matrix[3][1]   -0.00897104 
_atom_sites.fract_transf_matrix[3][2]   0.00729441 
_atom_sites.fract_transf_matrix[3][3]   0.00363740 
_atom_sites.fract_transf_vector[1]      0.058221 
_atom_sites.fract_transf_vector[2]      0.505081 
_atom_sites.fract_transf_vector[3]      0.061785 
# 
loop_
_atom_type.symbol 
C  
N  
NA 
O  
S  
# 
loop_
_atom_site.group_PDB 
_atom_site.id 
_atom_site.type_symbol 
_atom_site.label_atom_id 
_atom_site.label_alt_id 
_atom_site.label_comp_id 
_atom_site.label_asym_id 
_atom_site.label_entity_id 
_atom_site.label_seq_id 
_atom_site.pdbx_PDB_ins_code 
_atom_site.Cartn_x 
_atom_site.Cartn_y 
_atom_site.Cartn_z 
_atom_site.occupancy 
_atom_site.B_iso_or_equiv 
_atom_site.pdbx_formal_charge 
_atom_site.auth_seq_id 
_atom_site.auth_comp_id 
_atom_site.auth_asym_id 
_atom_site.auth_atom_id 
_atom_site.pdbx_PDB_model_num 
ATOM   1   N  N   . ASN A 1 1   ? 7.448   2.048   -6.675  1.00 25.32 ? 1   ASN A N   1 
ATOM   2   C  CA  . ASN A 1 1   ? 8.369   0.872   -6.683  1.00 23.31 ? 1   ASN A CA  1 
ATOM   3   C  C   . ASN A 1 1   ? 8.017   -0.021  -5.497  1.00 21.41 ? 1   ASN A C   1 
ATOM   4   O  O   . ASN A 1 1   ? 7.968   0.429   -4.359  1.00 19.25 ? 1   ASN A O   1 
ATOM   5   C  CB  . ASN A 1 1   ? 9.814   1.356   -6.581  1.00 24.81 ? 1   ASN A CB  1 
ATOM   6   C  CG  . ASN A 1 1   ? 10.818  0.240   -6.737  1.00 24.12 ? 1   ASN A CG  1 
ATOM   7   O  OD1 . ASN A 1 1   ? 10.712  -0.795  -6.085  1.00 24.50 ? 1   ASN A OD1 1 
ATOM   8   N  ND2 . ASN A 1 1   ? 11.813  0.450   -7.596  1.00 23.10 ? 1   ASN A ND2 1 
ATOM   9   N  N   . LEU A 1 2   ? 7.773   -1.294  -5.774  1.00 22.11 ? 2   LEU A N   1 
ATOM   10  C  CA  . LEU A 1 2   ? 7.393   -2.246  -4.735  1.00 21.75 ? 2   LEU A CA  1 
ATOM   11  C  C   . LEU A 1 2   ? 8.356   -2.269  -3.545  1.00 21.57 ? 2   LEU A C   1 
ATOM   12  O  O   . LEU A 1 2   ? 7.922   -2.389  -2.394  1.00 20.21 ? 2   LEU A O   1 
ATOM   13  C  CB  . LEU A 1 2   ? 7.241   -3.644  -5.353  1.00 21.12 ? 2   LEU A CB  1 
ATOM   14  C  CG  . LEU A 1 2   ? 6.020   -4.442  -4.868  1.00 21.23 ? 2   LEU A CG  1 
ATOM   15  C  CD1 . LEU A 1 2   ? 4.783   -3.555  -4.857  1.00 21.67 ? 2   LEU A CD1 1 
ATOM   16  C  CD2 . LEU A 1 2   ? 5.799   -5.643  -5.759  1.00 19.28 ? 2   LEU A CD2 1 
ATOM   17  N  N   . TYR A 1 3   ? 9.655   -2.143  -3.812  1.00 21.70 ? 3   TYR A N   1 
ATOM   18  C  CA  . TYR A 1 3   ? 10.642  -2.131  -2.735  1.00 20.97 ? 3   TYR A CA  1 
ATOM   19  C  C   . TYR A 1 3   ? 10.625  -0.803  -1.956  1.00 20.98 ? 3   TYR A C   1 
ATOM   20  O  O   . TYR A 1 3   ? 10.715  -0.800  -0.729  1.00 20.53 ? 3   TYR A O   1 
ATOM   21  C  CB  . TYR A 1 3   ? 12.042  -2.397  -3.287  1.00 20.86 ? 3   TYR A CB  1 
ATOM   22  C  CG  . TYR A 1 3   ? 13.097  -2.541  -2.202  1.00 21.16 ? 3   TYR A CG  1 
ATOM   23  C  CD1 . TYR A 1 3   ? 14.138  -1.612  -2.071  1.00 21.71 ? 3   TYR A CD1 1 
ATOM   24  C  CD2 . TYR A 1 3   ? 13.042  -3.591  -1.288  1.00 20.64 ? 3   TYR A CD2 1 
ATOM   25  C  CE1 . TYR A 1 3   ? 15.095  -1.728  -1.049  1.00 21.97 ? 3   TYR A CE1 1 
ATOM   26  C  CE2 . TYR A 1 3   ? 13.992  -3.719  -0.269  1.00 21.81 ? 3   TYR A CE2 1 
ATOM   27  C  CZ  . TYR A 1 3   ? 15.016  -2.784  -0.151  1.00 22.43 ? 3   TYR A CZ  1 
ATOM   28  O  OH  . TYR A 1 3   ? 15.951  -2.906  0.865   1.00 22.29 ? 3   TYR A OH  1 
ATOM   29  N  N   . GLN A 1 4   ? 10.521  0.321   -2.658  1.00 21.07 ? 4   GLN A N   1 
ATOM   30  C  CA  . GLN A 1 4   ? 10.462  1.621   -1.981  1.00 23.40 ? 4   GLN A CA  1 
ATOM   31  C  C   . GLN A 1 4   ? 9.228   1.632   -1.079  1.00 23.47 ? 4   GLN A C   1 
ATOM   32  O  O   . GLN A 1 4   ? 9.265   2.137   0.046   1.00 24.43 ? 4   GLN A O   1 
ATOM   33  C  CB  . GLN A 1 4   ? 10.357  2.777   -2.990  1.00 24.15 ? 4   GLN A CB  1 
ATOM   34  C  CG  . GLN A 1 4   ? 11.570  2.952   -3.895  1.00 25.01 ? 4   GLN A CG  1 
ATOM   35  C  CD  . GLN A 1 4   ? 11.340  3.990   -4.979  1.00 25.74 ? 4   GLN A CD  1 
ATOM   36  O  OE1 . GLN A 1 4   ? 10.311  3.986   -5.653  1.00 27.36 ? 4   GLN A OE1 1 
ATOM   37  N  NE2 . GLN A 1 4   ? 12.305  4.875   -5.160  1.00 26.80 ? 4   GLN A NE2 1 
ATOM   38  N  N   . LEU A 1 5   ? 8.132   1.080   -1.587  1.00 22.86 ? 5   LEU A N   1 
ATOM   39  C  CA  . LEU A 1 5   ? 6.899   1.000   -0.826  1.00 22.66 ? 5   LEU A CA  1 
ATOM   40  C  C   . LEU A 1 5   ? 7.158   0.266   0.492   1.00 24.63 ? 5   LEU A C   1 
ATOM   41  O  O   . LEU A 1 5   ? 6.620   0.633   1.544   1.00 24.81 ? 5   LEU A O   1 
ATOM   42  C  CB  . LEU A 1 5   ? 5.844   0.258   -1.640  1.00 21.03 ? 5   LEU A CB  1 
ATOM   43  C  CG  . LEU A 1 5   ? 4.649   -0.302  -0.869  1.00 18.80 ? 5   LEU A CG  1 
ATOM   44  C  CD1 . LEU A 1 5   ? 3.980   0.804   -0.085  1.00 17.86 ? 5   LEU A CD1 1 
ATOM   45  C  CD2 . LEU A 1 5   ? 3.679   -0.956  -1.843  1.00 18.35 ? 5   LEU A CD2 1 
ATOM   46  N  N   . MET A 1 6   ? 7.990   -0.771  0.434   1.00 25.62 ? 6   MET A N   1 
ATOM   47  C  CA  . MET A 1 6   ? 8.306   -1.532  1.633   1.00 26.45 ? 6   MET A CA  1 
ATOM   48  C  C   . MET A 1 6   ? 8.860   -0.586  2.676   1.00 26.02 ? 6   MET A C   1 
ATOM   49  O  O   . MET A 1 6   ? 8.450   -0.613  3.835   1.00 25.91 ? 6   MET A O   1 
ATOM   50  C  CB  . MET A 1 6   ? 9.350   -2.615  1.353   1.00 28.09 ? 6   MET A CB  1 
ATOM   51  C  CG  . MET A 1 6   ? 9.673   -3.439  2.594   1.00 30.06 ? 6   MET A CG  1 
ATOM   52  S  SD  . MET A 1 6   ? 11.064  -4.572  2.431   1.00 31.59 ? 6   MET A SD  1 
ATOM   53  C  CE  . MET A 1 6   ? 12.201  -3.964  3.763   1.00 30.18 ? 6   MET A CE  1 
ATOM   54  N  N   . ASN A 1 7   ? 9.795   0.253   2.249   1.00 26.24 ? 7   ASN A N   1 
ATOM   55  C  CA  . ASN A 1 7   ? 10.434  1.213   3.138   1.00 27.37 ? 7   ASN A CA  1 
ATOM   56  C  C   . ASN A 1 7   ? 9.524   2.300   3.697   1.00 26.34 ? 7   ASN A C   1 
ATOM   57  O  O   . ASN A 1 7   ? 9.735   2.775   4.808   1.00 23.98 ? 7   ASN A O   1 
ATOM   58  C  CB  . ASN A 1 7   ? 11.625  1.847   2.430   1.00 30.75 ? 7   ASN A CB  1 
ATOM   59  C  CG  . ASN A 1 7   ? 12.723  0.851   2.170   1.00 32.90 ? 7   ASN A CG  1 
ATOM   60  O  OD1 . ASN A 1 7   ? 12.761  -0.218  2.791   1.00 34.45 ? 7   ASN A OD1 1 
ATOM   61  N  ND2 . ASN A 1 7   ? 13.636  1.193   1.266   1.00 34.09 ? 7   ASN A ND2 1 
ATOM   62  N  N   . MET A 1 8   ? 8.529   2.721   2.931   1.00 26.08 ? 8   MET A N   1 
ATOM   63  C  CA  . MET A 1 8   ? 7.624   3.721   3.453   1.00 26.75 ? 8   MET A CA  1 
ATOM   64  C  C   . MET A 1 8   ? 6.912   3.036   4.617   1.00 28.35 ? 8   MET A C   1 
ATOM   65  O  O   . MET A 1 8   ? 6.713   3.616   5.687   1.00 28.97 ? 8   MET A O   1 
ATOM   66  C  CB  . MET A 1 8   ? 6.621   4.146   2.386   1.00 25.60 ? 8   MET A CB  1 
ATOM   67  C  CG  . MET A 1 8   ? 7.253   4.859   1.205   1.00 24.63 ? 8   MET A CG  1 
ATOM   68  S  SD  . MET A 1 8   ? 6.053   5.647   0.103   1.00 23.16 ? 8   MET A SD  1 
ATOM   69  C  CE  . MET A 1 8   ? 6.987   6.956   -0.531  1.00 24.62 ? 8   MET A CE  1 
ATOM   70  N  N   . ILE A 1 9   ? 6.537   1.786   4.409   1.00 28.69 ? 9   ILE A N   1 
ATOM   71  C  CA  . ILE A 1 9   ? 5.877   1.047   5.462   1.00 30.33 ? 9   ILE A CA  1 
ATOM   72  C  C   . ILE A 1 9   ? 6.840   0.918   6.644   1.00 32.46 ? 9   ILE A C   1 
ATOM   73  O  O   . ILE A 1 9   ? 6.437   1.022   7.801   1.00 33.60 ? 9   ILE A O   1 
ATOM   74  C  CB  . ILE A 1 9   ? 5.445   -0.345  4.956   1.00 30.70 ? 9   ILE A CB  1 
ATOM   75  C  CG1 . ILE A 1 9   ? 4.378   -0.172  3.872   1.00 30.25 ? 9   ILE A CG1 1 
ATOM   76  C  CG2 . ILE A 1 9   ? 4.937   -1.201  6.110   1.00 29.09 ? 9   ILE A CG2 1 
ATOM   77  C  CD1 . ILE A 1 9   ? 3.884   -1.453  3.282   1.00 30.41 ? 9   ILE A CD1 1 
ATOM   78  N  N   . GLN A 1 10  ? 8.118   0.708   6.350   1.00 34.22 ? 10  GLN A N   1 
ATOM   79  C  CA  . GLN A 1 10  ? 9.124   0.562   7.401   1.00 36.69 ? 10  GLN A CA  1 
ATOM   80  C  C   . GLN A 1 10  ? 9.278   1.898   8.142   1.00 37.36 ? 10  GLN A C   1 
ATOM   81  O  O   . GLN A 1 10  ? 9.222   1.949   9.371   1.00 37.60 ? 10  GLN A O   1 
ATOM   82  C  CB  . GLN A 1 10  ? 10.464  0.121   6.777   1.00 36.90 ? 10  GLN A CB  1 
ATOM   83  C  CG  . GLN A 1 10  ? 11.366  -0.726  7.687   1.00 37.55 ? 10  GLN A CG  1 
ATOM   84  C  CD  . GLN A 1 10  ? 12.318  -1.634  6.900   1.00 35.79 ? 10  GLN A CD  1 
ATOM   85  O  OE1 . GLN A 1 10  ? 13.373  -1.201  6.451   1.00 38.02 ? 10  GLN A OE1 1 
ATOM   86  N  NE2 . GLN A 1 10  ? 11.932  -2.893  6.721   1.00 36.06 ? 10  GLN A NE2 1 
ATOM   87  N  N   . CYS A 1 11  ? 9.437   2.967   7.360   1.00 38.53 ? 11  CYS A N   1 
ATOM   88  C  CA  . CYS A 1 11  ? 9.608   4.346   7.828   1.00 39.15 ? 11  CYS A CA  1 
ATOM   89  C  C   . CYS A 1 11  ? 8.444   4.956   8.625   1.00 40.26 ? 11  CYS A C   1 
ATOM   90  O  O   . CYS A 1 11  ? 8.625   5.973   9.292   1.00 41.03 ? 11  CYS A O   1 
ATOM   91  C  CB  . CYS A 1 11  ? 9.888   5.252   6.613   1.00 39.07 ? 11  CYS A CB  1 
ATOM   92  S  SG  . CYS A 1 11  ? 10.054  7.036   6.970   1.00 38.16 ? 11  CYS A SG  1 
ATOM   93  N  N   . ALA A 1 12  ? 7.262   4.349   8.575   1.00 41.24 ? 12  ALA A N   1 
ATOM   94  C  CA  . ALA A 1 12  ? 6.113   4.923   9.268   1.00 42.05 ? 12  ALA A CA  1 
ATOM   95  C  C   . ALA A 1 12  ? 5.403   4.062   10.305  1.00 42.75 ? 12  ALA A C   1 
ATOM   96  O  O   . ALA A 1 12  ? 4.434   4.524   10.896  1.00 44.05 ? 12  ALA A O   1 
ATOM   97  C  CB  . ALA A 1 12  ? 5.086   5.410   8.237   1.00 41.56 ? 12  ALA A CB  1 
ATOM   98  N  N   . ASN A 1 13  ? 5.861   2.835   10.540  1.00 42.58 ? 13  ASN A N   1 
ATOM   99  C  CA  . ASN A 1 13  ? 5.189   1.975   11.508  1.00 44.18 ? 13  ASN A CA  1 
ATOM   100 C  C   . ASN A 1 13  ? 6.162   1.159   12.340  1.00 45.47 ? 13  ASN A C   1 
ATOM   101 O  O   . ASN A 1 13  ? 7.378   1.315   12.227  1.00 46.78 ? 13  ASN A O   1 
ATOM   102 C  CB  . ASN A 1 13  ? 4.237   1.020   10.782  1.00 45.40 ? 13  ASN A CB  1 
ATOM   103 C  CG  . ASN A 1 13  ? 3.210   0.375   11.713  1.00 46.73 ? 13  ASN A CG  1 
ATOM   104 O  OD1 . ASN A 1 13  ? 2.449   -0.493  11.284  1.00 46.31 ? 13  ASN A OD1 1 
ATOM   105 N  ND2 . ASN A 1 13  ? 3.177   0.800   12.979  1.00 46.18 ? 13  ASN A ND2 1 
ATOM   106 N  N   . THR A 1 14  ? 5.604   0.287   13.175  1.00 46.03 ? 14  THR A N   1 
ATOM   107 C  CA  . THR A 1 14  ? 6.370   -0.599  14.047  1.00 46.03 ? 14  THR A CA  1 
ATOM   108 C  C   . THR A 1 14  ? 6.264   -1.995  13.437  1.00 45.21 ? 14  THR A C   1 
ATOM   109 O  O   . THR A 1 14  ? 7.188   -2.804  13.527  1.00 45.84 ? 14  THR A O   1 
ATOM   110 C  CB  . THR A 1 14  ? 5.762   -0.645  15.478  1.00 46.91 ? 14  THR A CB  1 
ATOM   111 O  OG1 . THR A 1 14  ? 4.757   -1.668  15.550  1.00 46.94 ? 14  THR A OG1 1 
ATOM   112 C  CG2 . THR A 1 14  ? 5.112   0.690   15.824  1.00 47.11 ? 14  THR A CG2 1 
ATOM   113 N  N   . ARG A 1 15  ? 5.119   -2.257  12.810  1.00 44.53 ? 17  ARG A N   1 
ATOM   114 C  CA  . ARG A 1 15  ? 4.850   -3.541  12.191  1.00 43.70 ? 17  ARG A CA  1 
ATOM   115 C  C   . ARG A 1 15  ? 5.702   -3.766  10.956  1.00 42.79 ? 17  ARG A C   1 
ATOM   116 O  O   . ARG A 1 15  ? 5.797   -2.911  10.073  1.00 42.48 ? 17  ARG A O   1 
ATOM   117 C  CB  . ARG A 1 15  ? 3.377   -3.649  11.817  1.00 43.46 ? 17  ARG A CB  1 
ATOM   118 C  CG  . ARG A 1 15  ? 2.449   -3.278  12.942  1.00 44.99 ? 17  ARG A CG  1 
ATOM   119 C  CD  . ARG A 1 15  ? 1.032   -3.730  12.666  1.00 46.91 ? 17  ARG A CD  1 
ATOM   120 N  NE  . ARG A 1 15  ? 0.089   -2.926  13.433  1.00 49.68 ? 17  ARG A NE  1 
ATOM   121 C  CZ  . ARG A 1 15  ? -0.466  -1.802  12.985  1.00 51.17 ? 17  ARG A CZ  1 
ATOM   122 N  NH1 . ARG A 1 15  ? -0.183  -1.356  11.764  1.00 50.75 ? 17  ARG A NH1 1 
ATOM   123 N  NH2 . ARG A 1 15  ? -1.283  -1.104  13.766  1.00 51.52 ? 17  ARG A NH2 1 
ATOM   124 N  N   . THR A 1 16  ? 6.305   -4.944  10.912  1.00 42.69 ? 18  THR A N   1 
ATOM   125 C  CA  . THR A 1 16  ? 7.174   -5.366  9.829   1.00 42.73 ? 18  THR A CA  1 
ATOM   126 C  C   . THR A 1 16  ? 6.464   -5.675  8.491   1.00 42.29 ? 18  THR A C   1 
ATOM   127 O  O   . THR A 1 16  ? 5.243   -5.612  8.380   1.00 41.14 ? 18  THR A O   1 
ATOM   128 C  CB  . THR A 1 16  ? 7.943   -6.595  10.282  1.00 44.43 ? 18  THR A CB  1 
ATOM   129 O  OG1 . THR A 1 16  ? 7.007   -7.623  10.618  1.00 44.68 ? 18  THR A OG1 1 
ATOM   130 C  CG2 . THR A 1 16  ? 8.742   -6.285  11.524  1.00 43.02 ? 18  THR A CG2 1 
ATOM   131 N  N   . TRP A 1 17  ? 7.259   -6.027  7.487   1.00 43.13 ? 19  TRP A N   1 
ATOM   132 C  CA  . TRP A 1 17  ? 6.786   -6.329  6.138   1.00 44.66 ? 19  TRP A CA  1 
ATOM   133 C  C   . TRP A 1 17  ? 5.812   -7.518  6.038   1.00 43.85 ? 19  TRP A C   1 
ATOM   134 O  O   . TRP A 1 17  ? 4.638   -7.313  5.723   1.00 44.14 ? 19  TRP A O   1 
ATOM   135 C  CB  . TRP A 1 17  ? 8.015   -6.526  5.231   1.00 47.02 ? 19  TRP A CB  1 
ATOM   136 C  CG  . TRP A 1 17  ? 7.735   -6.713  3.778   1.00 49.43 ? 19  TRP A CG  1 
ATOM   137 C  CD1 . TRP A 1 17  ? 8.155   -7.747  2.991   1.00 49.88 ? 19  TRP A CD1 1 
ATOM   138 C  CD2 . TRP A 1 17  ? 6.999   -5.831  2.925   1.00 51.50 ? 19  TRP A CD2 1 
ATOM   139 N  NE1 . TRP A 1 17  ? 7.728   -7.563  1.698   1.00 51.89 ? 19  TRP A NE1 1 
ATOM   140 C  CE2 . TRP A 1 17  ? 7.021   -6.391  1.627   1.00 52.28 ? 19  TRP A CE2 1 
ATOM   141 C  CE3 . TRP A 1 17  ? 6.336   -4.613  3.127   1.00 52.26 ? 19  TRP A CE3 1 
ATOM   142 C  CZ2 . TRP A 1 17  ? 6.384   -5.779  0.533   1.00 52.71 ? 19  TRP A CZ2 1 
ATOM   143 C  CZ3 . TRP A 1 17  ? 5.705   -4.003  2.037   1.00 52.37 ? 19  TRP A CZ3 1 
ATOM   144 C  CH2 . TRP A 1 17  ? 5.741   -4.587  0.756   1.00 51.96 ? 19  TRP A CH2 1 
ATOM   145 N  N   . PRO A 1 18  ? 6.271   -8.765  6.304   1.00 43.66 ? 20  PRO A N   1 
ATOM   146 C  CA  . PRO A 1 18  ? 5.410   -9.957  6.234   1.00 43.76 ? 20  PRO A CA  1 
ATOM   147 C  C   . PRO A 1 18  ? 4.111   -9.728  6.974   1.00 43.61 ? 20  PRO A C   1 
ATOM   148 O  O   . PRO A 1 18  ? 3.137   -10.466 6.800   1.00 44.36 ? 20  PRO A O   1 
ATOM   149 C  CB  . PRO A 1 18  ? 6.239   -11.027 6.925   1.00 43.25 ? 20  PRO A CB  1 
ATOM   150 C  CG  . PRO A 1 18  ? 7.613   -10.646 6.568   1.00 44.27 ? 20  PRO A CG  1 
ATOM   151 C  CD  . PRO A 1 18  ? 7.607   -9.148  6.788   1.00 43.95 ? 20  PRO A CD  1 
ATOM   152 N  N   . SER A 1 19  ? 4.129   -8.715  7.833   1.00 41.99 ? 21  SER A N   1 
ATOM   153 C  CA  . SER A 1 19  ? 2.969   -8.346  8.616   1.00 39.79 ? 21  SER A CA  1 
ATOM   154 C  C   . SER A 1 19  ? 1.825   -7.968  7.685   1.00 37.49 ? 21  SER A C   1 
ATOM   155 O  O   . SER A 1 19  ? 0.658   -8.166  8.007   1.00 37.10 ? 21  SER A O   1 
ATOM   156 C  CB  . SER A 1 19  ? 3.313   -7.165  9.518   1.00 40.62 ? 21  SER A CB  1 
ATOM   157 O  OG  . SER A 1 19  ? 2.152   -6.631  10.129  1.00 43.52 ? 21  SER A OG  1 
ATOM   158 N  N   . TYR A 1 20  ? 2.164   -7.439  6.519   1.00 35.54 ? 22  TYR A N   1 
ATOM   159 C  CA  . TYR A 1 20  ? 1.144   -7.022  5.576   1.00 35.92 ? 22  TYR A CA  1 
ATOM   160 C  C   . TYR A 1 20  ? 1.047   -7.879  4.325   1.00 36.78 ? 22  TYR A C   1 
ATOM   161 O  O   . TYR A 1 20  ? 0.015   -7.871  3.637   1.00 35.96 ? 22  TYR A O   1 
ATOM   162 C  CB  . TYR A 1 20  ? 1.388   -5.572  5.169   1.00 34.72 ? 22  TYR A CB  1 
ATOM   163 C  CG  . TYR A 1 20  ? 1.407   -4.619  6.336   1.00 33.66 ? 22  TYR A CG  1 
ATOM   164 C  CD1 . TYR A 1 20  ? 2.610   -4.203  6.905   1.00 32.65 ? 22  TYR A CD1 1 
ATOM   165 C  CD2 . TYR A 1 20  ? 0.218   -4.139  6.882   1.00 32.82 ? 22  TYR A CD2 1 
ATOM   166 C  CE1 . TYR A 1 20  ? 2.628   -3.331  7.988   1.00 31.30 ? 22  TYR A CE1 1 
ATOM   167 C  CE2 . TYR A 1 20  ? 0.226   -3.271  7.963   1.00 31.92 ? 22  TYR A CE2 1 
ATOM   168 C  CZ  . TYR A 1 20  ? 1.432   -2.868  8.504   1.00 31.26 ? 22  TYR A CZ  1 
ATOM   169 O  OH  . TYR A 1 20  ? 1.439   -1.971  9.537   1.00 30.71 ? 22  TYR A OH  1 
ATOM   170 N  N   . THR A 1 21  ? 2.115   -8.617  4.033   1.00 38.10 ? 23  THR A N   1 
ATOM   171 C  CA  . THR A 1 21  ? 2.165   -9.451  2.841   1.00 39.05 ? 23  THR A CA  1 
ATOM   172 C  C   . THR A 1 21  ? 0.878   -10.212 2.562   1.00 38.06 ? 23  THR A C   1 
ATOM   173 O  O   . THR A 1 21  ? 0.472   -10.346 1.410   1.00 37.22 ? 23  THR A O   1 
ATOM   174 C  CB  . THR A 1 21  ? 3.372   -10.422 2.891   1.00 40.46 ? 23  THR A CB  1 
ATOM   175 O  OG1 . THR A 1 21  ? 4.483   -9.822  2.211   1.00 40.80 ? 23  THR A OG1 1 
ATOM   176 C  CG2 . THR A 1 21  ? 3.052   -11.730 2.214   1.00 40.23 ? 23  THR A CG2 1 
ATOM   177 N  N   . ASN A 1 22  ? 0.228   -10.699 3.608   1.00 37.80 ? 24  ASN A N   1 
ATOM   178 C  CA  . ASN A 1 22  ? -1.022  -11.426 3.421   1.00 39.32 ? 24  ASN A CA  1 
ATOM   179 C  C   . ASN A 1 22  ? -1.883  -11.258 4.672   1.00 38.15 ? 24  ASN A C   1 
ATOM   180 O  O   . ASN A 1 22  ? -1.767  -12.031 5.627   1.00 39.34 ? 24  ASN A O   1 
ATOM   181 C  CB  . ASN A 1 22  ? -0.721  -12.909 3.150   1.00 40.95 ? 24  ASN A CB  1 
ATOM   182 C  CG  . ASN A 1 22  ? -1.918  -13.662 2.589   1.00 41.98 ? 24  ASN A CG  1 
ATOM   183 O  OD1 . ASN A 1 22  ? -2.892  -13.934 3.296   1.00 43.29 ? 24  ASN A OD1 1 
ATOM   184 N  ND2 . ASN A 1 22  ? -1.847  -14.004 1.308   1.00 42.91 ? 24  ASN A ND2 1 
ATOM   185 N  N   . TYR A 1 23  ? -2.729  -10.229 4.661   1.00 35.39 ? 25  TYR A N   1 
ATOM   186 C  CA  . TYR A 1 23  ? -3.602  -9.926  5.784   1.00 32.79 ? 25  TYR A CA  1 
ATOM   187 C  C   . TYR A 1 23  ? -4.952  -9.531  5.236   1.00 31.51 ? 25  TYR A C   1 
ATOM   188 O  O   . TYR A 1 23  ? -5.028  -8.838  4.223   1.00 31.31 ? 25  TYR A O   1 
ATOM   189 C  CB  . TYR A 1 23  ? -3.008  -8.776  6.597   1.00 32.71 ? 25  TYR A CB  1 
ATOM   190 C  CG  . TYR A 1 23  ? -3.920  -8.194  7.657   1.00 32.94 ? 25  TYR A CG  1 
ATOM   191 C  CD1 . TYR A 1 23  ? -5.022  -7.407  7.314   1.00 31.30 ? 25  TYR A CD1 1 
ATOM   192 C  CD2 . TYR A 1 23  ? -3.666  -8.419  9.011   1.00 32.96 ? 25  TYR A CD2 1 
ATOM   193 C  CE1 . TYR A 1 23  ? -5.842  -6.863  8.292   1.00 31.67 ? 25  TYR A CE1 1 
ATOM   194 C  CE2 . TYR A 1 23  ? -4.479  -7.877  9.996   1.00 32.33 ? 25  TYR A CE2 1 
ATOM   195 C  CZ  . TYR A 1 23  ? -5.563  -7.098  9.633   1.00 32.57 ? 25  TYR A CZ  1 
ATOM   196 O  OH  . TYR A 1 23  ? -6.350  -6.542  10.624  1.00 34.71 ? 25  TYR A OH  1 
ATOM   197 N  N   . GLY A 1 24  ? -6.017  -9.975  5.899   1.00 29.88 ? 26  GLY A N   1 
ATOM   198 C  CA  . GLY A 1 24  ? -7.356  -9.648  5.443   1.00 30.06 ? 26  GLY A CA  1 
ATOM   199 C  C   . GLY A 1 24  ? -7.674  -10.109 4.026   1.00 30.36 ? 26  GLY A C   1 
ATOM   200 O  O   . GLY A 1 24  ? -7.094  -11.074 3.534   1.00 29.12 ? 26  GLY A O   1 
ATOM   201 N  N   . CYS A 1 25  ? -8.595  -9.403  3.369   1.00 31.77 ? 27  CYS A N   1 
ATOM   202 C  CA  . CYS A 1 25  ? -9.027  -9.726  2.006   1.00 32.20 ? 27  CYS A CA  1 
ATOM   203 C  C   . CYS A 1 25  ? -8.321  -8.979  0.872   1.00 31.17 ? 27  CYS A C   1 
ATOM   204 O  O   . CYS A 1 25  ? -8.387  -9.409  -0.285  1.00 29.51 ? 27  CYS A O   1 
ATOM   205 C  CB  . CYS A 1 25  ? -10.527 -9.472  1.850   1.00 35.52 ? 27  CYS A CB  1 
ATOM   206 S  SG  . CYS A 1 25  ? -11.645 -10.596 2.745   1.00 40.42 ? 27  CYS A SG  1 
ATOM   207 N  N   . TYR A 1 26  ? -7.656  -7.869  1.189   1.00 30.17 ? 28  TYR A N   1 
ATOM   208 C  CA  . TYR A 1 26  ? -6.983  -7.082  0.162   1.00 29.46 ? 28  TYR A CA  1 
ATOM   209 C  C   . TYR A 1 26  ? -5.485  -6.849  0.328   1.00 30.20 ? 28  TYR A C   1 
ATOM   210 O  O   . TYR A 1 26  ? -4.797  -6.561  -0.645  1.00 31.32 ? 28  TYR A O   1 
ATOM   211 C  CB  . TYR A 1 26  ? -7.677  -5.723  0.003   1.00 29.60 ? 28  TYR A CB  1 
ATOM   212 C  CG  . TYR A 1 26  ? -8.976  -5.779  -0.776  1.00 28.50 ? 28  TYR A CG  1 
ATOM   213 C  CD1 . TYR A 1 26  ? -10.181 -6.081  -0.146  1.00 27.21 ? 28  TYR A CD1 1 
ATOM   214 C  CD2 . TYR A 1 26  ? -8.983  -5.601  -2.165  1.00 28.71 ? 28  TYR A CD2 1 
ATOM   215 C  CE1 . TYR A 1 26  ? -11.361 -6.208  -0.877  1.00 27.51 ? 28  TYR A CE1 1 
ATOM   216 C  CE2 . TYR A 1 26  ? -10.155 -5.730  -2.904  1.00 27.61 ? 28  TYR A CE2 1 
ATOM   217 C  CZ  . TYR A 1 26  ? -11.340 -6.035  -2.255  1.00 27.83 ? 28  TYR A CZ  1 
ATOM   218 O  OH  . TYR A 1 26  ? -12.502 -6.159  -2.984  1.00 26.66 ? 28  TYR A OH  1 
ATOM   219 N  N   . CYS A 1 27  ? -4.965  -6.935  1.543   1.00 29.61 ? 29  CYS A N   1 
ATOM   220 C  CA  . CYS A 1 27  ? -3.539  -6.725  1.703   1.00 30.30 ? 29  CYS A CA  1 
ATOM   221 C  C   . CYS A 1 27  ? -2.857  -7.912  1.052   1.00 32.33 ? 29  CYS A C   1 
ATOM   222 O  O   . CYS A 1 27  ? -3.030  -9.053  1.487   1.00 33.86 ? 29  CYS A O   1 
ATOM   223 C  CB  . CYS A 1 27  ? -3.179  -6.625  3.181   1.00 29.19 ? 29  CYS A CB  1 
ATOM   224 S  SG  . CYS A 1 27  ? -4.080  -5.279  4.005   1.00 25.64 ? 29  CYS A SG  1 
ATOM   225 N  N   . GLY A 1 28  ? -2.097  -7.637  -0.002  1.00 32.99 ? 30  GLY A N   1 
ATOM   226 C  CA  . GLY A 1 28  ? -1.422  -8.693  -0.730  1.00 35.14 ? 30  GLY A CA  1 
ATOM   227 C  C   . GLY A 1 28  ? -1.757  -8.499  -2.193  1.00 37.05 ? 30  GLY A C   1 
ATOM   228 O  O   . GLY A 1 28  ? -2.355  -7.484  -2.544  1.00 37.49 ? 30  GLY A O   1 
ATOM   229 N  N   . LYS A 1 29  ? -1.377  -9.444  -3.050  1.00 38.12 ? 31  LYS A N   1 
ATOM   230 C  CA  . LYS A 1 29  ? -1.666  -9.340  -4.487  1.00 38.01 ? 31  LYS A CA  1 
ATOM   231 C  C   . LYS A 1 29  ? -3.167  -9.507  -4.782  1.00 37.37 ? 31  LYS A C   1 
ATOM   232 O  O   . LYS A 1 29  ? -3.793  -10.477 -4.356  1.00 35.92 ? 31  LYS A O   1 
ATOM   233 C  CB  . LYS A 1 29  ? -0.857  -10.393 -5.262  1.00 38.11 ? 31  LYS A CB  1 
ATOM   234 C  CG  . LYS A 1 29  ? -1.291  -10.628 -6.710  1.00 39.33 ? 31  LYS A CG  1 
ATOM   235 C  CD  . LYS A 1 29  ? -1.103  -9.389  -7.571  1.00 41.43 ? 31  LYS A CD  1 
ATOM   236 C  CE  . LYS A 1 29  ? -1.649  -9.605  -8.979  1.00 41.54 ? 31  LYS A CE  1 
ATOM   237 N  NZ  . LYS A 1 29  ? -0.946  -10.711 -9.690  1.00 42.09 ? 31  LYS A NZ  1 
ATOM   238 N  N   . GLY A 1 30  ? -3.740  -8.552  -5.507  1.00 37.13 ? 32  GLY A N   1 
ATOM   239 C  CA  . GLY A 1 30  ? -5.149  -8.631  -5.846  1.00 36.90 ? 32  GLY A CA  1 
ATOM   240 C  C   . GLY A 1 30  ? -6.039  -8.705  -4.626  1.00 36.58 ? 32  GLY A C   1 
ATOM   241 O  O   . GLY A 1 30  ? -5.564  -8.942  -3.524  1.00 36.05 ? 32  GLY A O   1 
ATOM   242 N  N   . GLY A 1 31  ? -7.336  -8.502  -4.818  1.00 36.94 ? 33  GLY A N   1 
ATOM   243 C  CA  . GLY A 1 31  ? -8.250  -8.541  -3.695  1.00 37.05 ? 33  GLY A CA  1 
ATOM   244 C  C   . GLY A 1 31  ? -9.643  -9.009  -4.055  1.00 36.83 ? 33  GLY A C   1 
ATOM   245 O  O   . GLY A 1 31  ? -10.138 -8.758  -5.156  1.00 36.47 ? 33  GLY A O   1 
ATOM   246 N  N   . SER A 1 32  ? -10.283 -9.682  -3.107  1.00 36.37 ? 34  SER A N   1 
ATOM   247 C  CA  . SER A 1 32  ? -11.617 -10.212 -3.321  1.00 35.67 ? 34  SER A CA  1 
ATOM   248 C  C   . SER A 1 32  ? -12.496 -10.034 -2.088  1.00 34.78 ? 34  SER A C   1 
ATOM   249 O  O   . SER A 1 32  ? -12.004 -9.933  -0.965  1.00 35.64 ? 34  SER A O   1 
ATOM   250 C  CB  . SER A 1 32  ? -11.514 -11.698 -3.674  1.00 36.65 ? 34  SER A CB  1 
ATOM   251 O  OG  . SER A 1 32  ? -12.774 -12.237 -4.023  1.00 38.19 ? 34  SER A OG  1 
ATOM   252 N  N   . GLY A 1 33  ? -13.805 -9.994  -2.308  1.00 33.63 ? 35  GLY A N   1 
ATOM   253 C  CA  . GLY A 1 33  ? -14.733 -9.845  -1.204  1.00 32.67 ? 35  GLY A CA  1 
ATOM   254 C  C   . GLY A 1 33  ? -14.835 -8.416  -0.728  1.00 31.83 ? 35  GLY A C   1 
ATOM   255 O  O   . GLY A 1 33  ? -14.522 -7.487  -1.469  1.00 31.67 ? 35  GLY A O   1 
ATOM   256 N  N   . THR A 1 34  ? -15.297 -8.236  0.505   1.00 31.92 ? 36  THR A N   1 
ATOM   257 C  CA  . THR A 1 34  ? -15.411 -6.905  1.086   1.00 32.62 ? 36  THR A CA  1 
ATOM   258 C  C   . THR A 1 34  ? -14.309 -6.751  2.132   1.00 33.19 ? 36  THR A C   1 
ATOM   259 O  O   . THR A 1 34  ? -14.036 -7.679  2.897   1.00 32.86 ? 36  THR A O   1 
ATOM   260 C  CB  . THR A 1 34  ? -16.809 -6.679  1.757   1.00 32.61 ? 36  THR A CB  1 
ATOM   261 O  OG1 . THR A 1 34  ? -17.780 -6.387  0.749   1.00 33.46 ? 36  THR A OG1 1 
ATOM   262 C  CG2 . THR A 1 34  ? -16.779 -5.499  2.730   1.00 31.16 ? 36  THR A CG2 1 
ATOM   263 N  N   . PRO A 1 35  ? -13.639 -5.587  2.154   1.00 33.38 ? 37  PRO A N   1 
ATOM   264 C  CA  . PRO A 1 35  ? -12.568 -5.333  3.123   1.00 34.81 ? 37  PRO A CA  1 
ATOM   265 C  C   . PRO A 1 35  ? -13.000 -5.795  4.526   1.00 35.57 ? 37  PRO A C   1 
ATOM   266 O  O   . PRO A 1 35  ? -14.176 -5.676  4.888   1.00 36.85 ? 37  PRO A O   1 
ATOM   267 C  CB  . PRO A 1 35  ? -12.386 -3.824  3.025   1.00 34.08 ? 37  PRO A CB  1 
ATOM   268 C  CG  . PRO A 1 35  ? -12.631 -3.563  1.573   1.00 33.26 ? 37  PRO A CG  1 
ATOM   269 C  CD  . PRO A 1 35  ? -13.816 -4.444  1.240   1.00 33.42 ? 37  PRO A CD  1 
ATOM   270 N  N   . VAL A 1 36  ? -12.057 -6.315  5.310   1.00 36.14 ? 38  VAL A N   1 
ATOM   271 C  CA  . VAL A 1 36  ? -12.347 -6.830  6.656   1.00 37.25 ? 38  VAL A CA  1 
ATOM   272 C  C   . VAL A 1 36  ? -12.487 -5.789  7.770   1.00 37.25 ? 38  VAL A C   1 
ATOM   273 O  O   . VAL A 1 36  ? -13.487 -5.748  8.489   1.00 36.24 ? 38  VAL A O   1 
ATOM   274 C  CB  . VAL A 1 36  ? -11.266 -7.840  7.076   1.00 37.09 ? 38  VAL A CB  1 
ATOM   275 C  CG1 . VAL A 1 36  ? -11.514 -8.317  8.492   1.00 37.88 ? 38  VAL A CG1 1 
ATOM   276 C  CG2 . VAL A 1 36  ? -11.267 -9.002  6.109   1.00 37.70 ? 38  VAL A CG2 1 
ATOM   277 N  N   . ASP A 1 37  ? -11.452 -4.976  7.925   1.00 37.62 ? 39  ASP A N   1 
ATOM   278 C  CA  . ASP A 1 37  ? -11.420 -3.927  8.925   1.00 36.69 ? 39  ASP A CA  1 
ATOM   279 C  C   . ASP A 1 37  ? -10.895 -2.703  8.203   1.00 37.00 ? 39  ASP A C   1 
ATOM   280 O  O   . ASP A 1 37  ? -10.985 -2.621  6.971   1.00 36.50 ? 39  ASP A O   1 
ATOM   281 C  CB  . ASP A 1 37  ? -10.483 -4.314  10.057  1.00 37.06 ? 39  ASP A CB  1 
ATOM   282 C  CG  . ASP A 1 37  ? -9.268  -5.060  9.558   1.00 37.83 ? 39  ASP A CG  1 
ATOM   283 O  OD1 . ASP A 1 37  ? -8.622  -4.575  8.603   1.00 39.21 ? 39  ASP A OD1 1 
ATOM   284 O  OD2 . ASP A 1 37  ? -8.961  -6.133  10.117  1.00 38.50 ? 39  ASP A OD2 1 
ATOM   285 N  N   . ASP A 1 38  ? -10.312 -1.766  8.938   1.00 36.22 ? 40  ASP A N   1 
ATOM   286 C  CA  . ASP A 1 38  ? -9.853  -0.571  8.278   1.00 35.92 ? 40  ASP A CA  1 
ATOM   287 C  C   . ASP A 1 38  ? -8.443  -0.682  7.742   1.00 34.73 ? 40  ASP A C   1 
ATOM   288 O  O   . ASP A 1 38  ? -8.028  0.114   6.892   1.00 35.17 ? 40  ASP A O   1 
ATOM   289 C  CB  . ASP A 1 38  ? -10.040 0.635   9.198   1.00 39.94 ? 40  ASP A CB  1 
ATOM   290 C  CG  . ASP A 1 38  ? -8.940  0.801   10.188  1.00 43.06 ? 40  ASP A CG  1 
ATOM   291 O  OD1 . ASP A 1 38  ? -8.110  1.712   9.983   1.00 45.54 ? 40  ASP A OD1 1 
ATOM   292 O  OD2 . ASP A 1 38  ? -8.913  0.030   11.168  1.00 47.27 ? 40  ASP A OD2 1 
ATOM   293 N  N   . LEU A 1 39  ? -7.707  -1.679  8.218   1.00 32.86 ? 41  LEU A N   1 
ATOM   294 C  CA  . LEU A 1 39  ? -6.359  -1.881  7.714   1.00 30.87 ? 41  LEU A CA  1 
ATOM   295 C  C   . LEU A 1 39  ? -6.526  -2.493  6.326   1.00 29.19 ? 41  LEU A C   1 
ATOM   296 O  O   . LEU A 1 39  ? -5.817  -2.145  5.379   1.00 28.62 ? 41  LEU A O   1 
ATOM   297 C  CB  . LEU A 1 39  ? -5.574  -2.832  8.611   1.00 30.30 ? 41  LEU A CB  1 
ATOM   298 C  CG  . LEU A 1 39  ? -4.211  -3.230  8.033   1.00 29.74 ? 41  LEU A CG  1 
ATOM   299 C  CD1 . LEU A 1 39  ? -3.355  -1.993  7.828   1.00 28.91 ? 41  LEU A CD1 1 
ATOM   300 C  CD2 . LEU A 1 39  ? -3.531  -4.222  8.957   1.00 29.71 ? 41  LEU A CD2 1 
ATOM   301 N  N   . ASP A 1 40  ? -7.481  -3.405  6.208   1.00 26.84 ? 42  ASP A N   1 
ATOM   302 C  CA  . ASP A 1 40  ? -7.739  -4.039  4.929   1.00 24.96 ? 42  ASP A CA  1 
ATOM   303 C  C   . ASP A 1 40  ? -8.268  -2.974  3.975   1.00 24.15 ? 42  ASP A C   1 
ATOM   304 O  O   . ASP A 1 40  ? -8.043  -3.052  2.765   1.00 22.67 ? 42  ASP A O   1 
ATOM   305 C  CB  . ASP A 1 40  ? -8.767  -5.158  5.081   1.00 24.68 ? 42  ASP A CB  1 
ATOM   306 C  CG  . ASP A 1 40  ? -8.707  -6.168  3.940   1.00 23.93 ? 42  ASP A CG  1 
ATOM   307 O  OD1 . ASP A 1 40  ? -9.622  -7.013  3.847   1.00 23.72 ? 42  ASP A OD1 1 
ATOM   308 O  OD2 . ASP A 1 40  ? -7.745  -6.126  3.142   1.00 21.13 ? 42  ASP A OD2 1 
ATOM   309 N  N   . ARG A 1 41  ? -8.966  -1.977  4.525   1.00 24.36 ? 43  ARG A N   1 
ATOM   310 C  CA  . ARG A 1 41  ? -9.514  -0.884  3.718   1.00 23.78 ? 43  ARG A CA  1 
ATOM   311 C  C   . ARG A 1 41  ? -8.352  -0.068  3.170   1.00 22.79 ? 43  ARG A C   1 
ATOM   312 O  O   . ARG A 1 41  ? -8.448  0.556   2.112   1.00 20.98 ? 43  ARG A O   1 
ATOM   313 C  CB  . ARG A 1 41  ? -10.421 0.028   4.553   1.00 24.49 ? 43  ARG A CB  1 
ATOM   314 C  CG  . ARG A 1 41  ? -11.781 -0.548  4.915   1.00 26.07 ? 43  ARG A CG  1 
ATOM   315 C  CD  . ARG A 1 41  ? -12.637 0.518   5.590   1.00 28.66 ? 43  ARG A CD  1 
ATOM   316 N  NE  . ARG A 1 41  ? -14.006 0.075   5.854   1.00 32.05 ? 43  ARG A NE  1 
ATOM   317 C  CZ  . ARG A 1 41  ? -15.018 0.901   6.119   1.00 33.45 ? 43  ARG A CZ  1 
ATOM   318 N  NH1 . ARG A 1 41  ? -14.817 2.210   6.153   1.00 34.72 ? 43  ARG A NH1 1 
ATOM   319 N  NH2 . ARG A 1 41  ? -16.232 0.424   6.349   1.00 34.11 ? 43  ARG A NH2 1 
ATOM   320 N  N   . CYS A 1 42  ? -7.251  -0.061  3.907   1.00 22.78 ? 44  CYS A N   1 
ATOM   321 C  CA  . CYS A 1 42  ? -6.082  0.665   3.449   1.00 23.59 ? 44  CYS A CA  1 
ATOM   322 C  C   . CYS A 1 42  ? -5.591  -0.033  2.190   1.00 23.88 ? 44  CYS A C   1 
ATOM   323 O  O   . CYS A 1 42  ? -5.236  0.607   1.199   1.00 24.67 ? 44  CYS A O   1 
ATOM   324 C  CB  . CYS A 1 42  ? -4.976  0.620   4.491   1.00 23.08 ? 44  CYS A CB  1 
ATOM   325 S  SG  . CYS A 1 42  ? -5.254  1.562   6.015   1.00 21.84 ? 44  CYS A SG  1 
ATOM   326 N  N   . CYS A 1 43  ? -5.580  -1.358  2.239   1.00 23.05 ? 45  CYS A N   1 
ATOM   327 C  CA  . CYS A 1 43  ? -5.125  -2.152  1.117   1.00 22.69 ? 45  CYS A CA  1 
ATOM   328 C  C   . CYS A 1 43  ? -6.063  -2.062  -0.070  1.00 21.76 ? 45  CYS A C   1 
ATOM   329 O  O   . CYS A 1 43  ? -5.618  -2.075  -1.211  1.00 23.70 ? 45  CYS A O   1 
ATOM   330 C  CB  . CYS A 1 43  ? -4.934  -3.590  1.572   1.00 22.66 ? 45  CYS A CB  1 
ATOM   331 S  SG  . CYS A 1 43  ? -3.658  -3.648  2.875   1.00 23.57 ? 45  CYS A SG  1 
ATOM   332 N  N   . TYR A 1 44  ? -7.359  -1.949  0.197   1.00 20.88 ? 46  TYR A N   1 
ATOM   333 C  CA  . TYR A 1 44  ? -8.354  -1.826  -0.872  1.00 18.49 ? 46  TYR A CA  1 
ATOM   334 C  C   . TYR A 1 44  ? -8.041  -0.590  -1.699  1.00 17.25 ? 46  TYR A C   1 
ATOM   335 O  O   . TYR A 1 44  ? -7.862  -0.661  -2.910  1.00 16.58 ? 46  TYR A O   1 
ATOM   336 C  CB  . TYR A 1 44  ? -9.767  -1.673  -0.291  1.00 17.02 ? 46  TYR A CB  1 
ATOM   337 C  CG  . TYR A 1 44  ? -10.862 -1.526  -1.337  1.00 16.90 ? 46  TYR A CG  1 
ATOM   338 C  CD1 . TYR A 1 44  ? -11.430 -2.644  -1.933  1.00 16.11 ? 46  TYR A CD1 1 
ATOM   339 C  CD2 . TYR A 1 44  ? -11.312 -0.266  -1.746  1.00 19.08 ? 46  TYR A CD2 1 
ATOM   340 C  CE1 . TYR A 1 44  ? -12.415 -2.525  -2.908  1.00 16.93 ? 46  TYR A CE1 1 
ATOM   341 C  CE2 . TYR A 1 44  ? -12.307 -0.131  -2.732  1.00 18.20 ? 46  TYR A CE2 1 
ATOM   342 C  CZ  . TYR A 1 44  ? -12.852 -1.272  -3.307  1.00 17.94 ? 46  TYR A CZ  1 
ATOM   343 O  OH  . TYR A 1 44  ? -13.834 -1.173  -4.278  1.00 17.36 ? 46  TYR A OH  1 
ATOM   344 N  N   . THR A 1 45  ? -7.986  0.546   -1.022  1.00 17.23 ? 47  THR A N   1 
ATOM   345 C  CA  . THR A 1 45  ? -7.713  1.813   -1.667  1.00 17.70 ? 47  THR A CA  1 
ATOM   346 C  C   . THR A 1 45  ? -6.381  1.807   -2.392  1.00 18.90 ? 47  THR A C   1 
ATOM   347 O  O   . THR A 1 45  ? -6.299  2.235   -3.548  1.00 18.48 ? 47  THR A O   1 
ATOM   348 C  CB  . THR A 1 45  ? -7.730  2.953   -0.642  1.00 18.01 ? 47  THR A CB  1 
ATOM   349 O  OG1 . THR A 1 45  ? -9.071  3.150   -0.176  1.00 19.03 ? 47  THR A OG1 1 
ATOM   350 C  CG2 . THR A 1 45  ? -7.228  4.234   -1.264  1.00 17.62 ? 47  THR A CG2 1 
ATOM   351 N  N   . HIS A 1 46  ? -5.339  1.325   -1.717  1.00 20.03 ? 48  HIS A N   1 
ATOM   352 C  CA  . HIS A 1 46  ? -4.016  1.271   -2.330  1.00 21.46 ? 48  HIS A CA  1 
ATOM   353 C  C   . HIS A 1 46  ? -4.185  0.632   -3.702  1.00 22.42 ? 48  HIS A C   1 
ATOM   354 O  O   . HIS A 1 46  ? -3.773  1.190   -4.721  1.00 23.08 ? 48  HIS A O   1 
ATOM   355 C  CB  . HIS A 1 46  ? -3.042  0.434   -1.478  1.00 21.07 ? 48  HIS A CB  1 
ATOM   356 C  CG  . HIS A 1 46  ? -1.632  0.432   -1.995  1.00 21.88 ? 48  HIS A CG  1 
ATOM   357 N  ND1 . HIS A 1 46  ? -1.000  -0.708  -2.442  1.00 22.99 ? 48  HIS A ND1 1 
ATOM   358 C  CD2 . HIS A 1 46  ? -0.734  1.439   -2.141  1.00 22.10 ? 48  HIS A CD2 1 
ATOM   359 C  CE1 . HIS A 1 46  ? 0.225   -0.406  -2.840  1.00 21.46 ? 48  HIS A CE1 1 
ATOM   360 N  NE2 . HIS A 1 46  ? 0.412   0.889   -2.669  1.00 19.70 ? 48  HIS A NE2 1 
ATOM   361 N  N   . ASP A 1 47  ? -4.808  -0.540  -3.708  1.00 22.52 ? 49  ASP A N   1 
ATOM   362 C  CA  . ASP A 1 47  ? -5.069  -1.284  -4.925  1.00 21.43 ? 49  ASP A CA  1 
ATOM   363 C  C   . ASP A 1 47  ? -5.626  -0.368  -6.005  1.00 21.30 ? 49  ASP A C   1 
ATOM   364 O  O   . ASP A 1 47  ? -5.028  -0.186  -7.068  1.00 22.29 ? 49  ASP A O   1 
ATOM   365 C  CB  . ASP A 1 47  ? -6.070  -2.384  -4.612  1.00 21.89 ? 49  ASP A CB  1 
ATOM   366 C  CG  . ASP A 1 47  ? -5.405  -3.676  -4.226  1.00 23.53 ? 49  ASP A CG  1 
ATOM   367 O  OD1 . ASP A 1 47  ? -4.529  -3.674  -3.330  1.00 24.03 ? 49  ASP A OD1 1 
ATOM   368 O  OD2 . ASP A 1 47  ? -5.770  -4.705  -4.830  1.00 25.38 ? 49  ASP A OD2 1 
ATOM   369 N  N   . HIS A 1 48  ? -6.779  0.216   -5.710  1.00 20.82 ? 50  HIS A N   1 
ATOM   370 C  CA  . HIS A 1 48  ? -7.457  1.112   -6.630  1.00 19.77 ? 50  HIS A CA  1 
ATOM   371 C  C   . HIS A 1 48  ? -6.594  2.263   -7.094  1.00 18.07 ? 50  HIS A C   1 
ATOM   372 O  O   . HIS A 1 48  ? -6.713  2.710   -8.229  1.00 16.67 ? 50  HIS A O   1 
ATOM   373 C  CB  . HIS A 1 48  ? -8.731  1.631   -5.977  1.00 21.84 ? 50  HIS A CB  1 
ATOM   374 C  CG  . HIS A 1 48  ? -9.865  0.669   -6.067  1.00 22.98 ? 50  HIS A CG  1 
ATOM   375 N  ND1 . HIS A 1 48  ? -10.854 0.779   -7.020  1.00 24.19 ? 50  HIS A ND1 1 
ATOM   376 C  CD2 . HIS A 1 48  ? -10.106 -0.485  -5.402  1.00 24.73 ? 50  HIS A CD2 1 
ATOM   377 C  CE1 . HIS A 1 48  ? -11.654 -0.270  -6.942  1.00 26.14 ? 50  HIS A CE1 1 
ATOM   378 N  NE2 . HIS A 1 48  ? -11.222 -1.053  -5.969  1.00 26.48 ? 50  HIS A NE2 1 
ATOM   379 N  N   . CYS A 1 49  ? -5.742  2.748   -6.201  1.00 18.08 ? 51  CYS A N   1 
ATOM   380 C  CA  . CYS A 1 49  ? -4.829  3.828   -6.526  1.00 18.38 ? 51  CYS A CA  1 
ATOM   381 C  C   . CYS A 1 49  ? -3.928  3.303   -7.650  1.00 20.11 ? 51  CYS A C   1 
ATOM   382 O  O   . CYS A 1 49  ? -3.705  3.969   -8.657  1.00 19.21 ? 51  CYS A O   1 
ATOM   383 C  CB  . CYS A 1 49  ? -3.994  4.168   -5.299  1.00 17.30 ? 51  CYS A CB  1 
ATOM   384 S  SG  . CYS A 1 49  ? -3.197  5.793   -5.385  1.00 18.31 ? 51  CYS A SG  1 
ATOM   385 N  N   . TYR A 1 50  ? -3.434  2.081   -7.474  1.00 22.91 ? 52  TYR A N   1 
ATOM   386 C  CA  . TYR A 1 50  ? -2.563  1.451   -8.456  1.00 24.26 ? 52  TYR A CA  1 
ATOM   387 C  C   . TYR A 1 50  ? -3.258  1.236   -9.786  1.00 25.18 ? 52  TYR A C   1 
ATOM   388 O  O   . TYR A 1 50  ? -2.622  1.335   -10.836 1.00 25.66 ? 52  TYR A O   1 
ATOM   389 C  CB  . TYR A 1 50  ? -2.021  0.120   -7.916  1.00 23.68 ? 52  TYR A CB  1 
ATOM   390 C  CG  . TYR A 1 50  ? -0.696  0.253   -7.175  1.00 23.89 ? 52  TYR A CG  1 
ATOM   391 C  CD1 . TYR A 1 50  ? -0.384  1.409   -6.444  1.00 22.35 ? 52  TYR A CD1 1 
ATOM   392 C  CD2 . TYR A 1 50  ? 0.239   -0.786  -7.189  1.00 22.79 ? 52  TYR A CD2 1 
ATOM   393 C  CE1 . TYR A 1 50  ? 0.821   1.518   -5.755  1.00 21.34 ? 52  TYR A CE1 1 
ATOM   394 C  CE2 . TYR A 1 50  ? 1.443   -0.682  -6.503  1.00 20.47 ? 52  TYR A CE2 1 
ATOM   395 C  CZ  . TYR A 1 50  ? 1.727   0.467   -5.795  1.00 20.83 ? 52  TYR A CZ  1 
ATOM   396 O  OH  . TYR A 1 50  ? 2.934   0.564   -5.149  1.00 20.32 ? 52  TYR A OH  1 
ATOM   397 N  N   . ASN A 1 51  ? -4.554  0.946   -9.761  1.00 26.51 ? 53  ASN A N   1 
ATOM   398 C  CA  . ASN A 1 51  ? -5.261  0.754   -11.023 1.00 28.04 ? 53  ASN A CA  1 
ATOM   399 C  C   . ASN A 1 51  ? -5.303  2.081   -11.786 1.00 29.05 ? 53  ASN A C   1 
ATOM   400 O  O   . ASN A 1 51  ? -5.031  2.129   -12.986 1.00 29.91 ? 53  ASN A O   1 
ATOM   401 C  CB  . ASN A 1 51  ? -6.686  0.230   -10.796 1.00 28.07 ? 53  ASN A CB  1 
ATOM   402 C  CG  . ASN A 1 51  ? -6.726  -1.267  -10.516 1.00 27.76 ? 53  ASN A CG  1 
ATOM   403 O  OD1 . ASN A 1 51  ? -5.813  -2.008  -10.890 1.00 28.66 ? 53  ASN A OD1 1 
ATOM   404 N  ND2 . ASN A 1 51  ? -7.797  -1.720  -9.874  1.00 27.69 ? 53  ASN A ND2 1 
ATOM   405 N  N   . ASP A 1 52  ? -5.621  3.162   -11.085 1.00 29.28 ? 54  ASP A N   1 
ATOM   406 C  CA  . ASP A 1 52  ? -5.689  4.475   -11.716 1.00 29.34 ? 54  ASP A CA  1 
ATOM   407 C  C   . ASP A 1 52  ? -4.325  4.886   -12.262 1.00 29.12 ? 54  ASP A C   1 
ATOM   408 O  O   . ASP A 1 52  ? -4.223  5.437   -13.355 1.00 28.48 ? 54  ASP A O   1 
ATOM   409 C  CB  . ASP A 1 52  ? -6.198  5.509   -10.706 1.00 29.18 ? 54  ASP A CB  1 
ATOM   410 C  CG  . ASP A 1 52  ? -7.455  6.217   -11.187 1.00 30.44 ? 54  ASP A CG  1 
ATOM   411 O  OD1 . ASP A 1 52  ? -8.346  5.544   -11.749 1.00 28.50 ? 54  ASP A OD1 1 
ATOM   412 O  OD2 . ASP A 1 52  ? -7.556  7.446   -10.997 1.00 32.83 ? 54  ASP A OD2 1 
ATOM   413 N  N   . ALA A 1 53  ? -3.278  4.611   -11.491 1.00 29.66 ? 55  ALA A N   1 
ATOM   414 C  CA  . ALA A 1 53  ? -1.924  4.939   -11.895 1.00 28.96 ? 55  ALA A CA  1 
ATOM   415 C  C   . ALA A 1 53  ? -1.684  4.343   -13.261 1.00 30.07 ? 55  ALA A C   1 
ATOM   416 O  O   . ALA A 1 53  ? -1.135  4.996   -14.147 1.00 31.62 ? 55  ALA A O   1 
ATOM   417 C  CB  . ALA A 1 53  ? -0.938  4.374   -10.919 1.00 28.27 ? 55  ALA A CB  1 
ATOM   418 N  N   . LYS A 1 54  ? -2.109  3.101   -13.440 1.00 29.57 ? 56  LYS A N   1 
ATOM   419 C  CA  . LYS A 1 54  ? -1.904  2.453   -14.720 1.00 31.12 ? 56  LYS A CA  1 
ATOM   420 C  C   . LYS A 1 54  ? -2.463  3.269   -15.882 1.00 32.30 ? 56  LYS A C   1 
ATOM   421 O  O   . LYS A 1 54  ? -2.061  3.062   -17.023 1.00 34.83 ? 56  LYS A O   1 
ATOM   422 C  CB  . LYS A 1 54  ? -2.492  1.039   -14.706 1.00 30.38 ? 56  LYS A CB  1 
ATOM   423 C  CG  . LYS A 1 54  ? -1.749  0.073   -13.764 1.00 29.63 ? 56  LYS A CG  1 
ATOM   424 C  CD  . LYS A 1 54  ? -2.420  -1.291  -13.742 1.00 30.01 ? 56  LYS A CD  1 
ATOM   425 C  CE  . LYS A 1 54  ? -1.741  -2.292  -12.814 1.00 29.00 ? 56  LYS A CE  1 
ATOM   426 N  NZ  . LYS A 1 54  ? -2.518  -3.572  -12.727 1.00 29.14 ? 56  LYS A NZ  1 
ATOM   427 N  N   . ASN A 1 55  ? -3.355  4.214   -15.594 1.00 32.73 ? 57  ASN A N   1 
ATOM   428 C  CA  . ASN A 1 55  ? -3.946  5.060   -16.631 1.00 32.91 ? 57  ASN A CA  1 
ATOM   429 C  C   . ASN A 1 55  ? -3.023  6.156   -17.140 1.00 33.46 ? 57  ASN A C   1 
ATOM   430 O  O   . ASN A 1 55  ? -3.424  7.031   -17.911 1.00 34.34 ? 57  ASN A O   1 
ATOM   431 C  CB  . ASN A 1 55  ? -5.237  5.686   -16.127 1.00 33.40 ? 57  ASN A CB  1 
ATOM   432 C  CG  . ASN A 1 55  ? -6.366  4.701   -16.088 1.00 35.14 ? 57  ASN A CG  1 
ATOM   433 O  OD1 . ASN A 1 55  ? -7.466  5.008   -15.627 1.00 36.80 ? 57  ASN A OD1 1 
ATOM   434 N  ND2 . ASN A 1 55  ? -6.105  3.496   -16.582 1.00 36.16 ? 57  ASN A ND2 1 
ATOM   435 N  N   . ILE A 1 56  ? -1.782  6.126   -16.692 1.00 33.22 ? 58  ILE A N   1 
ATOM   436 C  CA  . ILE A 1 56  ? -0.825  7.105   -17.147 1.00 33.73 ? 58  ILE A CA  1 
ATOM   437 C  C   . ILE A 1 56  ? 0.037   6.348   -18.132 1.00 35.18 ? 58  ILE A C   1 
ATOM   438 O  O   . ILE A 1 56  ? 0.345   5.172   -17.917 1.00 35.62 ? 58  ILE A O   1 
ATOM   439 C  CB  . ILE A 1 56  ? 0.041   7.629   -15.989 1.00 32.83 ? 58  ILE A CB  1 
ATOM   440 C  CG1 . ILE A 1 56  ? -0.857  8.323   -14.961 1.00 30.75 ? 58  ILE A CG1 1 
ATOM   441 C  CG2 . ILE A 1 56  ? 1.124   8.570   -16.525 1.00 30.97 ? 58  ILE A CG2 1 
ATOM   442 C  CD1 . ILE A 1 56  ? -0.147  8.741   -13.700 1.00 29.42 ? 58  ILE A CD1 1 
ATOM   443 N  N   . ASP A 1 57  ? 0.407   7.014   -19.222 1.00 36.74 ? 59  ASP A N   1 
ATOM   444 C  CA  . ASP A 1 57  ? 1.236   6.382   -20.238 1.00 36.80 ? 59  ASP A CA  1 
ATOM   445 C  C   . ASP A 1 57  ? 2.546   5.903   -19.615 1.00 36.34 ? 59  ASP A C   1 
ATOM   446 O  O   . ASP A 1 57  ? 3.149   6.614   -18.803 1.00 36.23 ? 59  ASP A O   1 
ATOM   447 C  CB  . ASP A 1 57  ? 1.534   7.360   -21.378 1.00 36.48 ? 59  ASP A CB  1 
ATOM   448 C  CG  . ASP A 1 57  ? 2.257   6.693   -22.541 1.00 37.51 ? 59  ASP A CG  1 
ATOM   449 O  OD1 . ASP A 1 57  ? 1.675   5.760   -23.141 1.00 36.96 ? 59  ASP A OD1 1 
ATOM   450 O  OD2 . ASP A 1 57  ? 3.402   7.095   -22.850 1.00 35.94 ? 59  ASP A OD2 1 
ATOM   451 N  N   . GLY A 1 58  ? 2.963   4.694   -19.996 1.00 35.57 ? 60  GLY A N   1 
ATOM   452 C  CA  . GLY A 1 58  ? 4.194   4.107   -19.491 1.00 33.76 ? 60  GLY A CA  1 
ATOM   453 C  C   . GLY A 1 58  ? 4.259   4.173   -17.984 1.00 32.83 ? 60  GLY A C   1 
ATOM   454 O  O   . GLY A 1 58  ? 5.271   4.579   -17.414 1.00 33.30 ? 60  GLY A O   1 
ATOM   455 N  N   . CYS A 1 59  ? 3.170   3.777   -17.334 1.00 31.69 ? 61  CYS A N   1 
ATOM   456 C  CA  . CYS A 1 59  ? 3.123   3.828   -15.884 1.00 30.11 ? 61  CYS A CA  1 
ATOM   457 C  C   . CYS A 1 59  ? 2.776   2.490   -15.246 1.00 29.66 ? 61  CYS A C   1 
ATOM   458 O  O   . CYS A 1 59  ? 1.650   2.009   -15.342 1.00 29.88 ? 61  CYS A O   1 
ATOM   459 C  CB  . CYS A 1 59  ? 2.133   4.904   -15.437 1.00 27.12 ? 61  CYS A CB  1 
ATOM   460 S  SG  . CYS A 1 59  ? 2.273   5.372   -13.683 1.00 26.19 ? 61  CYS A SG  1 
ATOM   461 N  N   . ASN A 1 60  ? 3.777   1.887   -14.618 1.00 29.57 ? 62  ASN A N   1 
ATOM   462 C  CA  . ASN A 1 60  ? 3.632   0.611   -13.929 1.00 29.07 ? 62  ASN A CA  1 
ATOM   463 C  C   . ASN A 1 60  ? 3.982   0.927   -12.499 1.00 27.68 ? 62  ASN A C   1 
ATOM   464 O  O   . ASN A 1 60  ? 5.156   1.024   -12.154 1.00 27.60 ? 62  ASN A O   1 
ATOM   465 C  CB  . ASN A 1 60  ? 4.626   -0.423  -14.468 1.00 31.88 ? 62  ASN A CB  1 
ATOM   466 C  CG  . ASN A 1 60  ? 4.259   -0.921  -15.853 1.00 34.00 ? 62  ASN A CG  1 
ATOM   467 O  OD1 . ASN A 1 60  ? 3.241   -1.590  -16.027 1.00 38.04 ? 62  ASN A OD1 1 
ATOM   468 N  ND2 . ASN A 1 60  ? 5.081   -0.595  -16.844 1.00 33.58 ? 62  ASN A ND2 1 
ATOM   469 N  N   . PRO A 1 61  ? 2.966   1.096   -11.646 1.00 26.68 ? 63  PRO A N   1 
ATOM   470 C  CA  . PRO A 1 61  ? 3.192   1.414   -10.234 1.00 25.60 ? 63  PRO A CA  1 
ATOM   471 C  C   . PRO A 1 61  ? 4.164   0.432   -9.599  1.00 24.59 ? 63  PRO A C   1 
ATOM   472 O  O   . PRO A 1 61  ? 5.092   0.816   -8.883  1.00 24.15 ? 63  PRO A O   1 
ATOM   473 C  CB  . PRO A 1 61  ? 1.788   1.303   -9.621  1.00 25.15 ? 63  PRO A CB  1 
ATOM   474 C  CG  . PRO A 1 61  ? 0.863   1.544   -10.776 1.00 24.97 ? 63  PRO A CG  1 
ATOM   475 C  CD  . PRO A 1 61  ? 1.544   0.800   -11.898 1.00 26.43 ? 63  PRO A CD  1 
ATOM   476 N  N   . VAL A 1 62  ? 3.950   -0.838  -9.914  1.00 24.14 ? 64  VAL A N   1 
ATOM   477 C  CA  . VAL A 1 62  ? 4.723   -1.930  -9.360  1.00 25.50 ? 64  VAL A CA  1 
ATOM   478 C  C   . VAL A 1 62  ? 6.217   -1.892  -9.627  1.00 26.23 ? 64  VAL A C   1 
ATOM   479 O  O   . VAL A 1 62  ? 6.987   -2.502  -8.888  1.00 26.68 ? 64  VAL A O   1 
ATOM   480 C  CB  . VAL A 1 62  ? 4.115   -3.294  -9.824  1.00 25.42 ? 64  VAL A CB  1 
ATOM   481 C  CG1 . VAL A 1 62  ? 5.104   -4.079  -10.678 1.00 24.88 ? 64  VAL A CG1 1 
ATOM   482 C  CG2 . VAL A 1 62  ? 3.670   -4.096  -8.605  1.00 24.41 ? 64  VAL A CG2 1 
ATOM   483 N  N   . THR A 1 63  ? 6.641   -1.169  -10.655 1.00 27.33 ? 65  THR A N   1 
ATOM   484 C  CA  . THR A 1 63  ? 8.065   -1.120  -10.972 1.00 27.51 ? 65  THR A CA  1 
ATOM   485 C  C   . THR A 1 63  ? 8.611   0.292   -11.183 1.00 29.26 ? 65  THR A C   1 
ATOM   486 O  O   . THR A 1 63  ? 9.813   0.474   -11.417 1.00 30.95 ? 65  THR A O   1 
ATOM   487 C  CB  . THR A 1 63  ? 8.371   -1.951  -12.231 1.00 26.68 ? 65  THR A CB  1 
ATOM   488 O  OG1 . THR A 1 63  ? 7.598   -1.449  -13.333 1.00 26.44 ? 65  THR A OG1 1 
ATOM   489 C  CG2 . THR A 1 63  ? 8.044   -3.427  -11.993 1.00 23.60 ? 65  THR A CG2 1 
ATOM   490 N  N   . LYS A 1 64  ? 7.732   1.286   -11.101 1.00 28.86 ? 66  LYS A N   1 
ATOM   491 C  CA  . LYS A 1 64  ? 8.126   2.672   -11.288 1.00 27.18 ? 66  LYS A CA  1 
ATOM   492 C  C   . LYS A 1 64  ? 8.962   3.144   -10.105 1.00 27.11 ? 66  LYS A C   1 
ATOM   493 O  O   . LYS A 1 64  ? 8.626   2.900   -8.947  1.00 26.75 ? 66  LYS A O   1 
ATOM   494 C  CB  . LYS A 1 64  ? 6.880   3.543   -11.435 1.00 27.49 ? 66  LYS A CB  1 
ATOM   495 C  CG  . LYS A 1 64  ? 7.029   4.699   -12.413 1.00 28.12 ? 66  LYS A CG  1 
ATOM   496 C  CD  . LYS A 1 64  ? 7.986   5.762   -11.916 1.00 29.53 ? 66  LYS A CD  1 
ATOM   497 C  CE  . LYS A 1 64  ? 8.235   6.796   -12.991 1.00 28.98 ? 66  LYS A CE  1 
ATOM   498 N  NZ  . LYS A 1 64  ? 8.931   6.181   -14.145 1.00 30.30 ? 66  LYS A NZ  1 
ATOM   499 N  N   . THR A 1 65  ? 10.064  3.816   -10.398 1.00 26.53 ? 67  THR A N   1 
ATOM   500 C  CA  . THR A 1 65  ? 10.922  4.306   -9.341  1.00 26.72 ? 67  THR A CA  1 
ATOM   501 C  C   . THR A 1 65  ? 10.801  5.813   -9.233  1.00 27.84 ? 67  THR A C   1 
ATOM   502 O  O   . THR A 1 65  ? 11.103  6.543   -10.181 1.00 28.29 ? 67  THR A O   1 
ATOM   503 C  CB  . THR A 1 65  ? 12.373  3.954   -9.604  1.00 26.10 ? 67  THR A CB  1 
ATOM   504 O  OG1 . THR A 1 65  ? 12.450  2.621   -10.127 1.00 26.72 ? 67  THR A OG1 1 
ATOM   505 C  CG2 . THR A 1 65  ? 13.170  4.057   -8.306  1.00 24.51 ? 67  THR A CG2 1 
ATOM   506 N  N   . TYR A 1 66  ? 10.356  6.269   -8.066  1.00 28.89 ? 68  TYR A N   1 
ATOM   507 C  CA  . TYR A 1 66  ? 10.164  7.691   -7.801  1.00 29.14 ? 68  TYR A CA  1 
ATOM   508 C  C   . TYR A 1 66  ? 11.159  8.251   -6.791  1.00 30.11 ? 68  TYR A C   1 
ATOM   509 O  O   . TYR A 1 66  ? 11.961  7.519   -6.228  1.00 30.48 ? 68  TYR A O   1 
ATOM   510 C  CB  . TYR A 1 66  ? 8.736   7.940   -7.307  1.00 28.62 ? 68  TYR A CB  1 
ATOM   511 C  CG  . TYR A 1 66  ? 8.246   6.958   -6.257  1.00 27.80 ? 68  TYR A CG  1 
ATOM   512 C  CD1 . TYR A 1 66  ? 7.605   5.776   -6.623  1.00 27.54 ? 68  TYR A CD1 1 
ATOM   513 C  CD2 . TYR A 1 66  ? 8.428   7.209   -4.895  1.00 28.09 ? 68  TYR A CD2 1 
ATOM   514 C  CE1 . TYR A 1 66  ? 7.157   4.865   -5.660  1.00 25.88 ? 68  TYR A CE1 1 
ATOM   515 C  CE2 . TYR A 1 66  ? 7.983   6.307   -3.931  1.00 27.18 ? 68  TYR A CE2 1 
ATOM   516 C  CZ  . TYR A 1 66  ? 7.352   5.138   -4.322  1.00 25.43 ? 68  TYR A CZ  1 
ATOM   517 O  OH  . TYR A 1 66  ? 6.943   4.234   -3.378  1.00 23.30 ? 68  TYR A OH  1 
ATOM   518 N  N   . SER A 1 67  ? 11.104  9.558   -6.565  1.00 32.19 ? 69  SER A N   1 
ATOM   519 C  CA  . SER A 1 67  ? 12.004  10.205  -5.614  1.00 33.76 ? 69  SER A CA  1 
ATOM   520 C  C   . SER A 1 67  ? 11.241  10.554  -4.342  1.00 33.66 ? 69  SER A C   1 
ATOM   521 O  O   . SER A 1 67  ? 10.317  11.367  -4.368  1.00 33.10 ? 69  SER A O   1 
ATOM   522 C  CB  . SER A 1 67  ? 12.584  11.480  -6.226  1.00 35.23 ? 69  SER A CB  1 
ATOM   523 O  OG  . SER A 1 67  ? 13.183  11.209  -7.483  1.00 39.08 ? 69  SER A OG  1 
ATOM   524 N  N   . TYR A 1 68  ? 11.625  9.942   -3.229  1.00 33.06 ? 70  TYR A N   1 
ATOM   525 C  CA  . TYR A 1 68  ? 10.942  10.213  -1.978  1.00 32.71 ? 70  TYR A CA  1 
ATOM   526 C  C   . TYR A 1 68  ? 11.965  10.354  -0.874  1.00 33.09 ? 70  TYR A C   1 
ATOM   527 O  O   . TYR A 1 68  ? 13.132  10.013  -1.059  1.00 33.92 ? 70  TYR A O   1 
ATOM   528 C  CB  . TYR A 1 68  ? 9.954   9.084   -1.664  1.00 32.28 ? 70  TYR A CB  1 
ATOM   529 C  CG  . TYR A 1 68  ? 10.575  7.831   -1.084  1.00 29.84 ? 70  TYR A CG  1 
ATOM   530 C  CD1 . TYR A 1 68  ? 10.644  7.647   0.294   1.00 29.14 ? 70  TYR A CD1 1 
ATOM   531 C  CD2 . TYR A 1 68  ? 11.079  6.827   -1.907  1.00 28.39 ? 70  TYR A CD2 1 
ATOM   532 C  CE1 . TYR A 1 68  ? 11.194  6.497   0.842   1.00 27.79 ? 70  TYR A CE1 1 
ATOM   533 C  CE2 . TYR A 1 68  ? 11.636  5.670   -1.369  1.00 27.98 ? 70  TYR A CE2 1 
ATOM   534 C  CZ  . TYR A 1 68  ? 11.688  5.513   0.009   1.00 28.22 ? 70  TYR A CZ  1 
ATOM   535 O  OH  . TYR A 1 68  ? 12.236  4.378   0.566   1.00 27.87 ? 70  TYR A OH  1 
ATOM   536 N  N   . THR A 1 69  ? 11.521  10.856  0.273   1.00 34.18 ? 71  THR A N   1 
ATOM   537 C  CA  . THR A 1 69  ? 12.409  11.066  1.403   1.00 34.17 ? 71  THR A CA  1 
ATOM   538 C  C   . THR A 1 69  ? 11.789  10.580  2.690   1.00 35.52 ? 71  THR A C   1 
ATOM   539 O  O   . THR A 1 69  ? 10.596  10.755  2.908   1.00 35.83 ? 71  THR A O   1 
ATOM   540 C  CB  . THR A 1 69  ? 12.739  12.562  1.558   1.00 33.87 ? 71  THR A CB  1 
ATOM   541 O  OG1 . THR A 1 69  ? 14.076  12.798  1.109   1.00 34.02 ? 71  THR A OG1 1 
ATOM   542 C  CG2 . THR A 1 69  ? 12.597  13.009  3.003   1.00 33.26 ? 71  THR A CG2 1 
ATOM   543 N  N   . CYS A 1 70  ? 12.602  9.970   3.543   1.00 37.27 ? 72  CYS A N   1 
ATOM   544 C  CA  . CYS A 1 70  ? 12.117  9.495   4.826   1.00 38.88 ? 72  CYS A CA  1 
ATOM   545 C  C   . CYS A 1 70  ? 12.912  10.028  6.003   1.00 38.80 ? 72  CYS A C   1 
ATOM   546 O  O   . CYS A 1 70  ? 14.133  10.114  5.967   1.00 38.95 ? 72  CYS A O   1 
ATOM   547 C  CB  . CYS A 1 70  ? 12.136  7.973   4.921   1.00 38.46 ? 72  CYS A CB  1 
ATOM   548 S  SG  . CYS A 1 70  ? 12.026  7.429   6.664   1.00 38.14 ? 72  CYS A SG  1 
ATOM   549 N  N   . THR A 1 71  ? 12.188  10.368  7.057   1.00 41.32 ? 73  THR A N   1 
ATOM   550 C  CA  . THR A 1 71  ? 12.757  10.858  8.295   1.00 41.30 ? 73  THR A CA  1 
ATOM   551 C  C   . THR A 1 71  ? 11.774  10.280  9.293   1.00 42.73 ? 73  THR A C   1 
ATOM   552 O  O   . THR A 1 71  ? 10.753  10.896  9.577   1.00 41.85 ? 73  THR A O   1 
ATOM   553 C  CB  . THR A 1 71  ? 12.702  12.386  8.377   1.00 42.50 ? 73  THR A CB  1 
ATOM   554 O  OG1 . THR A 1 71  ? 13.324  12.972  7.228   1.00 39.54 ? 73  THR A OG1 1 
ATOM   555 C  CG2 . THR A 1 71  ? 13.421  12.850  9.601   1.00 43.10 ? 73  THR A CG2 1 
ATOM   556 N  N   . GLU A 1 72  ? 12.065  9.076   9.781   1.00 43.98 ? 74  GLU A N   1 
ATOM   557 C  CA  . GLU A 1 72  ? 11.184  8.391   10.727  1.00 46.47 ? 74  GLU A CA  1 
ATOM   558 C  C   . GLU A 1 72  ? 10.375  9.317   11.629  1.00 43.80 ? 74  GLU A C   1 
ATOM   559 O  O   . GLU A 1 72  ? 10.939  10.014  12.475  1.00 46.48 ? 74  GLU A O   1 
ATOM   560 C  CB  . GLU A 1 72  ? 11.987  7.412   11.570  1.00 48.75 ? 74  GLU A CB  1 
ATOM   561 C  CG  . GLU A 1 72  ? 11.888  5.992   11.058  1.00 54.41 ? 74  GLU A CG  1 
ATOM   562 C  CD  . GLU A 1 72  ? 11.235  5.048   12.051  1.00 56.62 ? 74  GLU A CD  1 
ATOM   563 O  OE1 . GLU A 1 72  ? 10.125  5.340   12.535  1.00 58.29 ? 74  GLU A OE1 1 
ATOM   564 O  OE2 . GLU A 1 72  ? 11.839  3.999   12.347  1.00 60.17 ? 74  GLU A OE2 1 
ATOM   565 N  N   . PRO A 1 73  ? 9.033   9.306   11.474  1.00 43.58 ? 75  PRO A N   1 
ATOM   566 C  CA  . PRO A 1 73  ? 8.205   8.511   10.563  1.00 41.42 ? 75  PRO A CA  1 
ATOM   567 C  C   . PRO A 1 73  ? 7.629   9.341   9.428   1.00 40.27 ? 75  PRO A C   1 
ATOM   568 O  O   . PRO A 1 73  ? 6.704   8.906   8.747   1.00 38.11 ? 75  PRO A O   1 
ATOM   569 C  CB  . PRO A 1 73  ? 7.070   8.018   11.467  1.00 46.34 ? 75  PRO A CB  1 
ATOM   570 C  CG  . PRO A 1 73  ? 7.324   8.779   12.876  1.00 45.03 ? 75  PRO A CG  1 
ATOM   571 C  CD  . PRO A 1 73  ? 8.147   9.956   12.436  1.00 43.38 ? 75  PRO A CD  1 
ATOM   572 N  N   . THR A 1 74  ? 8.136   10.548  9.245   1.00 38.36 ? 76  THR A N   1 
ATOM   573 C  CA  . THR A 1 74  ? 7.623   11.399  8.191   1.00 39.22 ? 76  THR A CA  1 
ATOM   574 C  C   . THR A 1 74  ? 8.247   11.034  6.837   1.00 36.69 ? 76  THR A C   1 
ATOM   575 O  O   . THR A 1 74  ? 9.452   10.798  6.736   1.00 37.34 ? 76  THR A O   1 
ATOM   576 C  CB  . THR A 1 74  ? 7.894   12.894  8.523   1.00 39.90 ? 76  THR A CB  1 
ATOM   577 O  OG1 . THR A 1 74  ? 7.159   13.728  7.620   1.00 42.59 ? 76  THR A OG1 1 
ATOM   578 C  CG2 . THR A 1 74  ? 9.389   13.216  8.415   1.00 40.41 ? 76  THR A CG2 1 
ATOM   579 N  N   . ILE A 1 75  ? 7.416   10.960  5.802   1.00 35.65 ? 77  ILE A N   1 
ATOM   580 C  CA  . ILE A 1 75  ? 7.898   10.649  4.458   1.00 35.21 ? 77  ILE A CA  1 
ATOM   581 C  C   . ILE A 1 75  ? 7.374   11.673  3.454   1.00 35.59 ? 77  ILE A C   1 
ATOM   582 O  O   . ILE A 1 75  ? 6.229   12.128  3.558   1.00 35.62 ? 77  ILE A O   1 
ATOM   583 C  CB  . ILE A 1 75  ? 7.491   9.223   4.003   1.00 33.19 ? 77  ILE A CB  1 
ATOM   584 C  CG1 . ILE A 1 75  ? 6.170   8.813   4.656   1.00 31.83 ? 77  ILE A CG1 1 
ATOM   585 C  CG2 . ILE A 1 75  ? 8.618   8.243   4.311   1.00 33.54 ? 77  ILE A CG2 1 
ATOM   586 C  CD1 . ILE A 1 75  ? 5.743   7.399   4.336   1.00 29.96 ? 77  ILE A CD1 1 
ATOM   587 N  N   . THR A 1 76  ? 8.220   12.025  2.484   1.00 36.22 ? 78  THR A N   1 
ATOM   588 C  CA  . THR A 1 76  ? 7.885   13.027  1.474   1.00 37.03 ? 78  THR A CA  1 
ATOM   589 C  C   . THR A 1 76  ? 8.105   12.604  0.019   1.00 37.97 ? 78  THR A C   1 
ATOM   590 O  O   . THR A 1 76  ? 9.048   11.864  -0.279  1.00 39.10 ? 78  THR A O   1 
ATOM   591 C  CB  . THR A 1 76  ? 8.719   14.286  1.699   1.00 36.27 ? 78  THR A CB  1 
ATOM   592 O  OG1 . THR A 1 76  ? 8.592   14.701  3.064   1.00 36.01 ? 78  THR A OG1 1 
ATOM   593 C  CG2 . THR A 1 76  ? 8.249   15.394  0.785   1.00 36.79 ? 78  THR A CG2 1 
ATOM   594 N  N   . CYS A 1 77  ? 7.244   13.083  -0.883  1.00 36.91 ? 79  CYS A N   1 
ATOM   595 C  CA  . CYS A 1 77  ? 7.376   12.781  -2.311  1.00 36.00 ? 79  CYS A CA  1 
ATOM   596 C  C   . CYS A 1 77  ? 7.959   14.001  -3.008  1.00 36.10 ? 79  CYS A C   1 
ATOM   597 O  O   . CYS A 1 77  ? 7.345   15.060  -3.032  1.00 35.90 ? 79  CYS A O   1 
ATOM   598 C  CB  . CYS A 1 77  ? 6.019   12.432  -2.945  1.00 33.48 ? 79  CYS A CB  1 
ATOM   599 S  SG  . CYS A 1 77  ? 5.279   10.875  -2.348  1.00 33.31 ? 79  CYS A SG  1 
ATOM   600 N  N   . ASN A 1 78  ? 9.149   13.853  -3.575  1.00 37.28 ? 80  ASN A N   1 
ATOM   601 C  CA  . ASN A 1 78  ? 9.797   14.971  -4.246  1.00 38.51 ? 80  ASN A CA  1 
ATOM   602 C  C   . ASN A 1 78  ? 9.549   15.046  -5.757  1.00 39.75 ? 80  ASN A C   1 
ATOM   603 O  O   . ASN A 1 78  ? 10.152  15.874  -6.438  1.00 40.55 ? 80  ASN A O   1 
ATOM   604 C  CB  . ASN A 1 78  ? 11.311  14.938  -3.982  1.00 36.84 ? 80  ASN A CB  1 
ATOM   605 C  CG  . ASN A 1 78  ? 11.656  14.989  -2.496  1.00 38.00 ? 80  ASN A CG  1 
ATOM   606 O  OD1 . ASN A 1 78  ? 11.005  15.682  -1.715  1.00 37.34 ? 80  ASN A OD1 1 
ATOM   607 N  ND2 . ASN A 1 78  ? 12.699  14.267  -2.105  1.00 38.38 ? 80  ASN A ND2 1 
ATOM   608 N  N   . ASP A 1 79  ? 8.661   14.205  -6.281  1.00 41.32 ? 81  ASP A N   1 
ATOM   609 C  CA  . ASP A 1 79  ? 8.396   14.204  -7.724  1.00 41.72 ? 81  ASP A CA  1 
ATOM   610 C  C   . ASP A 1 79  ? 7.463   15.323  -8.112  1.00 42.04 ? 81  ASP A C   1 
ATOM   611 O  O   . ASP A 1 79  ? 6.421   15.512  -7.490  1.00 41.72 ? 81  ASP A O   1 
ATOM   612 C  CB  . ASP A 1 79  ? 7.776   12.878  -8.178  1.00 42.63 ? 81  ASP A CB  1 
ATOM   613 C  CG  . ASP A 1 79  ? 8.566   11.669  -7.707  1.00 43.92 ? 81  ASP A CG  1 
ATOM   614 O  OD1 . ASP A 1 79  ? 8.288   11.165  -6.585  1.00 41.33 ? 81  ASP A OD1 1 
ATOM   615 O  OD2 . ASP A 1 79  ? 9.471   11.238  -8.460  1.00 43.39 ? 81  ASP A OD2 1 
ATOM   616 N  N   . SER A 1 80  ? 7.837   16.057  -9.153  1.00 42.55 ? 82  SER A N   1 
ATOM   617 C  CA  . SER A 1 80  ? 7.026   17.162  -9.635  1.00 42.15 ? 82  SER A CA  1 
ATOM   618 C  C   . SER A 1 80  ? 6.744   17.039  -11.123 1.00 41.53 ? 82  SER A C   1 
ATOM   619 O  O   . SER A 1 80  ? 5.588   17.081  -11.539 1.00 41.96 ? 82  SER A O   1 
ATOM   620 C  CB  . SER A 1 80  ? 7.724   18.498  -9.363  1.00 42.89 ? 82  SER A CB  1 
ATOM   621 O  OG  . SER A 1 80  ? 7.714   18.809  -7.981  1.00 43.62 ? 82  SER A OG  1 
ATOM   622 N  N   . LYS A 1 81  ? 7.801   16.882  -11.919 1.00 40.64 ? 83  LYS A N   1 
ATOM   623 C  CA  . LYS A 1 81  ? 7.659   16.779  -13.370 1.00 39.20 ? 83  LYS A CA  1 
ATOM   624 C  C   . LYS A 1 81  ? 7.171   15.434  -13.927 1.00 37.15 ? 83  LYS A C   1 
ATOM   625 O  O   . LYS A 1 81  ? 6.535   15.394  -14.983 1.00 35.70 ? 83  LYS A O   1 
ATOM   626 C  CB  . LYS A 1 81  ? 8.973   17.207  -14.040 1.00 39.97 ? 83  LYS A CB  1 
ATOM   627 C  CG  . LYS A 1 81  ? 9.085   18.729  -14.178 1.00 41.02 ? 83  LYS A CG  1 
ATOM   628 C  CD  . LYS A 1 81  ? 10.456  19.282  -13.770 1.00 42.29 ? 83  LYS A CD  1 
ATOM   629 C  CE  . LYS A 1 81  ? 11.303  19.770  -14.960 1.00 42.98 ? 83  LYS A CE  1 
ATOM   630 N  NZ  . LYS A 1 81  ? 11.893  18.672  -15.790 1.00 43.55 ? 83  LYS A NZ  1 
ATOM   631 N  N   . ASP A 1 82  ? 7.446   14.341  -13.219 1.00 35.98 ? 84  ASP A N   1 
ATOM   632 C  CA  . ASP A 1 82  ? 7.002   13.020  -13.665 1.00 33.70 ? 84  ASP A CA  1 
ATOM   633 C  C   . ASP A 1 82  ? 5.651   12.651  -13.020 1.00 33.79 ? 84  ASP A C   1 
ATOM   634 O  O   . ASP A 1 82  ? 5.591   12.231  -11.862 1.00 32.97 ? 84  ASP A O   1 
ATOM   635 C  CB  . ASP A 1 82  ? 8.066   11.975  -13.330 1.00 31.10 ? 84  ASP A CB  1 
ATOM   636 C  CG  . ASP A 1 82  ? 7.763   10.633  -13.947 1.00 29.96 ? 84  ASP A CG  1 
ATOM   637 O  OD1 . ASP A 1 82  ? 7.451   10.589  -15.152 1.00 29.71 ? 84  ASP A OD1 1 
ATOM   638 O  OD2 . ASP A 1 82  ? 7.836   9.617   -13.235 1.00 30.10 ? 84  ASP A OD2 1 
ATOM   639 N  N   . LYS A 1 83  ? 4.574   12.816  -13.789 1.00 33.75 ? 85  LYS A N   1 
ATOM   640 C  CA  . LYS A 1 83  ? 3.208   12.545  -13.324 1.00 34.02 ? 85  LYS A CA  1 
ATOM   641 C  C   . LYS A 1 83  ? 2.981   11.146  -12.777 1.00 32.95 ? 85  LYS A C   1 
ATOM   642 O  O   . LYS A 1 83  ? 2.168   10.947  -11.876 1.00 33.69 ? 85  LYS A O   1 
ATOM   643 C  CB  . LYS A 1 83  ? 2.192   12.787  -14.448 1.00 34.99 ? 85  LYS A CB  1 
ATOM   644 C  CG  . LYS A 1 83  ? 1.277   13.987  -14.234 1.00 36.29 ? 85  LYS A CG  1 
ATOM   645 C  CD  . LYS A 1 83  ? 1.993   15.301  -14.518 1.00 38.19 ? 85  LYS A CD  1 
ATOM   646 C  CE  . LYS A 1 83  ? 2.263   15.479  -16.008 1.00 38.89 ? 85  LYS A CE  1 
ATOM   647 N  NZ  . LYS A 1 83  ? 3.048   16.719  -16.284 1.00 39.48 ? 85  LYS A NZ  1 
ATOM   648 N  N   . CYS A 1 84  ? 3.682   10.172  -13.336 1.00 31.08 ? 86  CYS A N   1 
ATOM   649 C  CA  . CYS A 1 84  ? 3.534   8.798   -12.890 1.00 29.18 ? 86  CYS A CA  1 
ATOM   650 C  C   . CYS A 1 84  ? 4.287   8.594   -11.583 1.00 28.23 ? 86  CYS A C   1 
ATOM   651 O  O   . CYS A 1 84  ? 3.762   7.993   -10.648 1.00 27.49 ? 86  CYS A O   1 
ATOM   652 C  CB  . CYS A 1 84  ? 4.052   7.850   -13.969 1.00 27.62 ? 86  CYS A CB  1 
ATOM   653 S  SG  . CYS A 1 84  ? 4.166   6.099   -13.505 1.00 26.61 ? 86  CYS A SG  1 
ATOM   654 N  N   . ALA A 1 85  ? 5.509   9.109   -11.513 1.00 26.90 ? 87  ALA A N   1 
ATOM   655 C  CA  . ALA A 1 85  ? 6.310   8.981   -10.305 1.00 26.86 ? 87  ALA A CA  1 
ATOM   656 C  C   . ALA A 1 85  ? 5.555   9.540   -9.104  1.00 26.73 ? 87  ALA A C   1 
ATOM   657 O  O   . ALA A 1 85  ? 5.513   8.918   -8.039  1.00 26.33 ? 87  ALA A O   1 
ATOM   658 C  CB  . ALA A 1 85  ? 7.623   9.717   -10.471 1.00 25.34 ? 87  ALA A CB  1 
ATOM   659 N  N   . ARG A 1 86  ? 4.948   10.709  -9.282  1.00 26.66 ? 88  ARG A N   1 
ATOM   660 C  CA  . ARG A 1 86  ? 4.222   11.344  -8.192  1.00 25.95 ? 88  ARG A CA  1 
ATOM   661 C  C   . ARG A 1 86  ? 2.908   10.655  -7.809  1.00 24.74 ? 88  ARG A C   1 
ATOM   662 O  O   . ARG A 1 86  ? 2.622   10.471  -6.623  1.00 24.32 ? 88  ARG A O   1 
ATOM   663 C  CB  . ARG A 1 86  ? 3.976   12.821  -8.519  1.00 26.12 ? 88  ARG A CB  1 
ATOM   664 C  CG  . ARG A 1 86  ? 3.041   13.515  -7.520  1.00 29.51 ? 88  ARG A CG  1 
ATOM   665 C  CD  . ARG A 1 86  ? 3.385   13.167  -6.051  1.00 29.81 ? 88  ARG A CD  1 
ATOM   666 N  NE  . ARG A 1 86  ? 4.518   13.933  -5.530  1.00 31.90 ? 88  ARG A NE  1 
ATOM   667 C  CZ  . ARG A 1 86  ? 4.408   15.090  -4.872  1.00 32.92 ? 88  ARG A CZ  1 
ATOM   668 N  NH1 . ARG A 1 86  ? 3.211   15.621  -4.637  1.00 33.36 ? 88  ARG A NH1 1 
ATOM   669 N  NH2 . ARG A 1 86  ? 5.498   15.733  -4.463  1.00 33.71 ? 88  ARG A NH2 1 
ATOM   670 N  N   . PHE A 1 87  ? 2.117   10.268  -8.801  1.00 24.15 ? 89  PHE A N   1 
ATOM   671 C  CA  . PHE A 1 87  ? 0.842   9.608   -8.530  1.00 24.19 ? 89  PHE A CA  1 
ATOM   672 C  C   . PHE A 1 87  ? 1.062   8.308   -7.776  1.00 24.33 ? 89  PHE A C   1 
ATOM   673 O  O   . PHE A 1 87  ? 0.274   7.953   -6.898  1.00 25.21 ? 89  PHE A O   1 
ATOM   674 C  CB  . PHE A 1 87  ? 0.091   9.307   -9.833  1.00 23.23 ? 89  PHE A CB  1 
ATOM   675 C  CG  . PHE A 1 87  ? -1.310  8.802   -9.620  1.00 21.92 ? 89  PHE A CG  1 
ATOM   676 C  CD1 . PHE A 1 87  ? -2.380  9.688   -9.549  1.00 20.39 ? 89  PHE A CD1 1 
ATOM   677 C  CD2 . PHE A 1 87  ? -1.561  7.439   -9.479  1.00 21.51 ? 89  PHE A CD2 1 
ATOM   678 C  CE1 . PHE A 1 87  ? -3.678  9.229   -9.344  1.00 18.33 ? 89  PHE A CE1 1 
ATOM   679 C  CE2 . PHE A 1 87  ? -2.860  6.970   -9.273  1.00 20.51 ? 89  PHE A CE2 1 
ATOM   680 C  CZ  . PHE A 1 87  ? -3.917  7.870   -9.205  1.00 19.78 ? 89  PHE A CZ  1 
ATOM   681 N  N   . VAL A 1 88  ? 2.136   7.602   -8.127  1.00 24.46 ? 90  VAL A N   1 
ATOM   682 C  CA  . VAL A 1 88  ? 2.485   6.329   -7.492  1.00 23.87 ? 90  VAL A CA  1 
ATOM   683 C  C   . VAL A 1 88  ? 3.112   6.491   -6.104  1.00 23.30 ? 90  VAL A C   1 
ATOM   684 O  O   . VAL A 1 88  ? 2.922   5.649   -5.223  1.00 22.87 ? 90  VAL A O   1 
ATOM   685 C  CB  . VAL A 1 88  ? 3.448   5.520   -8.396  1.00 24.05 ? 90  VAL A CB  1 
ATOM   686 C  CG1 . VAL A 1 88  ? 4.227   4.513   -7.573  1.00 24.24 ? 90  VAL A CG1 1 
ATOM   687 C  CG2 . VAL A 1 88  ? 2.652   4.807   -9.485  1.00 21.45 ? 90  VAL A CG2 1 
ATOM   688 N  N   . CYS A 1 89  ? 3.868   7.571   -5.923  1.00 23.41 ? 91  CYS A N   1 
ATOM   689 C  CA  . CYS A 1 89  ? 4.506   7.848   -4.644  1.00 23.97 ? 91  CYS A CA  1 
ATOM   690 C  C   . CYS A 1 89  ? 3.430   8.195   -3.627  1.00 23.08 ? 91  CYS A C   1 
ATOM   691 O  O   . CYS A 1 89  ? 3.467   7.729   -2.489  1.00 22.64 ? 91  CYS A O   1 
ATOM   692 C  CB  . CYS A 1 89  ? 5.488   9.018   -4.768  1.00 26.86 ? 91  CYS A CB  1 
ATOM   693 S  SG  . CYS A 1 89  ? 6.374   9.390   -3.212  1.00 28.50 ? 91  CYS A SG  1 
ATOM   694 N  N   . ASP A 1 90  ? 2.476   9.024   -4.037  1.00 22.59 ? 92  ASP A N   1 
ATOM   695 C  CA  . ASP A 1 90  ? 1.385   9.396   -3.149  1.00 22.45 ? 92  ASP A CA  1 
ATOM   696 C  C   . ASP A 1 90  ? 0.562   8.156   -2.841  1.00 21.56 ? 92  ASP A C   1 
ATOM   697 O  O   . ASP A 1 90  ? 0.056   8.006   -1.724  1.00 20.45 ? 92  ASP A O   1 
ATOM   698 C  CB  . ASP A 1 90  ? 0.496   10.449  -3.794  1.00 23.87 ? 92  ASP A CB  1 
ATOM   699 C  CG  . ASP A 1 90  ? 1.207   11.762  -3.983  1.00 25.95 ? 92  ASP A CG  1 
ATOM   700 O  OD1 . ASP A 1 90  ? 2.230   11.980  -3.292  1.00 25.12 ? 92  ASP A OD1 1 
ATOM   701 O  OD2 . ASP A 1 90  ? 0.736   12.574  -4.813  1.00 28.96 ? 92  ASP A OD2 1 
ATOM   702 N  N   . CYS A 1 91  ? 0.430   7.270   -3.832  1.00 19.78 ? 93  CYS A N   1 
ATOM   703 C  CA  . CYS A 1 91  ? -0.319  6.036   -3.633  1.00 18.23 ? 93  CYS A CA  1 
ATOM   704 C  C   . CYS A 1 91  ? 0.323   5.294   -2.467  1.00 18.95 ? 93  CYS A C   1 
ATOM   705 O  O   . CYS A 1 91  ? -0.340  4.959   -1.479  1.00 18.29 ? 93  CYS A O   1 
ATOM   706 C  CB  . CYS A 1 91  ? -0.260  5.131   -4.869  1.00 17.97 ? 93  CYS A CB  1 
ATOM   707 S  SG  . CYS A 1 91  ? -1.403  5.450   -6.253  1.00 14.67 ? 93  CYS A SG  1 
ATOM   708 N  N   . ASP A 1 92  ? 1.626   5.046   -2.598  1.00 18.97 ? 94  ASP A N   1 
ATOM   709 C  CA  . ASP A 1 92  ? 2.374   4.329   -1.580  1.00 19.21 ? 94  ASP A CA  1 
ATOM   710 C  C   . ASP A 1 92  ? 2.443   5.092   -0.264  1.00 19.80 ? 94  ASP A C   1 
ATOM   711 O  O   . ASP A 1 92  ? 2.328   4.498   0.814   1.00 20.91 ? 94  ASP A O   1 
ATOM   712 C  CB  . ASP A 1 92  ? 3.802   4.027   -2.058  1.00 20.09 ? 94  ASP A CB  1 
ATOM   713 C  CG  . ASP A 1 92  ? 3.844   3.089   -3.255  1.00 21.30 ? 94  ASP A CG  1 
ATOM   714 O  OD1 . ASP A 1 92  ? 3.004   2.178   -3.347  1.00 22.70 ? 94  ASP A OD1 1 
ATOM   715 O  OD2 . ASP A 1 92  ? 4.736   3.251   -4.108  1.00 23.76 ? 94  ASP A OD2 1 
ATOM   716 N  N   . ARG A 1 93  ? 2.627   6.406   -0.339  1.00 18.64 ? 95  ARG A N   1 
ATOM   717 C  CA  . ARG A 1 93  ? 2.720   7.200   0.876   1.00 18.47 ? 95  ARG A CA  1 
ATOM   718 C  C   . ARG A 1 93  ? 1.446   7.085   1.689   1.00 17.65 ? 95  ARG A C   1 
ATOM   719 O  O   . ARG A 1 93  ? 1.477   6.786   2.888   1.00 17.49 ? 95  ARG A O   1 
ATOM   720 C  CB  . ARG A 1 93  ? 2.973   8.662   0.532   1.00 22.16 ? 95  ARG A CB  1 
ATOM   721 C  CG  . ARG A 1 93  ? 3.117   9.571   1.736   1.00 22.74 ? 95  ARG A CG  1 
ATOM   722 C  CD  . ARG A 1 93  ? 3.098   10.993  1.272   1.00 26.26 ? 95  ARG A CD  1 
ATOM   723 N  NE  . ARG A 1 93  ? 3.038   11.919  2.390   1.00 32.98 ? 95  ARG A NE  1 
ATOM   724 C  CZ  . ARG A 1 93  ? 1.975   12.665  2.677   1.00 35.92 ? 95  ARG A CZ  1 
ATOM   725 N  NH1 . ARG A 1 93  ? 0.881   12.586  1.919   1.00 36.41 ? 95  ARG A NH1 1 
ATOM   726 N  NH2 . ARG A 1 93  ? 2.011   13.501  3.713   1.00 37.31 ? 95  ARG A NH2 1 
ATOM   727 N  N   . THR A 1 94  ? 0.326   7.330   1.020   1.00 16.44 ? 96  THR A N   1 
ATOM   728 C  CA  . THR A 1 94  ? -0.978  7.269   1.657   1.00 15.77 ? 96  THR A CA  1 
ATOM   729 C  C   . THR A 1 94  ? -1.176  5.899   2.305   1.00 15.36 ? 96  THR A C   1 
ATOM   730 O  O   . THR A 1 94  ? -1.739  5.789   3.387   1.00 16.45 ? 96  THR A O   1 
ATOM   731 C  CB  . THR A 1 94  ? -2.106  7.529   0.627   1.00 16.28 ? 96  THR A CB  1 
ATOM   732 O  OG1 . THR A 1 94  ? -1.837  8.745   -0.080  1.00 17.77 ? 96  THR A OG1 1 
ATOM   733 C  CG2 . THR A 1 94  ? -3.457  7.657   1.324   1.00 16.44 ? 96  THR A CG2 1 
ATOM   734 N  N   . ALA A 1 95  ? -0.703  4.846   1.660   1.00 14.78 ? 97  ALA A N   1 
ATOM   735 C  CA  . ALA A 1 95  ? -0.872  3.529   2.238   1.00 15.40 ? 97  ALA A CA  1 
ATOM   736 C  C   . ALA A 1 95  ? -0.105  3.401   3.566   1.00 16.82 ? 97  ALA A C   1 
ATOM   737 O  O   . ALA A 1 95  ? -0.706  3.091   4.602   1.00 15.54 ? 97  ALA A O   1 
ATOM   738 C  CB  . ALA A 1 95  ? -0.423  2.476   1.246   1.00 15.02 ? 97  ALA A CB  1 
ATOM   739 N  N   . ALA A 1 96  ? 1.207   3.660   3.528   1.00 18.25 ? 98  ALA A N   1 
ATOM   740 C  CA  . ALA A 1 96  ? 2.084   3.578   4.705   1.00 19.48 ? 98  ALA A CA  1 
ATOM   741 C  C   . ALA A 1 96  ? 1.450   4.267   5.900   1.00 21.21 ? 98  ALA A C   1 
ATOM   742 O  O   . ALA A 1 96  ? 1.336   3.706   6.991   1.00 24.40 ? 98  ALA A O   1 
ATOM   743 C  CB  . ALA A 1 96  ? 3.431   4.226   4.403   1.00 17.90 ? 98  ALA A CB  1 
ATOM   744 N  N   . ILE A 1 97  ? 1.054   5.509   5.685   1.00 20.91 ? 99  ILE A N   1 
ATOM   745 C  CA  . ILE A 1 97  ? 0.415   6.295   6.711   1.00 20.13 ? 99  ILE A CA  1 
ATOM   746 C  C   . ILE A 1 97  ? -0.854  5.575   7.183   1.00 20.65 ? 99  ILE A C   1 
ATOM   747 O  O   . ILE A 1 97  ? -1.051  5.373   8.386   1.00 20.85 ? 99  ILE A O   1 
ATOM   748 C  CB  . ILE A 1 97  ? 0.123   7.693   6.137   1.00 19.61 ? 99  ILE A CB  1 
ATOM   749 C  CG1 . ILE A 1 97  ? 1.440   8.479   6.109   1.00 18.46 ? 99  ILE A CG1 1 
ATOM   750 C  CG2 . ILE A 1 97  ? -0.999  8.375   6.903   1.00 18.47 ? 99  ILE A CG2 1 
ATOM   751 C  CD1 . ILE A 1 97  ? 1.389   9.779   5.352   1.00 18.96 ? 99  ILE A CD1 1 
ATOM   752 N  N   . CYS A 1 98  ? -1.684  5.161   6.229   1.00 20.40 ? 100 CYS A N   1 
ATOM   753 C  CA  . CYS A 1 98  ? -2.931  4.460   6.520   1.00 20.52 ? 100 CYS A CA  1 
ATOM   754 C  C   . CYS A 1 98  ? -2.688  3.252   7.396   1.00 22.02 ? 100 CYS A C   1 
ATOM   755 O  O   . CYS A 1 98  ? -3.458  2.963   8.301   1.00 23.15 ? 100 CYS A O   1 
ATOM   756 C  CB  . CYS A 1 98  ? -3.574  3.986   5.230   1.00 20.82 ? 100 CYS A CB  1 
ATOM   757 S  SG  . CYS A 1 98  ? -5.317  3.469   5.351   1.00 22.69 ? 100 CYS A SG  1 
ATOM   758 N  N   . PHE A 1 99  ? -1.608  2.541   7.108   1.00 23.57 ? 101 PHE A N   1 
ATOM   759 C  CA  . PHE A 1 99  ? -1.249  1.349   7.861   1.00 24.55 ? 101 PHE A CA  1 
ATOM   760 C  C   . PHE A 1 99  ? -0.876  1.659   9.291   1.00 26.00 ? 101 PHE A C   1 
ATOM   761 O  O   . PHE A 1 99  ? -1.376  1.024   10.219  1.00 27.05 ? 101 PHE A O   1 
ATOM   762 C  CB  . PHE A 1 99  ? -0.076  0.639   7.187   1.00 23.19 ? 101 PHE A CB  1 
ATOM   763 C  CG  . PHE A 1 99  ? -0.451  -0.074  5.929   1.00 21.87 ? 101 PHE A CG  1 
ATOM   764 C  CD1 . PHE A 1 99  ? -1.593  0.292   5.223   1.00 21.48 ? 101 PHE A CD1 1 
ATOM   765 C  CD2 . PHE A 1 99  ? 0.349   -1.093  5.430   1.00 21.89 ? 101 PHE A CD2 1 
ATOM   766 C  CE1 . PHE A 1 99  ? -1.929  -0.340  4.042   1.00 20.16 ? 101 PHE A CE1 1 
ATOM   767 C  CE2 . PHE A 1 99  ? 0.021   -1.735  4.242   1.00 19.76 ? 101 PHE A CE2 1 
ATOM   768 C  CZ  . PHE A 1 99  ? -1.124  -1.353  3.549   1.00 20.78 ? 101 PHE A CZ  1 
ATOM   769 N  N   . ALA A 1 100 ? 0.012   2.631   9.461   1.00 26.61 ? 102 ALA A N   1 
ATOM   770 C  CA  . ALA A 1 100 ? 0.470   3.016   10.786  1.00 27.39 ? 102 ALA A CA  1 
ATOM   771 C  C   . ALA A 1 100 ? -0.703  3.441   11.655  1.00 28.04 ? 102 ALA A C   1 
ATOM   772 O  O   . ALA A 1 100 ? -0.697  3.224   12.865  1.00 29.98 ? 102 ALA A O   1 
ATOM   773 C  CB  . ALA A 1 100 ? 1.479   4.144   10.674  1.00 26.63 ? 102 ALA A CB  1 
ATOM   774 N  N   . LYS A 1 101 ? -1.717  4.031   11.033  1.00 27.22 ? 103 LYS A N   1 
ATOM   775 C  CA  . LYS A 1 101 ? -2.883  4.489   11.769  1.00 27.33 ? 103 LYS A CA  1 
ATOM   776 C  C   . LYS A 1 101 ? -3.849  3.390   12.195  1.00 27.12 ? 103 LYS A C   1 
ATOM   777 O  O   . LYS A 1 101 ? -4.425  3.443   13.278  1.00 26.24 ? 103 LYS A O   1 
ATOM   778 C  CB  . LYS A 1 101 ? -3.658  5.514   10.939  1.00 29.52 ? 103 LYS A CB  1 
ATOM   779 C  CG  . LYS A 1 101 ? -3.072  6.908   10.934  1.00 31.29 ? 103 LYS A CG  1 
ATOM   780 C  CD  . LYS A 1 101 ? -4.118  7.927   10.514  1.00 32.94 ? 103 LYS A CD  1 
ATOM   781 C  CE  . LYS A 1 101 ? -3.615  9.341   10.753  1.00 35.62 ? 103 LYS A CE  1 
ATOM   782 N  NZ  . LYS A 1 101 ? -4.626  10.389  10.421  1.00 37.93 ? 103 LYS A NZ  1 
ATOM   783 N  N   . ALA A 1 102 ? -4.035  2.396   11.337  1.00 27.70 ? 104 ALA A N   1 
ATOM   784 C  CA  . ALA A 1 102 ? -4.981  1.320   11.611  1.00 26.72 ? 104 ALA A CA  1 
ATOM   785 C  C   . ALA A 1 102 ? -4.502  0.308   12.630  1.00 28.26 ? 104 ALA A C   1 
ATOM   786 O  O   . ALA A 1 102 ? -3.302  0.096   12.795  1.00 26.61 ? 104 ALA A O   1 
ATOM   787 C  CB  . ALA A 1 102 ? -5.352  0.607   10.307  1.00 25.65 ? 104 ALA A CB  1 
ATOM   788 N  N   . PRO A 1 103 ? -5.450  -0.326  13.342  1.00 30.37 ? 105 PRO A N   1 
ATOM   789 C  CA  . PRO A 1 103 ? -5.157  -1.337  14.357  1.00 31.56 ? 105 PRO A CA  1 
ATOM   790 C  C   . PRO A 1 103 ? -4.797  -2.624  13.631  1.00 32.92 ? 105 PRO A C   1 
ATOM   791 O  O   . PRO A 1 103 ? -5.160  -2.807  12.465  1.00 32.47 ? 105 PRO A O   1 
ATOM   792 C  CB  . PRO A 1 103 ? -6.483  -1.481  15.110  1.00 31.67 ? 105 PRO A CB  1 
ATOM   793 C  CG  . PRO A 1 103 ? -7.213  -0.208  14.818  1.00 30.92 ? 105 PRO A CG  1 
ATOM   794 C  CD  . PRO A 1 103 ? -6.878  0.029   13.378  1.00 30.97 ? 105 PRO A CD  1 
ATOM   795 N  N   . TYR A 1 104 ? -4.102  -3.522  14.316  1.00 34.29 ? 106 TYR A N   1 
ATOM   796 C  CA  . TYR A 1 104 ? -3.723  -4.771  13.690  1.00 36.06 ? 106 TYR A CA  1 
ATOM   797 C  C   . TYR A 1 104 ? -4.357  -5.958  14.398  1.00 36.57 ? 106 TYR A C   1 
ATOM   798 O  O   . TYR A 1 104 ? -3.918  -6.379  15.475  1.00 36.76 ? 106 TYR A O   1 
ATOM   799 C  CB  . TYR A 1 104 ? -2.206  -4.909  13.659  1.00 37.32 ? 106 TYR A CB  1 
ATOM   800 C  CG  . TYR A 1 104 ? -1.750  -5.997  12.727  1.00 39.36 ? 106 TYR A CG  1 
ATOM   801 C  CD1 . TYR A 1 104 ? -1.904  -7.339  13.068  1.00 40.75 ? 106 TYR A CD1 1 
ATOM   802 C  CD2 . TYR A 1 104 ? -1.205  -5.689  11.486  1.00 39.12 ? 106 TYR A CD2 1 
ATOM   803 C  CE1 . TYR A 1 104 ? -1.531  -8.346  12.194  1.00 41.31 ? 106 TYR A CE1 1 
ATOM   804 C  CE2 . TYR A 1 104 ? -0.828  -6.684  10.606  1.00 39.97 ? 106 TYR A CE2 1 
ATOM   805 C  CZ  . TYR A 1 104 ? -0.995  -8.011  10.965  1.00 41.23 ? 106 TYR A CZ  1 
ATOM   806 O  OH  . TYR A 1 104 ? -0.644  -9.007  10.082  1.00 43.18 ? 106 TYR A OH  1 
ATOM   807 N  N   . ASN A 1 105 ? -5.399  -6.492  13.774  1.00 36.51 ? 107 ASN A N   1 
ATOM   808 C  CA  . ASN A 1 105 ? -6.122  -7.616  14.326  1.00 35.76 ? 107 ASN A CA  1 
ATOM   809 C  C   . ASN A 1 105 ? -5.449  -8.880  13.849  1.00 35.18 ? 107 ASN A C   1 
ATOM   810 O  O   . ASN A 1 105 ? -5.292  -9.110  12.650  1.00 34.69 ? 107 ASN A O   1 
ATOM   811 C  CB  . ASN A 1 105 ? -7.577  -7.529  13.895  1.00 35.79 ? 107 ASN A CB  1 
ATOM   812 C  CG  . ASN A 1 105 ? -8.163  -6.146  14.156  1.00 36.38 ? 107 ASN A CG  1 
ATOM   813 O  OD1 . ASN A 1 105 ? -8.041  -5.607  15.254  1.00 36.07 ? 107 ASN A OD1 1 
ATOM   814 N  ND2 . ASN A 1 105 ? -8.788  -5.564  13.146  1.00 37.85 ? 107 ASN A ND2 1 
ATOM   815 N  N   . THR A 1 106 ? -5.024  -9.687  14.810  1.00 34.87 ? 108 THR A N   1 
ATOM   816 C  CA  . THR A 1 106 ? -4.304  -10.912 14.513  1.00 35.04 ? 108 THR A CA  1 
ATOM   817 C  C   . THR A 1 106 ? -5.151  -12.067 13.995  1.00 33.94 ? 108 THR A C   1 
ATOM   818 O  O   . THR A 1 106 ? -4.619  -13.086 13.556  1.00 32.28 ? 108 THR A O   1 
ATOM   819 C  CB  . THR A 1 106 ? -3.516  -11.371 15.759  1.00 35.84 ? 108 THR A CB  1 
ATOM   820 O  OG1 . THR A 1 106 ? -2.180  -11.705 15.372  1.00 36.35 ? 108 THR A OG1 1 
ATOM   821 C  CG2 . THR A 1 106 ? -4.172  -12.586 16.410  1.00 36.32 ? 108 THR A CG2 1 
ATOM   822 N  N   . SER A 1 107 ? -6.467  -11.910 14.042  1.00 34.53 ? 109 SER A N   1 
ATOM   823 C  CA  . SER A 1 107 ? -7.356  -12.964 13.582  1.00 34.63 ? 109 SER A CA  1 
ATOM   824 C  C   . SER A 1 107 ? -7.660  -12.809 12.110  1.00 34.81 ? 109 SER A C   1 
ATOM   825 O  O   . SER A 1 107 ? -8.260  -13.692 11.505  1.00 34.53 ? 109 SER A O   1 
ATOM   826 C  CB  . SER A 1 107 ? -8.661  -12.948 14.377  1.00 35.82 ? 109 SER A CB  1 
ATOM   827 O  OG  . SER A 1 107 ? -9.317  -11.702 14.236  1.00 38.53 ? 109 SER A OG  1 
ATOM   828 N  N   . ASN A 1 108 ? -7.255  -11.682 11.537  1.00 35.22 ? 110 ASN A N   1 
ATOM   829 C  CA  . ASN A 1 108 ? -7.483  -11.432 10.120  1.00 36.53 ? 110 ASN A CA  1 
ATOM   830 C  C   . ASN A 1 108 ? -6.261  -11.796 9.302   1.00 38.73 ? 110 ASN A C   1 
ATOM   831 O  O   . ASN A 1 108 ? -6.290  -11.755 8.077   1.00 39.78 ? 110 ASN A O   1 
ATOM   832 C  CB  . ASN A 1 108 ? -7.799  -9.962  9.888   1.00 35.27 ? 110 ASN A CB  1 
ATOM   833 C  CG  . ASN A 1 108 ? -9.083  -9.549  10.521  1.00 33.24 ? 110 ASN A CG  1 
ATOM   834 O  OD1 . ASN A 1 108 ? -10.125 -10.115 10.234  1.00 33.56 ? 110 ASN A OD1 1 
ATOM   835 N  ND2 . ASN A 1 108 ? -9.023  -8.562  11.393  1.00 32.84 ? 110 ASN A ND2 1 
ATOM   836 N  N   . VAL A 1 109 ? -5.189  -12.156 9.992   1.00 41.37 ? 111 VAL A N   1 
ATOM   837 C  CA  . VAL A 1 109 ? -3.930  -12.491 9.351   1.00 43.61 ? 111 VAL A CA  1 
ATOM   838 C  C   . VAL A 1 109 ? -3.982  -13.377 8.117   1.00 45.88 ? 111 VAL A C   1 
ATOM   839 O  O   . VAL A 1 109 ? -3.189  -13.187 7.203   1.00 47.91 ? 111 VAL A O   1 
ATOM   840 C  CB  . VAL A 1 109 ? -2.957  -13.128 10.358  1.00 43.66 ? 111 VAL A CB  1 
ATOM   841 C  CG1 . VAL A 1 109 ? -1.685  -13.563 9.649   1.00 42.86 ? 111 VAL A CG1 1 
ATOM   842 C  CG2 . VAL A 1 109 ? -2.632  -12.128 11.464  1.00 43.68 ? 111 VAL A CG2 1 
ATOM   843 N  N   . MET A 1 110 ? -4.898  -14.335 8.061   1.00 48.18 ? 112 MET A N   1 
ATOM   844 C  CA  . MET A 1 110 ? -4.934  -15.213 6.896   1.00 52.03 ? 112 MET A CA  1 
ATOM   845 C  C   . MET A 1 110 ? -6.327  -15.753 6.573   1.00 52.14 ? 112 MET A C   1 
ATOM   846 O  O   . MET A 1 110 ? -6.502  -16.954 6.378   1.00 53.32 ? 112 MET A O   1 
ATOM   847 C  CB  . MET A 1 110 ? -3.956  -16.375 7.123   1.00 53.03 ? 112 MET A CB  1 
ATOM   848 C  CG  . MET A 1 110 ? -3.730  -17.293 5.934   1.00 56.51 ? 112 MET A CG  1 
ATOM   849 S  SD  . MET A 1 110 ? -2.070  -17.123 5.259   1.00 60.51 ? 112 MET A SD  1 
ATOM   850 C  CE  . MET A 1 110 ? -2.371  -17.391 3.478   1.00 57.63 ? 112 MET A CE  1 
ATOM   851 N  N   . ILE A 1 111 ? -7.314  -14.871 6.499   1.00 54.33 ? 113 ILE A N   1 
ATOM   852 C  CA  . ILE A 1 111 ? -8.682  -15.286 6.203   1.00 54.25 ? 113 ILE A CA  1 
ATOM   853 C  C   . ILE A 1 111 ? -8.935  -15.345 4.691   1.00 55.58 ? 113 ILE A C   1 
ATOM   854 O  O   . ILE A 1 111 ? -10.073 -15.470 4.237   1.00 53.70 ? 113 ILE A O   1 
ATOM   855 C  CB  . ILE A 1 111 ? -9.654  -14.308 6.845   1.00 53.29 ? 113 ILE A CB  1 
ATOM   856 C  CG1 . ILE A 1 111 ? -9.447  -12.917 6.241   1.00 48.01 ? 113 ILE A CG1 1 
ATOM   857 C  CG2 . ILE A 1 111 ? -9.429  -14.279 8.358   1.00 51.86 ? 113 ILE A CG2 1 
ATOM   858 C  CD1 . ILE A 1 111 ? -10.239 -11.850 6.906   1.00 46.02 ? 113 ILE A CD1 1 
ATOM   859 N  N   . ARG A 1 112 ? -7.850  -15.249 3.927   1.00 58.79 ? 114 ARG A N   1 
ATOM   860 C  CA  . ARG A 1 112 ? -7.882  -15.279 2.464   1.00 63.24 ? 114 ARG A CA  1 
ATOM   861 C  C   . ARG A 1 112 ? -8.392  -16.612 1.935   1.00 64.52 ? 114 ARG A C   1 
ATOM   862 O  O   . ARG A 1 112 ? -8.060  -17.669 2.475   1.00 66.31 ? 114 ARG A O   1 
ATOM   863 C  CB  . ARG A 1 112 ? -6.473  -15.039 1.914   1.00 63.56 ? 114 ARG A CB  1 
ATOM   864 C  CG  . ARG A 1 112 ? -6.180  -13.612 1.509   1.00 64.78 ? 114 ARG A CG  1 
ATOM   865 C  CD  . ARG A 1 112 ? -6.286  -13.463 0.001   1.00 66.63 ? 114 ARG A CD  1 
ATOM   866 N  NE  . ARG A 1 112 ? -5.769  -12.172 -0.441  1.00 66.96 ? 114 ARG A NE  1 
ATOM   867 C  CZ  . ARG A 1 112 ? -5.745  -11.758 -1.704  1.00 66.99 ? 114 ARG A CZ  1 
ATOM   868 N  NH1 . ARG A 1 112 ? -6.209  -12.531 -2.684  1.00 67.49 ? 114 ARG A NH1 1 
ATOM   869 N  NH2 . ARG A 1 112 ? -5.249  -10.561 -1.981  1.00 66.42 ? 114 ARG A NH2 1 
ATOM   870 N  N   . SER A 1 113 ? -9.193  -16.555 0.874   1.00 67.22 ? 115 SER A N   1 
ATOM   871 C  CA  . SER A 1 113 ? -9.745  -17.753 0.251   1.00 69.20 ? 115 SER A CA  1 
ATOM   872 C  C   . SER A 1 113 ? -10.537 -18.576 1.250   1.00 69.74 ? 115 SER A C   1 
ATOM   873 O  O   . SER A 1 113 ? -11.131 -19.622 0.902   1.00 71.58 ? 115 SER A O   1 
ATOM   874 C  CB  . SER A 1 113 ? -8.617  -18.614 -0.312  1.00 70.41 ? 115 SER A CB  1 
ATOM   875 O  OG  . SER A 1 113 ? -8.987  -19.246 -1.528  1.00 72.14 ? 115 SER A OG  1 
ATOM   876 N  N   . THR A 1 114 ? -10.540 -18.121 2.500   1.00 68.50 ? 116 THR A N   1 
ATOM   877 C  CA  . THR A 1 114 ? -11.252 -18.865 3.521   1.00 67.67 ? 116 THR A CA  1 
ATOM   878 C  C   . THR A 1 114 ? -12.770 -18.649 3.514   1.00 67.97 ? 116 THR A C   1 
ATOM   879 O  O   . THR A 1 114 ? -13.229 -19.279 4.469   1.00 69.07 ? 116 THR A O   1 
ATOM   880 C  CB  . THR A 1 114 ? -10.560 -18.675 4.935   1.00 67.17 ? 116 THR A CB  1 
ATOM   881 O  OG1 . THR A 1 114 ? -10.260 -19.966 5.501   1.00 66.35 ? 116 THR A OG1 1 
ATOM   882 C  CG2 . THR A 1 114 ? -11.391 -17.848 5.898   1.00 66.54 ? 116 THR A CG2 1 
ATOM   883 N  N   . ASN A 1 115 ? -13.327 -17.905 2.546   1.00 66.25 ? 117 ASN A N   1 
ATOM   884 C  CA  . ASN A 1 115 ? -14.788 -17.750 2.476   1.00 65.67 ? 117 ASN A CA  1 
ATOM   885 C  C   . ASN A 1 115 ? -15.431 -16.408 2.806   1.00 64.63 ? 117 ASN A C   1 
ATOM   886 O  O   . ASN A 1 115 ? -16.596 -16.180 2.463   1.00 65.19 ? 117 ASN A O   1 
ATOM   887 C  CB  . ASN A 1 115 ? -15.428 -18.883 3.266   1.00 66.34 ? 117 ASN A CB  1 
ATOM   888 C  CG  . ASN A 1 115 ? -16.896 -18.666 3.582   1.00 67.84 ? 117 ASN A CG  1 
ATOM   889 O  OD1 . ASN A 1 115 ? -17.256 -17.807 4.394   1.00 68.94 ? 117 ASN A OD1 1 
ATOM   890 N  ND2 . ASN A 1 115 ? -17.750 -19.462 2.959   1.00 67.54 ? 117 ASN A ND2 1 
ATOM   891 N  N   . SER A 1 116 ? -14.716 -15.498 3.454   1.00 63.28 ? 118 SER A N   1 
ATOM   892 C  CA  . SER A 1 116 ? -15.373 -14.229 3.739   1.00 61.49 ? 118 SER A CA  1 
ATOM   893 C  C   . SER A 1 116 ? -15.078 -13.274 2.586   1.00 60.82 ? 118 SER A C   1 
ATOM   894 O  O   . SER A 1 116 ? -15.769 -12.270 2.430   1.00 62.29 ? 118 SER A O   1 
ATOM   895 C  CB  . SER A 1 116 ? -14.901 -13.623 5.075   1.00 62.46 ? 118 SER A CB  1 
ATOM   896 O  OG  . SER A 1 116 ? -13.688 -12.927 4.929   1.00 62.43 ? 118 SER A OG  1 
ATOM   897 N  N   . CYS A 1 117 ? -14.053 -13.580 1.785   1.00 58.79 ? 119 CYS A N   1 
ATOM   898 C  CA  . CYS A 1 117 ? -13.652 -12.739 0.654   1.00 57.33 ? 119 CYS A CA  1 
ATOM   899 C  C   . CYS A 1 117 ? -14.178 -13.422 -0.599  1.00 58.26 ? 119 CYS A C   1 
ATOM   900 O  O   . CYS A 1 117 ? -13.399 -13.947 -1.399  1.00 58.66 ? 119 CYS A O   1 
ATOM   901 C  CB  . CYS A 1 117 ? -12.110 -12.633 0.555   1.00 52.58 ? 119 CYS A CB  1 
ATOM   902 S  SG  . CYS A 1 117 ? -11.143 -12.442 2.089   1.00 47.05 ? 119 CYS A SG  1 
ATOM   903 N  N   . GLN A 1 118 ? -15.498 -13.410 -0.758  1.00 59.89 ? 120 GLN A N   1 
ATOM   904 C  CA  . GLN A 1 118 ? -16.189 -14.038 -1.891  1.00 60.84 ? 120 GLN A CA  1 
ATOM   905 C  C   . GLN A 1 118 ? -15.885 -13.444 -3.268  1.00 61.64 ? 120 GLN A C   1 
ATOM   906 O  O   . GLN A 1 118 ? -16.693 -12.611 -3.722  1.00 63.26 ? 120 GLN A O   1 
ATOM   907 C  CB  . GLN A 1 118 ? -17.693 -13.982 -1.641  1.00 60.45 ? 120 GLN A CB  1 
ATOM   908 C  CG  . GLN A 1 118 ? -18.050 -14.455 -0.267  1.00 63.20 ? 120 GLN A CG  1 
ATOM   909 C  CD  . GLN A 1 118 ? -19.522 -14.382 0.005   1.00 65.62 ? 120 GLN A CD  1 
ATOM   910 O  OE1 . GLN A 1 118 ? -20.137 -13.320 -0.116  1.00 67.25 ? 120 GLN A OE1 1 
ATOM   911 N  NE2 . GLN A 1 118 ? -20.103 -15.509 0.393   1.00 67.41 ? 120 GLN A NE2 1 
ATOM   912 O  OXT . GLN A 1 118 ? -14.866 -13.825 -3.886  1.00 62.67 ? 120 GLN A OXT 1 
HETATM 913 NA NA  . NA  B 2 .   ? -4.730  -6.456  -3.307  1.00 33.05 ? 121 NA  A NA  1 
HETATM 914 O  O21 . TDA C 3 .   ? -0.814  -3.368  -0.392  1.00 61.23 ? 122 TDA A O21 1 
HETATM 915 O  O22 . TDA C 3 .   ? -1.093  -4.994  1.232   1.00 62.34 ? 122 TDA A O22 1 
HETATM 916 C  C21 . TDA C 3 .   ? -0.175  -4.032  0.703   1.00 56.31 ? 122 TDA A C21 1 
HETATM 917 C  C22 . TDA C 3 .   ? 1.147   -4.664  0.218   1.00 57.63 ? 122 TDA A C22 1 
HETATM 918 C  C23 . TDA C 3 .   ? 0.996   -5.757  -0.873  1.00 52.50 ? 122 TDA A C23 1 
HETATM 919 C  C24 . TDA C 3 .   ? 2.347   -6.380  -1.285  1.00 49.50 ? 122 TDA A C24 1 
HETATM 920 C  C25 . TDA C 3 .   ? 2.598   -7.734  -1.996  1.00 45.44 ? 122 TDA A C25 1 
HETATM 921 C  C26 . TDA C 3 .   ? 1.655   -8.791  -2.500  1.00 48.10 ? 122 TDA A C26 1 
HETATM 922 C  C27 . TDA C 3 .   ? 2.551   -9.918  -3.114  1.00 48.17 ? 122 TDA A C27 1 
HETATM 923 C  C28 . TDA C 3 .   ? 4.072   -10.302 -2.923  1.00 55.57 ? 122 TDA A C28 1 
HETATM 924 C  C29 . TDA C 3 .   ? 5.418   -9.542  -3.106  1.00 59.25 ? 122 TDA A C29 1 
HETATM 925 C  C30 . TDA C 3 .   ? 6.148   -9.512  -1.737  1.00 52.55 ? 122 TDA A C30 1 
HETATM 926 C  C31 . TDA C 3 .   ? 7.608   -9.032  -1.550  1.00 59.59 ? 122 TDA A C31 1 
HETATM 927 C  C32 . TDA C 3 .   ? 8.039   -8.888  -0.081  1.00 63.00 ? 122 TDA A C32 1 
HETATM 928 C  C33 . TDA C 3 .   ? 9.019   -9.928  0.445   1.00 63.82 ? 122 TDA A C33 1 
HETATM 929 O  O   . HOH D 4 .   ? 2.278   -2.528  -12.271 1.00 14.47 ? 123 HOH A O   1 
HETATM 930 O  O   . HOH D 4 .   ? 11.543  10.298  -10.725 1.00 30.45 ? 124 HOH A O   1 
HETATM 931 O  O   . HOH D 4 .   ? 0.543   -2.147  -15.790 1.00 29.91 ? 125 HOH A O   1 
HETATM 932 O  O   . HOH D 4 .   ? -2.955  -2.892  16.827  1.00 26.32 ? 126 HOH A O   1 
HETATM 933 O  O   . HOH D 4 .   ? -12.503 2.561   -8.810  1.00 24.60 ? 127 HOH A O   1 
HETATM 934 O  O   . HOH D 4 .   ? -7.831  1.962   -18.539 1.00 34.91 ? 128 HOH A O   1 
HETATM 935 O  O   . HOH D 4 .   ? -1.661  -3.245  -3.588  1.00 40.09 ? 129 HOH A O   1 
HETATM 936 O  O   . HOH D 4 .   ? -7.551  -3.092  11.140  1.00 15.23 ? 130 HOH A O   1 
HETATM 937 O  O   . HOH D 4 .   ? 9.704   7.012   15.157  1.00 28.43 ? 131 HOH A O   1 
HETATM 938 O  O   . HOH D 4 .   ? -17.234 -7.396  -2.766  1.00 53.14 ? 132 HOH A O   1 
HETATM 939 O  O   . HOH D 4 .   ? 15.710  -1.231  2.722   1.00 81.36 ? 133 HOH A O   1 
HETATM 940 O  O   . HOH D 4 .   ? -20.427 -14.715 -3.092  1.00 38.10 ? 134 HOH A O   1 
HETATM 941 O  O   . HOH D 4 .   ? 3.786   8.152   10.607  1.00 45.59 ? 135 HOH A O   1 
HETATM 942 O  O   . HOH D 4 .   ? -14.077 -2.664  -6.870  1.00 34.05 ? 136 HOH A O   1 
HETATM 943 O  O   . HOH D 4 .   ? 12.994  -3.286  9.908   1.00 25.16 ? 137 HOH A O   1 
HETATM 944 O  O   . HOH D 4 .   ? 1.214   12.621  8.703   1.00 37.45 ? 138 HOH A O   1 
HETATM 945 O  O   . HOH D 4 .   ? -4.708  -3.396  -8.631  1.00 29.57 ? 139 HOH A O   1 
HETATM 946 O  O   . HOH D 4 .   ? -3.112  4.577   -1.434  1.00 56.12 ? 140 HOH A O   1 
HETATM 947 O  O   . HOH D 4 .   ? 1.371   -5.012  15.692  1.00 35.51 ? 141 HOH A O   1 
HETATM 948 O  O   . HOH D 4 .   ? 11.167  4.074   -13.297 1.00 19.41 ? 142 HOH A O   1 
HETATM 949 O  O   . HOH D 4 .   ? 15.719  9.073   8.674   1.00 47.95 ? 143 HOH A O   1 
HETATM 950 O  O   . HOH D 4 .   ? 13.935  3.174   -0.967  1.00 24.54 ? 144 HOH A O   1 
HETATM 951 O  O   . HOH D 4 .   ? 11.676  -5.237  11.806  1.00 43.68 ? 145 HOH A O   1 
HETATM 952 O  O   . HOH D 4 .   ? -5.863  -3.774  18.505  1.00 32.96 ? 146 HOH A O   1 
HETATM 953 O  O   . HOH D 4 .   ? 15.113  5.306   -2.910  1.00 40.15 ? 147 HOH A O   1 
HETATM 954 O  O   . HOH D 4 .   ? 3.136   1.676   7.982   1.00 19.83 ? 148 HOH A O   1 
HETATM 955 O  O   . HOH D 4 .   ? 3.816   11.313  9.680   1.00 25.51 ? 149 HOH A O   1 
HETATM 956 O  O   . HOH D 4 .   ? 6.674   17.108  -1.439  1.00 38.44 ? 150 HOH A O   1 
HETATM 957 O  O   . HOH D 4 .   ? -10.484 0.060   13.388  1.00 56.92 ? 151 HOH A O   1 
HETATM 958 O  O   . HOH D 4 .   ? -4.587  -5.930  -14.448 1.00 53.59 ? 152 HOH A O   1 
HETATM 959 O  O   . HOH D 4 .   ? 11.654  0.233   10.876  1.00 76.71 ? 153 HOH A O   1 
HETATM 960 O  O   . HOH D 4 .   ? 2.517   -5.813  18.768  1.00 32.08 ? 154 HOH A O   1 
HETATM 961 O  O   . HOH D 4 .   ? 4.583   14.317  0.112   1.00 43.23 ? 155 HOH A O   1 
HETATM 962 O  O   . HOH D 4 .   ? -3.054  10.378  -2.040  1.00 37.62 ? 156 HOH A O   1 
HETATM 963 O  O   . HOH D 4 .   ? 15.087  -3.117  5.446   1.00 23.49 ? 157 HOH A O   1 
HETATM 964 O  O   . HOH D 4 .   ? -5.732  -8.452  17.493  1.00 25.85 ? 158 HOH A O   1 
HETATM 965 O  O   . HOH D 4 .   ? -3.626  -6.061  -6.476  1.00 42.47 ? 159 HOH A O   1 
HETATM 966 O  O   . HOH D 4 .   ? 16.315  5.692   9.282   1.00 43.10 ? 160 HOH A O   1 
HETATM 967 O  O   . HOH D 4 .   ? 9.313   13.971  -11.213 1.00 38.95 ? 161 HOH A O   1 
HETATM 968 O  O   . HOH D 4 .   ? 13.848  -6.964  10.553  1.00 77.42 ? 162 HOH A O   1 
HETATM 969 O  O   . HOH D 4 .   ? -19.072 0.984   7.211   1.00 34.29 ? 163 HOH A O   1 
HETATM 970 O  O   . HOH D 4 .   ? -5.802  -5.359  -10.712 1.00 50.87 ? 164 HOH A O   1 
HETATM 971 O  O   . HOH D 4 .   ? 4.350   12.359  6.272   1.00 57.26 ? 165 HOH A O   1 
HETATM 972 O  O   . HOH D 4 .   ? 14.982  -4.917  8.517   1.00 52.38 ? 166 HOH A O   1 
HETATM 973 O  O   . HOH D 4 .   ? -4.419  7.186   -1.984  1.00 46.71 ? 167 HOH A O   1 
HETATM 974 O  O   . HOH D 4 .   ? -8.201  -6.753  -6.792  1.00 70.51 ? 168 HOH A O   1 
HETATM 975 O  O   . HOH D 4 .   ? 4.785   17.708  -14.227 1.00 49.03 ? 169 HOH A O   1 
HETATM 976 O  O   . HOH D 4 .   ? 13.941  12.185  -11.611 1.00 53.66 ? 170 HOH A O   1 
HETATM 977 O  O   . HOH D 4 .   ? 6.553   20.413  -1.082  1.00 46.41 ? 171 HOH A O   1 
HETATM 978 O  O   . HOH D 4 .   ? 13.503  -2.768  13.074  1.00 47.25 ? 172 HOH A O   1 
HETATM 979 O  O   . HOH D 4 .   ? 15.719  9.867   -3.475  1.00 54.55 ? 173 HOH A O   1 
HETATM 980 O  O   . HOH D 4 .   ? -10.916 -5.104  -7.292  1.00 37.99 ? 174 HOH A O   1 
HETATM 981 O  O   . HOH D 4 .   ? 13.506  10.043  -13.871 1.00 55.58 ? 175 HOH A O   1 
HETATM 982 O  O   . HOH D 4 .   ? 2.067   -0.811  18.744  1.00 30.63 ? 176 HOH A O   1 
HETATM 983 O  O   . HOH D 4 .   ? -11.738 0.989   -12.834 1.00 88.86 ? 177 HOH A O   1 
HETATM 984 O  O   . HOH D 4 .   ? -5.284  3.461   15.948  1.00 68.72 ? 178 HOH A O   1 
HETATM 985 O  O   . HOH D 4 .   ? -15.016 -2.566  5.435   1.00 61.45 ? 179 HOH A O   1 
HETATM 986 O  O   . HOH D 4 .   ? -11.317 -16.149 -2.763  1.00 37.37 ? 180 HOH A O   1 
HETATM 987 O  O   . HOH D 4 .   ? -0.722  -5.401  -14.263 1.00 42.64 ? 181 HOH A O   1 
HETATM 988 O  O   . HOH D 4 .   ? -7.966  -12.766 -5.420  1.00 64.69 ? 182 HOH A O   1 
# 
